data_4E36
#
_entry.id   4E36
#
_cell.length_a   74.340
_cell.length_b   134.450
_cell.length_c   127.370
_cell.angle_alpha   90.00
_cell.angle_beta   90.85
_cell.angle_gamma   90.00
#
_symmetry.space_group_name_H-M   'P 1 21 1'
#
loop_
_entity.id
_entity.type
_entity.pdbx_description
1 polymer 'Endoplasmic reticulum aminopeptidase 2'
2 branched 2-acetamido-2-deoxy-beta-D-glucopyranose-(1-4)-2-acetamido-2-deoxy-beta-D-glucopyranose
3 branched alpha-D-mannopyranose-(1-4)-alpha-D-mannopyranose-(1-4)-2-acetamido-2-deoxy-beta-D-glucopyranose-(1-4)-2-acetamido-2-deoxy-beta-D-glucopyranose
4 non-polymer LYSINE
5 non-polymer 2-acetamido-2-deoxy-beta-D-glucopyranose
6 non-polymer '2-(N-MORPHOLINO)-ETHANESULFONIC ACID'
7 non-polymer 'ZINC ION'
8 water water
#
_entity_poly.entity_id   1
_entity_poly.type   'polypeptide(L)'
_entity_poly.pdbx_seq_one_letter_code
;MVHSSAMVNSHRKPMFNIHRGFYCLTAILPQICICSQFSVPSSYHFTEDPGAFPVATNGERFPWQELRLPSVVIPLHYDL
FVHPNLTSLDFVASEKIEVLVSNATQFIILHSKDLEITNATLQSEEDSRYMKPGKELKVLSYPAHEQIALLVPEKLTPHL
KYYVAMDFQAKLGDGFEGFYKSTYRTLGGETRILAVTDFEPTQARMAFPCFDEPLFKANFSIKIRRESRHIALSNMPKVK
TIELEGGLLEDHFETTVKMSTYLVAYIVCDFHSLSGFTSSGVKVSIYASPDKRNQTHYALQASLKLLDFYEKYFDIYYPL
SKLDLIAIPDFAPGAMENWGLITYRETSLLFDPKTSSASDKLWVTRVIAHELAHQWFGNLVTMEWWNDIWLKEGFAKYME
LIAVNATYPELQFDDYFLNVCFEVITKDSLNSSRPISKPAETPTQIQEMFDEVSYNKGACILNMLKDFLGEEKFQKGIIQ
YLKKFSYRNAKNDDLWSSLSNSCLESDFTSGGVCHSDPKMTSNMLAFLGENAEVKEMMTTWTLQKGIPLLVVKQDGCSLR
LQQERFLQGVFQEDPEWRALQERYLWHIPLTYSTSSSNVIHRHILKSKTDTLDLPEKTSWVKFNVDSNGYYIVHYEGHGW
DQLITQLNQNHTLLRPKDRVGLIHDVFQLVGAGRLTLDKALDMTYYLQHETSSPALLEGLSYLESFYHMMDRRNISDISE
NLKRYLLQYFKPVIDRQSWSDKGSVWDRMLRSALLKLACDLNHAPCIQKAAELFSQWMESSGKLNIPTDVLKIVYSVGAQ
TTAGWNYLLEQYELSMSSAEQNKILYALSTSKHQEKLLKLIELGMEGKVIKTQNLAALLHAIARRPKGQQLAWDFVRENW
THLLKKFDLGSYDIRMIISGTTAHFSSKDKLQEVKLFFESLEAQGSHLDIFQTVLETITKNIKWLEKNLPTLRTWLMVNT
RHHHHHH
;
_entity_poly.pdbx_strand_id   A,B
#
loop_
_chem_comp.id
_chem_comp.type
_chem_comp.name
_chem_comp.formula
MAN D-saccharide, alpha linking alpha-D-mannopyranose 'C6 H12 O6'
MES non-polymer '2-(N-MORPHOLINO)-ETHANESULFONIC ACID' 'C6 H13 N O4 S'
NAG D-saccharide, beta linking 2-acetamido-2-deoxy-beta-D-glucopyranose 'C8 H15 N O6'
ZN non-polymer 'ZINC ION' 'Zn 2'
#
# COMPACT_ATOMS: atom_id res chain seq x y z
N PRO A 54 -35.50 -6.85 -32.22
CA PRO A 54 -34.30 -7.68 -31.97
C PRO A 54 -33.93 -7.71 -30.49
N VAL A 55 -33.11 -8.69 -30.10
CA VAL A 55 -32.80 -8.85 -28.69
C VAL A 55 -31.82 -9.97 -28.33
N ALA A 56 -31.90 -10.33 -27.05
CA ALA A 56 -30.93 -11.15 -26.36
C ALA A 56 -31.64 -11.33 -25.01
N THR A 57 -30.97 -11.78 -23.95
CA THR A 57 -29.58 -12.19 -23.95
C THR A 57 -29.48 -13.57 -24.53
N ASN A 58 -29.94 -14.55 -23.75
CA ASN A 58 -30.09 -15.93 -24.22
C ASN A 58 -31.47 -16.10 -24.87
N GLY A 59 -31.48 -16.11 -26.20
CA GLY A 59 -32.70 -16.16 -26.97
C GLY A 59 -33.76 -15.18 -26.50
N GLU A 60 -34.96 -15.32 -27.06
CA GLU A 60 -36.15 -14.58 -26.64
C GLU A 60 -36.08 -13.09 -27.00
N ARG A 61 -37.24 -12.46 -27.19
CA ARG A 61 -37.24 -11.11 -27.78
C ARG A 61 -37.64 -9.95 -26.84
N PHE A 62 -37.27 -8.74 -27.24
CA PHE A 62 -37.47 -7.57 -26.39
C PHE A 62 -38.61 -6.68 -26.84
N PRO A 63 -39.62 -6.52 -25.96
CA PRO A 63 -40.89 -5.82 -26.11
C PRO A 63 -40.75 -4.32 -26.42
N TRP A 64 -39.54 -3.79 -26.24
CA TRP A 64 -39.29 -2.36 -26.34
C TRP A 64 -37.94 -2.12 -26.98
N GLN A 65 -37.91 -1.34 -28.06
CA GLN A 65 -36.71 -1.23 -28.87
C GLN A 65 -36.12 0.19 -28.94
N GLU A 66 -36.60 1.10 -28.10
CA GLU A 66 -36.03 2.44 -27.98
C GLU A 66 -35.28 2.56 -26.67
N LEU A 67 -34.22 3.36 -26.65
CA LEU A 67 -33.37 3.45 -25.45
C LEU A 67 -34.01 4.24 -24.32
N ARG A 68 -34.99 5.08 -24.65
CA ARG A 68 -35.80 5.74 -23.64
C ARG A 68 -36.79 4.73 -23.08
N LEU A 69 -37.38 5.01 -21.92
CA LEU A 69 -38.33 4.09 -21.31
C LEU A 69 -39.76 4.45 -21.70
N PRO A 70 -40.67 3.45 -21.68
CA PRO A 70 -42.10 3.69 -21.95
C PRO A 70 -42.74 4.50 -20.83
N SER A 71 -43.56 5.48 -21.19
CA SER A 71 -44.24 6.32 -20.20
C SER A 71 -45.32 5.56 -19.43
N VAL A 72 -45.74 4.43 -20.00
CA VAL A 72 -46.82 3.59 -19.47
C VAL A 72 -46.72 3.32 -17.97
N VAL A 73 -45.74 2.53 -17.60
CA VAL A 73 -45.54 2.13 -16.20
C VAL A 73 -44.89 3.24 -15.38
N ILE A 74 -45.68 3.94 -14.58
CA ILE A 74 -45.17 5.08 -13.82
C ILE A 74 -44.86 4.73 -12.36
N PRO A 75 -43.63 5.01 -11.91
CA PRO A 75 -43.12 4.62 -10.59
C PRO A 75 -43.53 5.64 -9.55
N LEU A 76 -44.02 5.18 -8.41
CA LEU A 76 -44.50 6.10 -7.38
C LEU A 76 -43.65 6.09 -6.13
N HIS A 77 -43.04 4.94 -5.84
CA HIS A 77 -42.34 4.77 -4.57
C HIS A 77 -41.46 3.52 -4.58
N TYR A 78 -40.22 3.67 -4.10
CA TYR A 78 -39.33 2.53 -3.97
C TYR A 78 -39.13 2.16 -2.51
N ASP A 79 -39.19 0.87 -2.20
CA ASP A 79 -38.73 0.36 -0.92
C ASP A 79 -37.40 -0.28 -1.23
N LEU A 80 -36.34 0.18 -0.59
CA LEU A 80 -35.01 -0.22 -1.02
C LEU A 80 -34.17 -0.72 0.16
N PHE A 81 -33.83 -2.00 0.12
CA PHE A 81 -33.04 -2.61 1.17
C PHE A 81 -31.71 -3.06 0.59
N VAL A 82 -30.62 -2.71 1.26
CA VAL A 82 -29.31 -3.10 0.79
C VAL A 82 -28.47 -3.69 1.90
N HIS A 83 -27.86 -4.83 1.62
CA HIS A 83 -26.99 -5.51 2.55
C HIS A 83 -25.59 -5.59 1.96
N PRO A 84 -24.79 -4.55 2.19
CA PRO A 84 -23.42 -4.54 1.66
C PRO A 84 -22.51 -5.27 2.61
N ASN A 85 -21.47 -5.89 2.09
CA ASN A 85 -20.45 -6.48 2.95
C ASN A 85 -19.06 -5.94 2.61
N LEU A 86 -18.40 -5.37 3.60
CA LEU A 86 -17.13 -4.67 3.34
C LEU A 86 -15.91 -5.55 3.58
N THR A 87 -16.17 -6.85 3.71
CA THR A 87 -15.10 -7.84 3.78
C THR A 87 -15.27 -8.70 2.55
N SER A 88 -16.51 -9.14 2.36
CA SER A 88 -16.92 -9.87 1.16
C SER A 88 -16.80 -8.97 -0.06
N LEU A 89 -16.88 -7.67 0.18
CA LEU A 89 -16.81 -6.67 -0.88
C LEU A 89 -17.87 -6.85 -1.94
N ASP A 90 -19.11 -7.03 -1.50
CA ASP A 90 -20.26 -7.06 -2.39
C ASP A 90 -21.49 -6.81 -1.55
N PHE A 91 -22.65 -6.84 -2.19
CA PHE A 91 -23.90 -6.55 -1.51
C PHE A 91 -25.03 -7.39 -2.06
N VAL A 92 -26.03 -7.65 -1.23
CA VAL A 92 -27.27 -8.26 -1.69
C VAL A 92 -28.41 -7.29 -1.41
N ALA A 93 -29.41 -7.27 -2.28
CA ALA A 93 -30.43 -6.25 -2.15
C ALA A 93 -31.81 -6.71 -2.59
N SER A 94 -32.82 -5.98 -2.12
CA SER A 94 -34.22 -6.26 -2.41
C SER A 94 -34.97 -4.96 -2.48
N GLU A 95 -35.78 -4.77 -3.53
CA GLU A 95 -36.55 -3.54 -3.71
C GLU A 95 -38.02 -3.85 -3.94
N LYS A 96 -38.87 -2.85 -3.78
CA LYS A 96 -40.32 -2.98 -4.01
C LYS A 96 -40.95 -1.68 -4.56
N ILE A 97 -41.06 -1.61 -5.88
CA ILE A 97 -41.51 -0.41 -6.56
C ILE A 97 -43.03 -0.38 -6.75
N GLU A 98 -43.70 0.57 -6.12
CA GLU A 98 -45.12 0.81 -6.38
C GLU A 98 -45.33 1.50 -7.73
N VAL A 99 -45.81 0.75 -8.71
CA VAL A 99 -46.02 1.26 -10.07
C VAL A 99 -47.34 2.02 -10.17
N LEU A 100 -47.77 2.29 -11.41
CA LEU A 100 -49.05 2.93 -11.68
C LEU A 100 -49.28 3.02 -13.18
N VAL A 101 -49.85 1.98 -13.76
CA VAL A 101 -50.09 1.92 -15.20
C VAL A 101 -51.01 3.04 -15.70
N SER A 102 -50.78 3.50 -16.92
CA SER A 102 -51.64 4.50 -17.54
C SER A 102 -52.42 3.84 -18.68
N ASN A 103 -51.70 3.10 -19.50
CA ASN A 103 -52.30 2.28 -20.56
C ASN A 103 -51.97 0.82 -20.30
N ALA A 104 -52.97 -0.04 -20.37
CA ALA A 104 -52.74 -1.47 -20.16
C ALA A 104 -51.51 -1.96 -20.94
N THR A 105 -50.89 -3.04 -20.46
CA THR A 105 -49.71 -3.58 -21.10
C THR A 105 -49.31 -4.95 -20.57
N GLN A 106 -48.59 -5.72 -21.37
CA GLN A 106 -48.26 -7.09 -21.01
C GLN A 106 -46.87 -7.23 -20.40
N PHE A 107 -46.04 -6.21 -20.61
CA PHE A 107 -44.64 -6.24 -20.16
C PHE A 107 -44.25 -4.93 -19.47
N ILE A 108 -43.39 -5.03 -18.47
CA ILE A 108 -42.85 -3.85 -17.79
C ILE A 108 -41.40 -3.62 -18.16
N ILE A 109 -41.03 -2.35 -18.34
CA ILE A 109 -39.67 -2.01 -18.75
C ILE A 109 -38.99 -1.02 -17.79
N LEU A 110 -37.82 -1.41 -17.29
CA LEU A 110 -36.95 -0.52 -16.52
C LEU A 110 -35.48 -0.81 -16.79
N HIS A 111 -34.61 -0.09 -16.09
CA HIS A 111 -33.18 -0.21 -16.32
C HIS A 111 -32.52 -1.19 -15.35
N SER A 112 -31.41 -1.77 -15.78
CA SER A 112 -30.53 -2.54 -14.90
C SER A 112 -29.17 -2.79 -15.55
N LYS A 113 -28.15 -2.97 -14.73
CA LYS A 113 -26.79 -3.06 -15.25
C LYS A 113 -25.89 -3.83 -14.31
N ASP A 114 -25.33 -4.92 -14.81
CA ASP A 114 -24.44 -5.73 -13.99
C ASP A 114 -25.08 -5.90 -12.65
N LEU A 115 -26.36 -6.26 -12.68
CA LEU A 115 -27.10 -6.66 -11.50
C LEU A 115 -27.69 -8.04 -11.76
N GLU A 116 -27.36 -9.00 -10.91
CA GLU A 116 -27.92 -10.35 -11.00
C GLU A 116 -29.25 -10.43 -10.25
N ILE A 117 -30.35 -10.57 -10.99
CA ILE A 117 -31.68 -10.57 -10.41
C ILE A 117 -32.21 -11.98 -10.07
N THR A 118 -32.39 -12.25 -8.78
CA THR A 118 -32.74 -13.60 -8.33
C THR A 118 -34.10 -13.67 -7.61
N ASN A 119 -35.14 -13.25 -8.31
CA ASN A 119 -36.52 -13.25 -7.80
C ASN A 119 -37.28 -12.03 -8.31
N ALA A 120 -38.30 -12.25 -9.12
CA ALA A 120 -39.08 -11.14 -9.64
C ALA A 120 -40.56 -11.43 -9.52
N THR A 121 -41.25 -10.61 -8.76
CA THR A 121 -42.68 -10.77 -8.53
C THR A 121 -43.41 -9.45 -8.76
N LEU A 122 -44.72 -9.56 -8.96
CA LEU A 122 -45.56 -8.38 -9.05
C LEU A 122 -46.79 -8.63 -8.20
N GLN A 123 -46.87 -7.99 -7.05
CA GLN A 123 -48.04 -8.16 -6.20
C GLN A 123 -49.13 -7.13 -6.51
N SER A 124 -50.34 -7.42 -6.04
CA SER A 124 -51.53 -6.69 -6.47
C SER A 124 -52.21 -5.95 -5.32
N GLU A 125 -52.84 -4.83 -5.64
CA GLU A 125 -53.57 -4.10 -4.62
C GLU A 125 -55.01 -3.88 -5.07
N GLU A 126 -55.20 -3.91 -6.39
CA GLU A 126 -56.48 -3.60 -7.00
C GLU A 126 -56.88 -2.16 -6.67
N TYR A 130 -56.04 -6.89 -7.73
CA TYR A 130 -56.17 -8.02 -8.64
C TYR A 130 -55.88 -9.38 -7.99
N MET A 131 -54.59 -9.70 -7.83
CA MET A 131 -54.16 -10.95 -7.20
C MET A 131 -53.56 -10.78 -5.77
N LYS A 132 -53.85 -11.74 -4.87
CA LYS A 132 -53.23 -11.77 -3.54
C LYS A 132 -51.75 -11.99 -3.74
N PRO A 133 -50.95 -11.67 -2.71
CA PRO A 133 -49.51 -11.96 -2.73
C PRO A 133 -49.29 -13.37 -3.26
N GLY A 134 -48.80 -13.58 -4.49
CA GLY A 134 -48.04 -12.65 -5.31
C GLY A 134 -47.53 -13.45 -6.50
N LYS A 135 -47.74 -12.94 -7.71
CA LYS A 135 -47.31 -13.66 -8.93
C LYS A 135 -45.86 -13.38 -9.37
N GLU A 136 -45.20 -14.38 -9.94
CA GLU A 136 -43.81 -14.25 -10.38
C GLU A 136 -43.72 -13.77 -11.83
N LEU A 137 -42.66 -13.00 -12.14
CA LEU A 137 -42.48 -12.39 -13.48
C LEU A 137 -41.31 -13.01 -14.25
N LYS A 138 -41.31 -12.84 -15.56
CA LYS A 138 -40.18 -13.30 -16.38
C LYS A 138 -39.28 -12.14 -16.73
N VAL A 139 -38.01 -12.26 -16.33
CA VAL A 139 -37.05 -11.19 -16.48
C VAL A 139 -36.29 -11.29 -17.80
N LEU A 140 -36.49 -10.31 -18.68
CA LEU A 140 -35.76 -10.23 -19.93
C LEU A 140 -34.68 -9.15 -19.84
N SER A 141 -33.43 -9.54 -20.08
CA SER A 141 -32.29 -8.63 -19.95
C SER A 141 -31.68 -8.19 -21.29
N TYR A 142 -31.86 -6.92 -21.63
CA TYR A 142 -31.19 -6.34 -22.80
C TYR A 142 -30.09 -5.35 -22.41
N PRO A 143 -28.82 -5.81 -22.44
CA PRO A 143 -27.67 -5.01 -22.01
C PRO A 143 -27.37 -3.78 -22.87
N ALA A 144 -27.37 -3.94 -24.18
CA ALA A 144 -26.95 -2.84 -25.05
C ALA A 144 -27.84 -1.60 -24.90
N HIS A 145 -28.94 -1.74 -24.17
CA HIS A 145 -29.73 -0.56 -23.82
C HIS A 145 -29.88 -0.47 -22.29
N GLU A 146 -29.05 -1.25 -21.59
CA GLU A 146 -29.08 -1.39 -20.14
C GLU A 146 -30.51 -1.47 -19.61
N GLN A 147 -31.32 -2.31 -20.24
CA GLN A 147 -32.72 -2.46 -19.87
C GLN A 147 -33.03 -3.89 -19.51
N ILE A 148 -34.08 -4.06 -18.71
CA ILE A 148 -34.68 -5.36 -18.51
C ILE A 148 -36.18 -5.22 -18.66
N ALA A 149 -36.79 -6.22 -19.28
CA ALA A 149 -38.22 -6.26 -19.47
C ALA A 149 -38.79 -7.32 -18.55
N LEU A 150 -39.89 -6.98 -17.89
CA LEU A 150 -40.62 -7.92 -17.07
C LEU A 150 -41.76 -8.49 -17.90
N LEU A 151 -42.04 -9.78 -17.70
CA LEU A 151 -43.08 -10.44 -18.46
C LEU A 151 -44.21 -10.91 -17.55
N VAL A 152 -45.41 -10.41 -17.83
CA VAL A 152 -46.60 -10.80 -17.06
C VAL A 152 -47.36 -11.89 -17.81
N PRO A 153 -48.00 -12.80 -17.06
CA PRO A 153 -48.86 -13.82 -17.66
C PRO A 153 -50.26 -13.26 -17.86
N GLU A 154 -50.45 -11.98 -17.51
CA GLU A 154 -51.73 -11.31 -17.67
C GLU A 154 -51.59 -9.80 -17.81
N LYS A 155 -51.91 -9.30 -19.00
CA LYS A 155 -51.93 -7.85 -19.27
C LYS A 155 -52.48 -7.08 -18.08
N LEU A 156 -51.90 -5.91 -17.82
CA LEU A 156 -52.33 -5.06 -16.71
C LEU A 156 -53.46 -4.14 -17.13
N THR A 157 -53.95 -3.36 -16.18
CA THR A 157 -55.11 -2.53 -16.43
C THR A 157 -54.83 -1.10 -16.01
N PRO A 158 -55.11 -0.15 -16.90
CA PRO A 158 -54.95 1.27 -16.64
C PRO A 158 -55.45 1.68 -15.25
N HIS A 159 -54.82 2.70 -14.67
CA HIS A 159 -55.31 3.35 -13.45
C HIS A 159 -55.24 2.51 -12.17
N LEU A 160 -54.39 1.49 -12.19
CA LEU A 160 -54.25 0.57 -11.06
C LEU A 160 -52.82 0.51 -10.50
N LYS A 161 -52.70 0.47 -9.17
CA LYS A 161 -51.40 0.53 -8.50
C LYS A 161 -50.82 -0.83 -8.11
N TYR A 162 -49.73 -1.23 -8.76
CA TYR A 162 -49.10 -2.53 -8.51
C TYR A 162 -47.81 -2.44 -7.69
N TYR A 163 -47.23 -3.60 -7.35
CA TYR A 163 -45.96 -3.64 -6.62
C TYR A 163 -44.92 -4.59 -7.23
N VAL A 164 -44.04 -4.04 -8.08
CA VAL A 164 -42.95 -4.83 -8.64
C VAL A 164 -41.82 -4.98 -7.62
N ALA A 165 -41.38 -6.22 -7.42
CA ALA A 165 -40.45 -6.51 -6.34
C ALA A 165 -39.43 -7.55 -6.76
N MET A 166 -38.15 -7.23 -6.64
CA MET A 166 -37.10 -8.18 -7.01
C MET A 166 -36.00 -8.28 -5.99
N ASP A 167 -35.25 -9.38 -6.06
CA ASP A 167 -34.06 -9.55 -5.26
C ASP A 167 -32.90 -9.59 -6.22
N PHE A 168 -31.87 -8.83 -5.91
CA PHE A 168 -30.72 -8.73 -6.78
C PHE A 168 -29.46 -8.71 -5.93
N GLN A 169 -28.32 -8.78 -6.59
CA GLN A 169 -27.04 -8.86 -5.90
C GLN A 169 -25.93 -8.59 -6.89
N ALA A 170 -24.85 -7.97 -6.40
CA ALA A 170 -23.69 -7.69 -7.22
C ALA A 170 -22.46 -7.57 -6.34
N LYS A 171 -21.29 -7.40 -6.95
CA LYS A 171 -20.10 -7.09 -6.20
C LYS A 171 -20.01 -5.58 -6.06
N LEU A 172 -19.36 -5.11 -4.99
CA LEU A 172 -19.14 -3.69 -4.85
C LEU A 172 -18.30 -3.25 -6.04
N GLY A 173 -18.63 -2.08 -6.58
CA GLY A 173 -18.02 -1.58 -7.80
C GLY A 173 -16.51 -1.42 -7.80
N ASP A 174 -15.93 -1.46 -8.97
CA ASP A 174 -14.50 -1.20 -9.13
C ASP A 174 -14.21 0.29 -9.23
N GLY A 175 -15.02 0.98 -10.04
CA GLY A 175 -14.70 2.33 -10.48
C GLY A 175 -15.09 3.44 -9.54
N PHE A 176 -15.59 4.52 -10.10
CA PHE A 176 -16.06 5.63 -9.30
C PHE A 176 -17.56 5.78 -9.58
N GLU A 177 -18.23 4.67 -9.81
CA GLU A 177 -19.62 4.70 -10.26
C GLU A 177 -20.48 3.68 -9.56
N GLY A 178 -21.79 3.96 -9.50
CA GLY A 178 -22.74 3.08 -8.86
C GLY A 178 -22.42 2.90 -7.40
N PHE A 179 -22.68 1.70 -6.87
CA PHE A 179 -22.37 1.43 -5.48
C PHE A 179 -20.98 0.82 -5.37
N TYR A 180 -20.00 1.66 -5.06
CA TYR A 180 -18.61 1.25 -5.17
C TYR A 180 -17.75 1.30 -3.90
N LYS A 181 -16.60 0.64 -3.99
CA LYS A 181 -15.66 0.51 -2.88
C LYS A 181 -14.56 1.57 -2.93
N SER A 182 -14.24 2.14 -1.77
CA SER A 182 -13.18 3.12 -1.64
C SER A 182 -12.47 2.89 -0.31
N THR A 183 -11.24 3.36 -0.21
CA THR A 183 -10.37 3.10 0.93
C THR A 183 -9.65 4.36 1.38
N TYR A 184 -8.93 4.29 2.50
CA TYR A 184 -8.18 5.46 2.96
C TYR A 184 -7.16 5.15 4.03
N ARG A 185 -6.08 5.92 4.05
CA ARG A 185 -4.99 5.74 5.03
C ARG A 185 -5.28 6.45 6.35
N THR A 186 -5.22 5.71 7.46
CA THR A 186 -5.35 6.32 8.78
C THR A 186 -4.02 6.88 9.22
N LEU A 187 -4.01 7.60 10.34
CA LEU A 187 -2.77 8.16 10.81
C LEU A 187 -1.82 7.05 11.22
N GLY A 188 -2.39 5.93 11.64
CA GLY A 188 -1.58 4.78 11.99
C GLY A 188 -0.99 4.14 10.75
N GLY A 189 -1.62 4.37 9.61
CA GLY A 189 -1.17 3.80 8.37
C GLY A 189 -1.97 2.57 8.04
N GLU A 190 -3.18 2.53 8.56
CA GLU A 190 -4.10 1.45 8.23
C GLU A 190 -4.90 1.82 7.00
N THR A 191 -5.06 0.88 6.07
CA THR A 191 -5.97 1.03 4.96
C THR A 191 -7.36 0.65 5.45
N ARG A 192 -8.38 1.40 5.05
CA ARG A 192 -9.75 1.05 5.45
C ARG A 192 -10.76 1.24 4.32
N ILE A 193 -11.70 0.29 4.24
CA ILE A 193 -12.66 0.23 3.15
C ILE A 193 -14.01 0.81 3.56
N LEU A 194 -14.69 1.42 2.58
CA LEU A 194 -16.07 1.89 2.75
C LEU A 194 -16.90 1.72 1.46
N ALA A 195 -18.21 1.84 1.58
CA ALA A 195 -19.06 1.67 0.42
C ALA A 195 -19.87 2.92 0.15
N VAL A 196 -19.84 3.38 -1.10
CA VAL A 196 -20.45 4.66 -1.44
C VAL A 196 -21.13 4.58 -2.81
N THR A 197 -22.01 5.55 -3.10
CA THR A 197 -22.75 5.58 -4.36
C THR A 197 -22.45 6.82 -5.22
N ASP A 198 -22.39 6.63 -6.54
CA ASP A 198 -22.45 7.76 -7.47
C ASP A 198 -23.31 7.49 -8.71
N PHE A 199 -24.54 8.01 -8.72
CA PHE A 199 -25.54 7.61 -9.70
C PHE A 199 -25.76 8.56 -10.88
N GLU A 200 -25.06 9.69 -10.91
CA GLU A 200 -25.29 10.64 -12.01
C GLU A 200 -24.41 10.34 -13.21
N PRO A 201 -25.03 10.25 -14.41
CA PRO A 201 -26.46 10.45 -14.59
C PRO A 201 -27.20 9.12 -14.83
N THR A 202 -26.45 8.10 -15.20
CA THR A 202 -27.04 6.84 -15.64
C THR A 202 -26.52 5.65 -14.85
N GLN A 203 -26.33 5.80 -13.54
CA GLN A 203 -25.67 4.73 -12.80
C GLN A 203 -26.45 4.18 -11.61
N ALA A 204 -27.61 4.74 -11.34
CA ALA A 204 -28.47 4.14 -10.30
C ALA A 204 -28.83 2.72 -10.71
N ARG A 205 -28.81 2.48 -12.02
CA ARG A 205 -29.18 1.20 -12.61
C ARG A 205 -28.16 0.10 -12.38
N MET A 206 -26.97 0.46 -11.91
CA MET A 206 -25.95 -0.54 -11.56
C MET A 206 -26.01 -0.92 -10.09
N ALA A 207 -26.93 -0.26 -9.36
CA ALA A 207 -27.06 -0.39 -7.92
C ALA A 207 -28.35 -1.08 -7.52
N PHE A 208 -29.44 -0.63 -8.11
CA PHE A 208 -30.73 -1.30 -7.98
C PHE A 208 -31.52 -1.03 -9.25
N PRO A 209 -32.20 -2.06 -9.77
CA PRO A 209 -32.90 -1.88 -11.05
C PRO A 209 -33.99 -0.85 -10.87
N CYS A 210 -34.21 -0.01 -11.87
CA CYS A 210 -35.20 1.05 -11.71
C CYS A 210 -35.46 1.87 -12.99
N PHE A 211 -36.37 2.82 -12.87
CA PHE A 211 -36.65 3.74 -13.94
C PHE A 211 -35.67 4.89 -13.82
N ASP A 212 -34.55 4.77 -14.53
CA ASP A 212 -33.41 5.66 -14.37
C ASP A 212 -33.48 6.86 -15.32
N GLU A 213 -34.60 7.56 -15.31
CA GLU A 213 -34.71 8.84 -15.98
C GLU A 213 -35.07 9.92 -14.96
N PRO A 214 -34.57 11.15 -15.15
CA PRO A 214 -34.72 12.19 -14.13
C PRO A 214 -36.17 12.61 -13.98
N LEU A 215 -37.03 12.09 -14.86
CA LEU A 215 -38.42 12.49 -14.87
C LEU A 215 -39.27 11.60 -13.95
N PHE A 216 -38.96 10.31 -13.95
CA PHE A 216 -39.59 9.37 -13.02
C PHE A 216 -39.07 9.59 -11.61
N LYS A 217 -39.67 10.54 -10.90
CA LYS A 217 -39.34 10.76 -9.50
C LYS A 217 -40.21 9.87 -8.62
N ALA A 218 -39.87 9.81 -7.34
CA ALA A 218 -40.57 8.95 -6.40
C ALA A 218 -40.07 9.16 -4.99
N ASN A 219 -40.78 8.57 -4.04
CA ASN A 219 -40.28 8.55 -2.68
C ASN A 219 -39.33 7.36 -2.56
N PHE A 220 -38.37 7.45 -1.66
CA PHE A 220 -37.42 6.37 -1.45
C PHE A 220 -37.26 6.01 0.04
N SER A 221 -37.58 4.75 0.34
CA SER A 221 -37.45 4.24 1.69
C SER A 221 -36.31 3.24 1.73
N ILE A 222 -35.17 3.68 2.23
CA ILE A 222 -33.97 2.87 2.23
C ILE A 222 -33.73 2.25 3.60
N LYS A 223 -33.47 0.94 3.63
CA LYS A 223 -33.01 0.28 4.85
C LYS A 223 -31.63 -0.34 4.60
N ILE A 224 -30.67 -0.05 5.48
CA ILE A 224 -29.31 -0.55 5.29
C ILE A 224 -28.91 -1.44 6.44
N ARG A 225 -28.27 -2.56 6.11
CA ARG A 225 -27.83 -3.54 7.10
C ARG A 225 -26.32 -3.45 7.24
N ARG A 226 -25.82 -3.47 8.48
CA ARG A 226 -24.40 -3.20 8.70
C ARG A 226 -23.78 -3.84 9.94
N GLU A 227 -22.47 -4.06 9.89
CA GLU A 227 -21.70 -4.43 11.08
C GLU A 227 -21.74 -3.25 12.04
N SER A 228 -21.50 -3.53 13.32
CA SER A 228 -21.47 -2.50 14.35
C SER A 228 -20.23 -1.60 14.23
N ARG A 229 -19.21 -2.09 13.53
CA ARG A 229 -18.02 -1.29 13.25
C ARG A 229 -18.29 -0.13 12.30
N HIS A 230 -19.43 -0.18 11.61
CA HIS A 230 -19.78 0.82 10.61
C HIS A 230 -21.02 1.63 10.94
N ILE A 231 -21.18 2.72 10.19
CA ILE A 231 -22.39 3.51 10.24
C ILE A 231 -22.97 3.53 8.84
N ALA A 232 -24.26 3.81 8.74
CA ALA A 232 -24.89 3.96 7.45
C ALA A 232 -25.45 5.35 7.36
N LEU A 233 -25.15 6.01 6.24
CA LEU A 233 -25.78 7.27 5.92
C LEU A 233 -26.57 7.07 4.63
N SER A 234 -27.62 7.87 4.46
CA SER A 234 -28.38 7.94 3.22
C SER A 234 -29.01 9.32 3.17
N ASN A 235 -29.80 9.59 2.13
CA ASN A 235 -30.33 10.94 1.92
C ASN A 235 -31.09 11.46 3.13
N MET A 236 -31.97 10.63 3.66
CA MET A 236 -32.83 11.06 4.75
C MET A 236 -32.24 10.68 6.11
N PRO A 237 -32.75 11.30 7.19
CA PRO A 237 -32.26 11.00 8.54
C PRO A 237 -32.73 9.64 8.99
N LYS A 238 -32.08 9.10 10.00
CA LYS A 238 -32.32 7.74 10.43
C LYS A 238 -33.42 7.64 11.49
N VAL A 239 -34.55 7.09 11.07
CA VAL A 239 -35.67 6.75 11.95
C VAL A 239 -35.24 5.87 13.13
N LYS A 240 -34.69 4.70 12.85
CA LYS A 240 -34.31 3.81 13.92
C LYS A 240 -33.25 2.81 13.53
N THR A 241 -32.83 2.02 14.50
CA THR A 241 -31.84 0.98 14.29
C THR A 241 -32.22 -0.20 15.15
N ILE A 242 -32.45 -1.34 14.52
CA ILE A 242 -32.77 -2.55 15.27
C ILE A 242 -31.50 -3.42 15.28
N GLU A 243 -31.34 -4.23 16.32
CA GLU A 243 -30.26 -5.22 16.32
C GLU A 243 -30.81 -6.49 15.68
N LEU A 244 -29.92 -7.31 15.15
CA LEU A 244 -30.35 -8.55 14.52
C LEU A 244 -29.74 -9.73 15.25
N GLU A 245 -30.16 -10.93 14.88
CA GLU A 245 -29.72 -12.14 15.53
C GLU A 245 -28.21 -12.12 15.81
N GLY A 246 -27.41 -12.06 14.76
CA GLY A 246 -25.98 -12.27 14.89
C GLY A 246 -25.20 -11.08 15.39
N GLY A 247 -25.91 -10.07 15.89
CA GLY A 247 -25.28 -8.83 16.32
C GLY A 247 -25.16 -7.85 15.17
N LEU A 248 -25.85 -8.17 14.08
CA LEU A 248 -25.94 -7.26 12.95
C LEU A 248 -26.97 -6.19 13.20
N LEU A 249 -26.90 -5.12 12.43
CA LEU A 249 -27.71 -3.96 12.68
C LEU A 249 -28.40 -3.53 11.41
N GLU A 250 -29.59 -2.96 11.57
CA GLU A 250 -30.37 -2.50 10.44
C GLU A 250 -30.90 -1.09 10.68
N ASP A 251 -30.54 -0.18 9.77
CA ASP A 251 -30.92 1.23 9.87
C ASP A 251 -32.10 1.57 8.94
N HIS A 252 -33.04 2.34 9.47
CA HIS A 252 -34.22 2.73 8.73
C HIS A 252 -34.16 4.23 8.57
N PHE A 253 -34.49 4.71 7.38
CA PHE A 253 -34.33 6.11 7.09
C PHE A 253 -35.66 6.71 6.71
N GLU A 254 -35.83 7.97 7.08
CA GLU A 254 -37.01 8.74 6.68
C GLU A 254 -37.31 8.53 5.19
N THR A 255 -38.57 8.40 4.83
CA THR A 255 -38.92 8.26 3.42
C THR A 255 -38.62 9.57 2.70
N THR A 256 -37.99 9.49 1.53
CA THR A 256 -37.60 10.72 0.87
C THR A 256 -38.80 11.42 0.26
N VAL A 257 -38.68 12.71 0.02
CA VAL A 257 -39.67 13.44 -0.78
C VAL A 257 -39.51 12.92 -2.19
N LYS A 258 -40.40 13.31 -3.08
CA LYS A 258 -40.27 12.86 -4.44
C LYS A 258 -38.93 13.38 -4.97
N MET A 259 -38.23 12.58 -5.75
CA MET A 259 -36.93 12.97 -6.23
C MET A 259 -36.42 11.99 -7.26
N SER A 260 -35.56 12.44 -8.18
CA SER A 260 -35.06 11.57 -9.25
C SER A 260 -34.13 10.48 -8.71
N THR A 261 -33.90 9.46 -9.53
CA THR A 261 -33.16 8.28 -9.08
C THR A 261 -31.67 8.61 -8.86
N TYR A 262 -31.11 9.40 -9.77
CA TYR A 262 -29.70 9.73 -9.74
C TYR A 262 -29.26 10.44 -8.45
N LEU A 263 -30.24 10.87 -7.65
CA LEU A 263 -29.95 11.57 -6.41
C LEU A 263 -30.01 10.67 -5.17
N VAL A 264 -30.46 9.42 -5.32
CA VAL A 264 -30.44 8.48 -4.20
C VAL A 264 -29.00 8.20 -3.80
N ALA A 265 -28.74 8.11 -2.51
CA ALA A 265 -27.38 7.82 -2.06
C ALA A 265 -27.35 7.04 -0.76
N TYR A 266 -26.41 6.11 -0.66
CA TYR A 266 -26.18 5.46 0.62
C TYR A 266 -24.71 5.06 0.78
N ILE A 267 -24.27 5.00 2.03
CA ILE A 267 -22.86 4.90 2.35
C ILE A 267 -22.65 4.12 3.63
N VAL A 268 -21.70 3.21 3.62
CA VAL A 268 -21.30 2.64 4.90
C VAL A 268 -19.84 2.94 5.10
N CYS A 269 -19.53 3.38 6.31
CA CYS A 269 -18.20 3.83 6.63
C CYS A 269 -18.05 3.89 8.14
N ASP A 270 -16.87 4.25 8.60
CA ASP A 270 -16.63 4.50 10.03
C ASP A 270 -16.08 5.89 10.26
N PHE A 271 -16.75 6.88 9.67
CA PHE A 271 -16.32 8.27 9.72
C PHE A 271 -16.80 8.96 10.99
N HIS A 272 -16.21 10.11 11.28
CA HIS A 272 -16.66 10.96 12.37
C HIS A 272 -17.20 12.26 11.81
N SER A 273 -17.89 13.04 12.63
CA SER A 273 -18.51 14.25 12.13
C SER A 273 -18.48 15.42 13.11
N LEU A 274 -18.60 16.63 12.57
CA LEU A 274 -18.90 17.83 13.33
C LEU A 274 -20.31 18.27 12.95
N SER A 275 -21.17 18.44 13.94
CA SER A 275 -22.55 18.82 13.66
C SER A 275 -22.83 20.27 14.05
N GLY A 276 -23.86 20.86 13.44
CA GLY A 276 -24.21 22.24 13.67
C GLY A 276 -25.64 22.45 13.23
N PHE A 277 -26.22 23.61 13.51
CA PHE A 277 -27.60 23.88 13.12
C PHE A 277 -27.78 25.24 12.46
N THR A 278 -28.27 25.21 11.22
CA THR A 278 -28.66 26.43 10.54
C THR A 278 -29.75 27.08 11.37
N SER A 279 -29.80 28.41 11.34
CA SER A 279 -30.78 29.15 12.13
C SER A 279 -32.21 28.62 11.92
N SER A 280 -32.45 28.05 10.75
CA SER A 280 -33.77 27.50 10.45
C SER A 280 -33.90 26.02 10.82
N GLY A 281 -33.08 25.54 11.75
CA GLY A 281 -33.25 24.19 12.25
C GLY A 281 -32.29 23.11 11.78
N VAL A 282 -32.07 23.03 10.46
CA VAL A 282 -31.32 21.92 9.86
C VAL A 282 -30.01 21.54 10.56
N LYS A 283 -29.79 20.24 10.73
CA LYS A 283 -28.54 19.75 11.29
C LYS A 283 -27.50 19.47 10.18
N VAL A 284 -26.55 20.38 10.05
CA VAL A 284 -25.50 20.21 9.06
C VAL A 284 -24.40 19.40 9.70
N SER A 285 -23.88 18.42 8.96
CA SER A 285 -22.81 17.59 9.49
C SER A 285 -21.73 17.32 8.46
N ILE A 286 -20.48 17.48 8.87
CA ILE A 286 -19.32 17.24 8.02
C ILE A 286 -18.67 15.91 8.39
N TYR A 287 -18.62 14.98 7.44
CA TYR A 287 -18.16 13.64 7.74
C TYR A 287 -16.85 13.40 7.03
N ALA A 288 -15.89 12.78 7.73
CA ALA A 288 -14.57 12.50 7.16
C ALA A 288 -13.85 11.40 7.93
N SER A 289 -12.72 10.94 7.40
CA SER A 289 -11.88 9.99 8.13
C SER A 289 -11.83 10.46 9.56
N PRO A 290 -11.77 9.52 10.50
CA PRO A 290 -11.76 9.94 11.90
C PRO A 290 -10.48 10.73 12.22
N ASP A 291 -9.41 10.42 11.51
CA ASP A 291 -8.14 11.13 11.68
C ASP A 291 -8.18 12.55 11.10
N LYS A 292 -9.29 12.93 10.49
CA LYS A 292 -9.36 14.20 9.76
C LYS A 292 -10.49 15.12 10.25
N ARG A 293 -11.10 14.81 11.38
CA ARG A 293 -12.24 15.58 11.80
C ARG A 293 -11.88 17.04 12.04
N ASN A 294 -10.60 17.35 12.10
CA ASN A 294 -10.15 18.72 12.31
C ASN A 294 -10.38 19.56 11.07
N GLN A 295 -10.02 19.02 9.90
CA GLN A 295 -10.10 19.75 8.64
C GLN A 295 -11.53 20.11 8.26
N THR A 296 -12.49 19.58 9.01
CA THR A 296 -13.92 19.75 8.74
C THR A 296 -14.55 20.97 9.39
N HIS A 297 -13.76 21.82 10.05
CA HIS A 297 -14.33 22.96 10.75
C HIS A 297 -14.81 24.08 9.83
N TYR A 298 -14.01 24.41 8.82
CA TYR A 298 -14.41 25.46 7.89
C TYR A 298 -15.61 25.00 7.13
N ALA A 299 -15.51 23.80 6.55
CA ALA A 299 -16.62 23.19 5.85
C ALA A 299 -17.93 23.42 6.60
N LEU A 300 -17.93 23.18 7.90
CA LEU A 300 -19.14 23.36 8.70
C LEU A 300 -19.60 24.82 8.77
N GLN A 301 -18.72 25.73 9.17
CA GLN A 301 -19.05 27.14 9.26
C GLN A 301 -19.74 27.61 7.99
N ALA A 302 -19.08 27.37 6.85
CA ALA A 302 -19.53 27.81 5.54
C ALA A 302 -20.85 27.17 5.08
N SER A 303 -20.98 25.85 5.24
CA SER A 303 -22.24 25.16 4.93
C SER A 303 -23.37 25.92 5.59
N LEU A 304 -23.20 26.15 6.88
CA LEU A 304 -24.17 26.81 7.73
C LEU A 304 -24.55 28.19 7.21
N LYS A 305 -23.55 29.08 7.11
CA LYS A 305 -23.75 30.40 6.53
C LYS A 305 -24.47 30.32 5.19
N LEU A 306 -24.09 29.33 4.39
CA LEU A 306 -24.56 29.23 3.01
C LEU A 306 -26.00 28.76 2.93
N LEU A 307 -26.31 27.70 3.66
CA LEU A 307 -27.68 27.21 3.67
C LEU A 307 -28.59 28.32 4.15
N ASP A 308 -28.17 28.99 5.22
CA ASP A 308 -28.92 30.13 5.74
C ASP A 308 -29.24 31.08 4.60
N PHE A 309 -28.21 31.64 3.97
CA PHE A 309 -28.39 32.51 2.82
C PHE A 309 -29.35 31.93 1.79
N TYR A 310 -29.08 30.72 1.36
CA TYR A 310 -29.87 30.15 0.28
C TYR A 310 -31.34 30.16 0.62
N GLU A 311 -31.69 29.65 1.79
CA GLU A 311 -33.09 29.58 2.20
C GLU A 311 -33.77 30.93 2.03
N LYS A 312 -33.15 31.97 2.58
CA LYS A 312 -33.66 33.34 2.48
C LYS A 312 -33.71 33.82 1.02
N TYR A 313 -32.56 33.87 0.38
CA TYR A 313 -32.50 34.31 -1.00
C TYR A 313 -33.56 33.65 -1.88
N PHE A 314 -33.62 32.32 -1.88
CA PHE A 314 -34.60 31.58 -2.66
C PHE A 314 -35.97 31.64 -2.05
N ASP A 315 -36.03 32.07 -0.79
CA ASP A 315 -37.30 32.12 -0.04
C ASP A 315 -37.99 30.77 0.03
N ILE A 316 -37.20 29.70 -0.02
CA ILE A 316 -37.73 28.36 0.14
C ILE A 316 -36.87 27.62 1.16
N TYR A 317 -37.45 27.27 2.30
CA TYR A 317 -36.77 26.46 3.28
C TYR A 317 -36.25 25.17 2.64
N TYR A 318 -35.10 24.72 3.12
CA TYR A 318 -34.55 23.44 2.70
C TYR A 318 -35.33 22.37 3.46
N PRO A 319 -36.06 21.51 2.72
CA PRO A 319 -37.09 20.56 3.19
C PRO A 319 -36.61 19.60 4.28
N LEU A 320 -35.41 19.07 4.15
CA LEU A 320 -34.95 17.98 5.00
C LEU A 320 -34.48 18.43 6.37
N SER A 321 -34.65 17.59 7.37
CA SER A 321 -34.22 17.87 8.74
C SER A 321 -32.72 18.02 8.85
N LYS A 322 -31.99 17.25 8.05
CA LYS A 322 -30.54 17.20 8.15
C LYS A 322 -29.92 17.36 6.79
N LEU A 323 -28.68 17.84 6.78
CA LEU A 323 -27.85 17.87 5.57
C LEU A 323 -26.46 17.45 5.94
N ASP A 324 -25.97 16.41 5.28
CA ASP A 324 -24.64 15.91 5.54
C ASP A 324 -23.75 16.18 4.33
N LEU A 325 -22.48 16.49 4.61
CA LEU A 325 -21.48 16.62 3.57
C LEU A 325 -20.35 15.68 3.96
N ILE A 326 -19.99 14.77 3.08
CA ILE A 326 -19.00 13.77 3.44
C ILE A 326 -17.82 13.82 2.49
N ALA A 327 -16.62 13.64 3.05
CA ALA A 327 -15.39 13.71 2.27
C ALA A 327 -14.93 12.32 1.87
N ILE A 328 -15.33 11.90 0.69
CA ILE A 328 -14.98 10.60 0.13
C ILE A 328 -13.55 10.61 -0.42
N PRO A 329 -12.68 9.79 0.19
CA PRO A 329 -11.33 9.44 -0.24
C PRO A 329 -11.23 9.26 -1.75
N ASP A 330 -11.93 8.25 -2.25
CA ASP A 330 -11.98 7.96 -3.67
C ASP A 330 -13.23 8.54 -4.32
N PHE A 331 -13.07 9.63 -5.05
CA PHE A 331 -14.22 10.27 -5.64
C PHE A 331 -13.82 10.94 -6.93
N ALA A 332 -14.53 10.60 -8.00
CA ALA A 332 -14.17 11.12 -9.32
C ALA A 332 -14.52 12.58 -9.50
N PRO A 333 -15.80 12.92 -9.34
CA PRO A 333 -16.15 14.32 -9.58
C PRO A 333 -15.64 15.12 -8.40
N GLY A 334 -15.80 16.43 -8.44
CA GLY A 334 -15.38 17.24 -7.32
C GLY A 334 -16.34 17.04 -6.17
N ALA A 335 -17.55 16.63 -6.50
CA ALA A 335 -18.63 16.46 -5.54
C ALA A 335 -19.94 16.09 -6.24
N MET A 336 -20.86 15.48 -5.49
CA MET A 336 -22.17 15.09 -6.02
C MET A 336 -23.29 15.59 -5.14
N GLU A 337 -24.25 16.28 -5.75
CA GLU A 337 -25.27 16.98 -4.98
C GLU A 337 -26.36 16.11 -4.34
N ASN A 338 -26.10 14.82 -4.10
CA ASN A 338 -27.15 13.92 -3.57
C ASN A 338 -27.93 14.57 -2.43
N TRP A 339 -29.25 14.69 -2.60
CA TRP A 339 -30.08 15.40 -1.65
C TRP A 339 -29.81 14.91 -0.22
N GLY A 340 -29.41 15.85 0.64
CA GLY A 340 -29.20 15.56 2.05
C GLY A 340 -27.95 14.76 2.35
N LEU A 341 -27.29 14.32 1.30
CA LEU A 341 -26.05 13.56 1.44
C LEU A 341 -25.11 13.92 0.30
N ILE A 342 -24.42 15.02 0.44
CA ILE A 342 -23.55 15.48 -0.63
C ILE A 342 -22.14 14.93 -0.43
N THR A 343 -21.65 14.27 -1.48
CA THR A 343 -20.30 13.72 -1.45
C THR A 343 -19.31 14.70 -2.04
N TYR A 344 -18.07 14.64 -1.55
CA TYR A 344 -17.01 15.57 -1.94
C TYR A 344 -15.69 14.83 -2.08
N ARG A 345 -14.79 15.35 -2.90
CA ARG A 345 -13.41 14.95 -2.76
C ARG A 345 -12.90 15.70 -1.56
N GLU A 346 -11.99 15.09 -0.83
CA GLU A 346 -11.42 15.74 0.34
C GLU A 346 -10.87 17.15 -0.01
N THR A 347 -10.43 17.31 -1.24
CA THR A 347 -9.86 18.56 -1.67
C THR A 347 -10.95 19.56 -2.06
N SER A 348 -12.21 19.22 -1.82
CA SER A 348 -13.28 20.13 -2.18
C SER A 348 -13.91 20.60 -0.90
N LEU A 349 -13.68 19.84 0.16
CA LEU A 349 -14.44 20.06 1.38
C LEU A 349 -13.58 20.30 2.62
N LEU A 350 -12.33 19.86 2.56
CA LEU A 350 -11.48 19.86 3.76
C LEU A 350 -10.43 20.96 3.76
N PHE A 351 -10.26 21.59 4.92
CA PHE A 351 -9.36 22.73 5.03
C PHE A 351 -8.55 22.66 6.29
N ASP A 352 -7.25 22.90 6.15
CA ASP A 352 -6.30 22.81 7.23
C ASP A 352 -5.39 24.02 7.12
N PRO A 353 -5.55 24.97 8.04
CA PRO A 353 -4.94 26.31 7.92
C PRO A 353 -3.42 26.22 7.78
N LYS A 354 -2.86 25.11 8.25
CA LYS A 354 -1.43 24.85 8.14
C LYS A 354 -1.00 24.59 6.70
N THR A 355 -1.91 24.03 5.91
CA THR A 355 -1.56 23.55 4.59
C THR A 355 -2.47 24.08 3.50
N SER A 356 -3.63 24.56 3.88
CA SER A 356 -4.57 25.06 2.89
C SER A 356 -4.40 26.58 2.67
N SER A 357 -4.35 27.01 1.41
CA SER A 357 -3.99 28.38 1.06
C SER A 357 -5.17 29.29 0.78
N ALA A 358 -4.88 30.48 0.27
CA ALA A 358 -5.89 31.47 -0.11
C ALA A 358 -6.89 30.87 -1.08
N SER A 359 -6.38 30.57 -2.28
CA SER A 359 -7.16 29.93 -3.32
C SER A 359 -7.94 28.73 -2.79
N ASP A 360 -7.21 27.77 -2.24
CA ASP A 360 -7.84 26.60 -1.64
C ASP A 360 -9.14 26.99 -0.93
N LYS A 361 -9.01 27.67 0.21
CA LYS A 361 -10.17 28.16 0.95
C LYS A 361 -11.26 28.60 -0.01
N LEU A 362 -10.89 29.46 -0.96
CA LEU A 362 -11.86 30.05 -1.85
C LEU A 362 -12.60 28.98 -2.63
N TRP A 363 -11.86 27.99 -3.10
CA TRP A 363 -12.38 26.89 -3.90
C TRP A 363 -13.31 25.97 -3.11
N VAL A 364 -12.87 25.53 -1.94
CA VAL A 364 -13.75 24.71 -1.12
C VAL A 364 -14.99 25.51 -0.76
N THR A 365 -14.82 26.77 -0.40
CA THR A 365 -15.98 27.60 -0.16
C THR A 365 -16.86 27.49 -1.39
N ARG A 366 -16.21 27.55 -2.55
CA ARG A 366 -16.92 27.61 -3.82
CA ARG A 366 -16.92 27.60 -3.84
C ARG A 366 -17.75 26.36 -4.10
N VAL A 367 -17.14 25.18 -4.01
CA VAL A 367 -17.87 23.97 -4.31
C VAL A 367 -18.93 23.62 -3.26
N ILE A 368 -18.73 24.07 -2.03
CA ILE A 368 -19.75 23.86 -1.00
C ILE A 368 -20.96 24.66 -1.39
N ALA A 369 -20.70 25.90 -1.81
CA ALA A 369 -21.74 26.82 -2.27
C ALA A 369 -22.49 26.19 -3.42
N HIS A 370 -21.73 25.78 -4.44
CA HIS A 370 -22.28 25.18 -5.67
C HIS A 370 -23.13 23.96 -5.41
N GLU A 371 -22.69 23.17 -4.44
CA GLU A 371 -23.44 21.97 -4.10
C GLU A 371 -24.72 22.28 -3.29
N LEU A 372 -24.66 23.26 -2.40
CA LEU A 372 -25.84 23.62 -1.65
C LEU A 372 -26.85 24.23 -2.57
N ALA A 373 -26.36 24.94 -3.59
CA ALA A 373 -27.25 25.56 -4.56
C ALA A 373 -28.06 24.50 -5.28
N HIS A 374 -27.48 23.33 -5.47
CA HIS A 374 -28.15 22.21 -6.14
C HIS A 374 -29.40 21.70 -5.39
N GLN A 375 -29.40 21.86 -4.07
CA GLN A 375 -30.49 21.39 -3.26
C GLN A 375 -31.78 21.98 -3.79
N TRP A 376 -31.67 23.13 -4.44
CA TRP A 376 -32.83 23.75 -5.08
C TRP A 376 -32.75 23.54 -6.58
N PHE A 377 -31.69 24.06 -7.20
CA PHE A 377 -31.48 23.92 -8.64
C PHE A 377 -30.96 22.53 -9.01
N GLY A 378 -31.88 21.66 -9.42
CA GLY A 378 -31.55 20.28 -9.69
C GLY A 378 -32.33 19.34 -8.80
N ASN A 379 -32.11 19.44 -7.49
CA ASN A 379 -32.78 18.56 -6.56
C ASN A 379 -34.28 18.79 -6.43
N LEU A 380 -34.64 19.96 -5.96
CA LEU A 380 -36.04 20.34 -5.82
C LEU A 380 -36.70 20.34 -7.20
N VAL A 381 -36.17 21.18 -8.09
CA VAL A 381 -36.67 21.33 -9.45
C VAL A 381 -35.71 20.66 -10.47
N THR A 382 -36.08 19.49 -10.98
CA THR A 382 -35.15 18.74 -11.82
C THR A 382 -35.46 18.84 -13.29
N MET A 383 -34.47 19.24 -14.08
CA MET A 383 -34.63 19.24 -15.54
C MET A 383 -35.28 17.93 -15.99
N GLU A 384 -36.06 18.00 -17.07
CA GLU A 384 -36.78 16.82 -17.54
C GLU A 384 -35.88 15.78 -18.18
N TRP A 385 -34.78 16.22 -18.76
CA TRP A 385 -33.89 15.30 -19.44
C TRP A 385 -32.52 15.93 -19.67
N TRP A 386 -31.52 15.10 -19.91
CA TRP A 386 -30.12 15.52 -19.88
C TRP A 386 -29.72 16.55 -20.93
N ASN A 387 -30.64 16.92 -21.81
CA ASN A 387 -30.34 17.96 -22.78
C ASN A 387 -30.31 19.33 -22.14
N ASP A 388 -31.26 19.58 -21.25
CA ASP A 388 -31.31 20.84 -20.52
C ASP A 388 -30.63 20.68 -19.16
N ILE A 389 -29.64 19.81 -19.12
CA ILE A 389 -28.79 19.66 -17.94
C ILE A 389 -28.29 21.02 -17.50
N TRP A 390 -27.96 21.85 -18.47
CA TRP A 390 -27.45 23.18 -18.21
C TRP A 390 -28.29 23.93 -17.17
N LEU A 391 -29.59 23.63 -17.14
CA LEU A 391 -30.53 24.34 -16.26
C LEU A 391 -30.18 24.15 -14.81
N LYS A 392 -29.66 22.96 -14.53
CA LYS A 392 -29.25 22.53 -13.20
C LYS A 392 -27.85 23.07 -12.94
N GLU A 393 -26.98 22.93 -13.94
CA GLU A 393 -25.55 23.17 -13.79
C GLU A 393 -25.09 24.60 -14.04
N GLY A 394 -25.69 25.28 -15.01
CA GLY A 394 -25.39 26.68 -15.25
C GLY A 394 -25.92 27.58 -14.14
N PHE A 395 -27.08 27.23 -13.62
CA PHE A 395 -27.70 28.01 -12.56
C PHE A 395 -26.97 27.81 -11.22
N ALA A 396 -26.51 26.59 -10.99
CA ALA A 396 -25.66 26.28 -9.86
C ALA A 396 -24.29 26.92 -10.01
N LYS A 397 -23.71 26.87 -11.20
CA LYS A 397 -22.41 27.47 -11.41
C LYS A 397 -22.52 28.98 -11.17
N TYR A 398 -23.72 29.51 -11.40
CA TYR A 398 -23.94 30.93 -11.27
C TYR A 398 -24.15 31.31 -9.83
N MET A 399 -25.09 30.63 -9.18
CA MET A 399 -25.41 30.90 -7.79
C MET A 399 -24.16 30.87 -6.94
N GLU A 400 -23.12 30.19 -7.42
CA GLU A 400 -21.81 30.25 -6.82
C GLU A 400 -21.50 31.71 -6.55
N LEU A 401 -21.36 32.46 -7.64
CA LEU A 401 -21.10 33.89 -7.61
C LEU A 401 -21.93 34.60 -6.54
N ILE A 402 -23.24 34.55 -6.70
CA ILE A 402 -24.14 35.29 -5.83
C ILE A 402 -23.85 35.06 -4.35
N ALA A 403 -24.02 33.82 -3.92
CA ALA A 403 -24.00 33.45 -2.52
C ALA A 403 -22.65 33.66 -1.84
N VAL A 404 -21.55 33.49 -2.56
CA VAL A 404 -20.24 33.67 -1.96
C VAL A 404 -19.92 35.16 -1.80
N ASN A 405 -20.12 35.91 -2.87
CA ASN A 405 -20.07 37.36 -2.76
C ASN A 405 -20.97 37.82 -1.60
N ALA A 406 -22.10 37.13 -1.44
CA ALA A 406 -23.05 37.44 -0.38
C ALA A 406 -22.53 37.16 1.03
N THR A 407 -22.12 35.92 1.27
CA THR A 407 -21.70 35.51 2.59
C THR A 407 -20.23 35.85 2.83
N TYR A 408 -19.38 35.53 1.86
CA TYR A 408 -17.95 35.75 2.00
C TYR A 408 -17.41 36.79 1.01
N PRO A 409 -17.81 38.04 1.20
CA PRO A 409 -17.40 39.08 0.25
C PRO A 409 -15.92 39.36 0.39
N GLU A 410 -15.30 38.85 1.46
CA GLU A 410 -13.87 39.04 1.62
C GLU A 410 -13.08 38.14 0.68
N LEU A 411 -13.69 37.04 0.26
CA LEU A 411 -13.06 36.13 -0.68
C LEU A 411 -12.96 36.80 -2.05
N GLN A 412 -13.80 37.80 -2.27
CA GLN A 412 -13.73 38.63 -3.46
C GLN A 412 -13.85 37.76 -4.69
N PHE A 413 -14.73 36.77 -4.62
CA PHE A 413 -14.87 35.83 -5.71
C PHE A 413 -15.30 36.56 -6.98
N ASP A 414 -15.96 37.72 -6.82
CA ASP A 414 -16.45 38.47 -7.96
C ASP A 414 -15.33 38.77 -8.95
N ASP A 415 -14.37 39.58 -8.54
CA ASP A 415 -13.25 39.96 -9.40
C ASP A 415 -12.70 38.76 -10.16
N TYR A 416 -12.86 37.57 -9.58
CA TYR A 416 -12.45 36.34 -10.25
C TYR A 416 -13.45 35.94 -11.32
N PHE A 417 -14.70 35.75 -10.92
CA PHE A 417 -15.72 35.15 -11.77
C PHE A 417 -15.48 35.20 -13.27
N LEU A 418 -15.22 36.38 -13.81
CA LEU A 418 -15.03 36.55 -15.24
C LEU A 418 -14.24 35.41 -15.89
N ASN A 419 -13.19 34.96 -15.21
CA ASN A 419 -12.35 33.88 -15.70
C ASN A 419 -13.18 32.68 -16.12
N VAL A 420 -14.21 32.39 -15.33
CA VAL A 420 -15.17 31.36 -15.68
C VAL A 420 -15.62 31.54 -17.12
N CYS A 421 -15.86 32.80 -17.48
CA CYS A 421 -16.41 33.12 -18.78
C CYS A 421 -15.33 33.19 -19.84
N PHE A 422 -14.30 33.99 -19.59
CA PHE A 422 -13.15 34.07 -20.47
C PHE A 422 -12.75 32.69 -20.98
N GLU A 423 -12.84 31.70 -20.10
CA GLU A 423 -12.34 30.37 -20.42
C GLU A 423 -13.30 29.59 -21.28
N VAL A 424 -14.60 29.78 -21.06
CA VAL A 424 -15.60 29.16 -21.91
C VAL A 424 -15.54 29.83 -23.28
N ILE A 425 -15.41 31.15 -23.27
CA ILE A 425 -15.21 31.93 -24.49
C ILE A 425 -14.14 31.32 -25.38
N THR A 426 -13.13 30.73 -24.76
CA THR A 426 -12.02 30.17 -25.49
C THR A 426 -12.46 28.95 -26.28
N LYS A 427 -13.41 28.22 -25.73
CA LYS A 427 -13.82 26.95 -26.29
C LYS A 427 -14.99 27.18 -27.23
N ASP A 428 -15.72 28.28 -26.98
CA ASP A 428 -16.92 28.63 -27.73
C ASP A 428 -16.54 29.41 -29.00
N SER A 429 -15.28 29.80 -29.07
CA SER A 429 -14.75 30.48 -30.23
C SER A 429 -14.20 29.47 -31.23
N LEU A 430 -14.80 28.28 -31.26
CA LEU A 430 -14.43 27.26 -32.23
C LEU A 430 -15.67 26.74 -32.97
N ASN A 431 -15.45 26.06 -34.08
CA ASN A 431 -16.54 25.47 -34.83
C ASN A 431 -16.99 24.16 -34.18
N SER A 432 -16.09 23.55 -33.42
CA SER A 432 -16.38 22.31 -32.73
C SER A 432 -17.06 22.59 -31.39
N SER A 433 -17.67 23.77 -31.29
CA SER A 433 -18.43 24.13 -30.10
C SER A 433 -19.87 23.67 -30.27
N ARG A 434 -20.70 23.88 -29.26
CA ARG A 434 -22.08 23.43 -29.31
C ARG A 434 -22.97 24.39 -28.55
N PRO A 435 -24.30 24.17 -28.66
CA PRO A 435 -25.31 24.95 -27.94
C PRO A 435 -25.50 24.41 -26.52
N ILE A 436 -25.46 25.29 -25.54
CA ILE A 436 -25.74 24.92 -24.17
C ILE A 436 -26.86 23.88 -24.04
N SER A 437 -27.92 24.04 -24.82
CA SER A 437 -29.01 23.08 -24.82
C SER A 437 -29.00 22.26 -26.11
N LYS A 438 -28.79 20.95 -26.00
CA LYS A 438 -28.59 20.09 -27.15
C LYS A 438 -29.18 18.70 -26.91
N PRO A 439 -29.56 17.98 -27.98
CA PRO A 439 -30.05 16.60 -27.87
C PRO A 439 -29.02 15.66 -27.25
N ALA A 440 -29.45 14.77 -26.33
CA ALA A 440 -28.55 13.79 -25.69
C ALA A 440 -29.16 12.38 -25.58
N GLU A 441 -28.33 11.35 -25.78
CA GLU A 441 -28.83 9.99 -25.97
C GLU A 441 -28.10 8.90 -25.17
N THR A 442 -27.08 8.31 -25.77
CA THR A 442 -26.29 7.29 -25.09
C THR A 442 -25.83 7.83 -23.73
N PRO A 443 -25.53 6.93 -22.78
CA PRO A 443 -25.03 7.45 -21.49
C PRO A 443 -23.83 8.33 -21.74
N THR A 444 -23.05 7.97 -22.75
CA THR A 444 -21.82 8.69 -23.08
C THR A 444 -22.05 10.11 -23.54
N GLN A 445 -23.01 10.32 -24.43
CA GLN A 445 -23.37 11.68 -24.82
C GLN A 445 -23.77 12.46 -23.58
N ILE A 446 -24.65 11.87 -22.79
CA ILE A 446 -25.07 12.49 -21.55
C ILE A 446 -23.87 13.00 -20.75
N GLN A 447 -22.87 12.14 -20.58
CA GLN A 447 -21.67 12.49 -19.82
C GLN A 447 -20.92 13.64 -20.48
N GLU A 448 -20.75 13.54 -21.78
CA GLU A 448 -20.15 14.62 -22.55
C GLU A 448 -20.88 15.92 -22.24
N MET A 449 -22.14 15.80 -21.87
CA MET A 449 -22.95 17.00 -21.61
C MET A 449 -22.40 17.82 -20.45
N PHE A 450 -21.58 17.20 -19.61
CA PHE A 450 -21.07 17.89 -18.44
C PHE A 450 -19.77 18.61 -18.79
N ASP A 451 -19.89 19.86 -19.23
CA ASP A 451 -18.74 20.63 -19.66
C ASP A 451 -18.88 22.14 -19.48
N GLU A 452 -17.88 22.86 -19.97
CA GLU A 452 -17.72 24.29 -19.73
C GLU A 452 -18.89 25.06 -20.31
N VAL A 453 -19.46 24.50 -21.38
CA VAL A 453 -20.64 25.06 -22.01
C VAL A 453 -21.80 25.08 -21.01
N SER A 454 -22.30 23.88 -20.70
CA SER A 454 -23.41 23.69 -19.77
C SER A 454 -23.13 24.42 -18.49
N TYR A 455 -21.90 24.34 -18.03
CA TYR A 455 -21.56 24.87 -16.73
C TYR A 455 -21.27 26.37 -16.80
N ASN A 456 -20.18 26.73 -17.47
CA ASN A 456 -19.72 28.10 -17.45
C ASN A 456 -20.52 29.06 -18.31
N LYS A 457 -20.66 28.77 -19.60
CA LYS A 457 -21.44 29.64 -20.46
C LYS A 457 -22.79 29.82 -19.81
N GLY A 458 -23.40 28.71 -19.45
CA GLY A 458 -24.68 28.71 -18.79
C GLY A 458 -24.72 29.70 -17.65
N ALA A 459 -23.66 29.70 -16.86
CA ALA A 459 -23.59 30.59 -15.70
C ALA A 459 -23.40 32.02 -16.16
N CYS A 460 -22.78 32.17 -17.33
CA CYS A 460 -22.43 33.48 -17.87
C CYS A 460 -23.61 34.21 -18.51
N ILE A 461 -24.30 33.52 -19.43
CA ILE A 461 -25.47 34.09 -20.10
C ILE A 461 -26.61 34.37 -19.12
N LEU A 462 -26.70 33.56 -18.08
CA LEU A 462 -27.62 33.85 -17.00
C LEU A 462 -27.21 35.16 -16.35
N ASN A 463 -25.91 35.31 -16.10
CA ASN A 463 -25.41 36.51 -15.46
C ASN A 463 -25.67 37.73 -16.31
N MET A 464 -25.27 37.63 -17.57
CA MET A 464 -25.65 38.63 -18.54
C MET A 464 -27.14 38.95 -18.38
N LEU A 465 -27.97 37.93 -18.57
CA LEU A 465 -29.42 38.10 -18.45
C LEU A 465 -29.84 38.83 -17.18
N LYS A 466 -29.19 38.53 -16.06
CA LYS A 466 -29.49 39.24 -14.82
C LYS A 466 -29.14 40.72 -14.88
N ASP A 467 -28.16 41.07 -15.72
CA ASP A 467 -27.76 42.47 -15.89
C ASP A 467 -28.88 43.22 -16.60
N PHE A 468 -29.32 42.67 -17.72
CA PHE A 468 -30.41 43.25 -18.48
C PHE A 468 -31.69 43.38 -17.65
N LEU A 469 -31.83 42.57 -16.60
CA LEU A 469 -33.08 42.50 -15.84
C LEU A 469 -32.97 43.02 -14.41
N GLY A 470 -31.77 43.03 -13.87
CA GLY A 470 -31.55 43.56 -12.53
C GLY A 470 -31.77 42.54 -11.43
N GLU A 471 -30.97 42.62 -10.38
CA GLU A 471 -31.07 41.68 -9.26
C GLU A 471 -32.50 41.49 -8.79
N GLU A 472 -33.05 42.50 -8.11
CA GLU A 472 -34.39 42.42 -7.52
C GLU A 472 -35.40 41.73 -8.43
N LYS A 473 -35.30 42.00 -9.73
CA LYS A 473 -36.23 41.43 -10.69
C LYS A 473 -35.84 39.98 -11.00
N PHE A 474 -34.55 39.74 -11.15
CA PHE A 474 -34.02 38.41 -11.44
C PHE A 474 -34.27 37.47 -10.28
N GLN A 475 -34.04 37.98 -9.07
CA GLN A 475 -34.31 37.24 -7.85
C GLN A 475 -35.75 36.77 -7.83
N LYS A 476 -36.69 37.71 -7.94
CA LYS A 476 -38.09 37.36 -8.07
C LYS A 476 -38.24 36.28 -9.14
N GLY A 477 -37.59 36.50 -10.28
CA GLY A 477 -37.68 35.59 -11.41
C GLY A 477 -37.45 34.15 -11.00
N ILE A 478 -36.48 33.93 -10.13
CA ILE A 478 -36.11 32.56 -9.77
C ILE A 478 -36.94 32.01 -8.62
N ILE A 479 -37.25 32.85 -7.62
CA ILE A 479 -38.13 32.43 -6.54
C ILE A 479 -39.40 31.81 -7.12
N GLN A 480 -40.00 32.51 -8.07
CA GLN A 480 -41.20 32.00 -8.73
C GLN A 480 -40.90 30.65 -9.35
N TYR A 481 -40.00 30.64 -10.33
CA TYR A 481 -39.54 29.42 -11.02
C TYR A 481 -39.40 28.20 -10.10
N LEU A 482 -38.63 28.36 -9.03
CA LEU A 482 -38.39 27.27 -8.10
C LEU A 482 -39.70 26.75 -7.54
N LYS A 483 -40.51 27.64 -6.98
CA LYS A 483 -41.79 27.28 -6.34
C LYS A 483 -42.77 26.65 -7.31
N LYS A 484 -42.79 27.13 -8.55
CA LYS A 484 -43.71 26.59 -9.54
C LYS A 484 -43.32 25.18 -9.99
N PHE A 485 -42.20 24.67 -9.53
CA PHE A 485 -41.77 23.35 -9.97
C PHE A 485 -41.22 22.48 -8.84
N SER A 486 -41.23 23.02 -7.62
CA SER A 486 -40.86 22.24 -6.47
C SER A 486 -41.29 20.81 -6.67
N TYR A 487 -40.41 19.87 -6.37
CA TYR A 487 -40.75 18.46 -6.40
C TYR A 487 -41.26 18.03 -7.77
N ARG A 488 -40.57 18.47 -8.82
CA ARG A 488 -40.87 18.04 -10.18
C ARG A 488 -39.84 18.51 -11.20
N ASN A 489 -40.17 18.30 -12.47
CA ASN A 489 -39.28 18.65 -13.56
C ASN A 489 -39.65 19.96 -14.27
N ALA A 490 -38.69 20.49 -15.03
CA ALA A 490 -38.91 21.71 -15.80
C ALA A 490 -38.15 21.64 -17.12
N LYS A 491 -38.72 22.29 -18.14
CA LYS A 491 -38.17 22.28 -19.50
C LYS A 491 -37.28 23.49 -19.68
N ASN A 492 -36.43 23.46 -20.71
CA ASN A 492 -35.61 24.62 -21.03
C ASN A 492 -36.47 25.86 -21.07
N ASP A 493 -37.43 25.88 -21.99
CA ASP A 493 -38.35 26.99 -22.13
C ASP A 493 -39.02 27.35 -20.79
N ASP A 494 -39.45 26.32 -20.06
CA ASP A 494 -40.11 26.53 -18.76
C ASP A 494 -39.44 27.63 -17.95
N LEU A 495 -38.11 27.65 -17.93
CA LEU A 495 -37.35 28.60 -17.13
C LEU A 495 -37.47 30.03 -17.66
N TRP A 496 -37.24 30.19 -18.95
CA TRP A 496 -37.36 31.50 -19.56
C TRP A 496 -38.70 32.12 -19.20
N SER A 497 -39.76 31.37 -19.45
CA SER A 497 -41.11 31.81 -19.15
C SER A 497 -41.23 32.34 -17.73
N SER A 498 -40.80 31.54 -16.75
CA SER A 498 -40.95 31.92 -15.36
C SER A 498 -40.13 33.15 -15.00
N LEU A 499 -39.05 33.37 -15.74
CA LEU A 499 -38.20 34.54 -15.54
C LEU A 499 -38.84 35.75 -16.16
N SER A 500 -39.01 35.71 -17.48
CA SER A 500 -39.52 36.84 -18.25
C SER A 500 -40.87 37.34 -17.73
N ASN A 501 -41.58 36.47 -17.01
CA ASN A 501 -42.79 36.85 -16.29
C ASN A 501 -42.52 37.07 -14.79
N SER A 502 -42.02 38.26 -14.45
CA SER A 502 -41.72 38.59 -13.05
C SER A 502 -42.81 39.43 -12.38
N LEU A 528 -48.15 48.03 -17.10
CA LEU A 528 -48.59 47.38 -18.34
C LEU A 528 -48.60 48.40 -19.50
N GLY A 529 -49.03 47.97 -20.69
CA GLY A 529 -49.42 46.60 -20.95
C GLY A 529 -48.59 45.98 -22.05
N GLU A 530 -47.30 46.30 -22.05
CA GLU A 530 -46.40 45.88 -23.14
C GLU A 530 -45.32 44.90 -22.65
N ASN A 531 -44.86 44.04 -23.56
CA ASN A 531 -44.27 42.75 -23.16
C ASN A 531 -42.76 42.56 -23.06
N ALA A 532 -42.40 41.88 -21.97
CA ALA A 532 -41.08 41.31 -21.76
C ALA A 532 -40.90 40.16 -22.75
N GLU A 533 -40.25 40.46 -23.88
CA GLU A 533 -40.06 39.48 -24.93
C GLU A 533 -38.79 38.67 -24.68
N VAL A 534 -38.41 38.58 -23.41
CA VAL A 534 -37.05 38.13 -23.12
C VAL A 534 -36.77 36.81 -23.83
N LYS A 535 -37.76 35.91 -23.79
CA LYS A 535 -37.65 34.62 -24.46
C LYS A 535 -36.76 34.68 -25.70
N GLU A 536 -37.18 35.43 -26.70
CA GLU A 536 -36.44 35.52 -27.96
C GLU A 536 -34.93 35.56 -27.69
N MET A 537 -34.54 36.47 -26.80
CA MET A 537 -33.15 36.72 -26.49
C MET A 537 -32.40 35.45 -26.11
N MET A 538 -32.75 34.91 -24.95
CA MET A 538 -32.08 33.75 -24.43
C MET A 538 -32.21 32.55 -25.36
N THR A 539 -33.34 32.46 -26.05
CA THR A 539 -33.61 31.35 -26.95
C THR A 539 -32.59 31.21 -28.06
N THR A 540 -32.07 32.33 -28.55
CA THR A 540 -30.96 32.28 -29.51
C THR A 540 -29.67 31.83 -28.80
N TRP A 541 -29.46 32.33 -27.59
CA TRP A 541 -28.30 31.99 -26.79
C TRP A 541 -28.20 30.49 -26.55
N THR A 542 -29.24 29.93 -25.95
CA THR A 542 -29.23 28.54 -25.56
C THR A 542 -29.17 27.54 -26.73
N LEU A 543 -29.75 27.90 -27.87
CA LEU A 543 -29.97 26.92 -28.92
C LEU A 543 -29.02 26.94 -30.11
N GLN A 544 -28.03 27.83 -30.08
CA GLN A 544 -27.02 27.83 -31.13
C GLN A 544 -25.59 27.93 -30.60
N LYS A 545 -24.64 27.52 -31.44
CA LYS A 545 -23.23 27.46 -31.09
C LYS A 545 -22.63 28.84 -30.77
N GLY A 546 -21.30 28.91 -30.75
CA GLY A 546 -20.53 30.15 -30.77
C GLY A 546 -20.83 31.34 -29.88
N ILE A 547 -20.05 32.41 -30.05
CA ILE A 547 -20.23 33.66 -29.34
C ILE A 547 -20.08 34.85 -30.31
N PRO A 548 -20.89 35.91 -30.11
CA PRO A 548 -20.92 37.07 -31.01
C PRO A 548 -19.70 37.97 -30.89
N LEU A 549 -19.19 38.43 -32.02
CA LEU A 549 -18.22 39.51 -32.05
C LEU A 549 -18.93 40.75 -32.57
N LEU A 550 -18.81 41.86 -31.85
CA LEU A 550 -19.50 43.09 -32.21
C LEU A 550 -18.54 44.23 -32.54
N VAL A 551 -18.07 44.26 -33.78
CA VAL A 551 -17.19 45.32 -34.26
C VAL A 551 -17.90 46.69 -34.23
N VAL A 552 -17.18 47.73 -33.82
CA VAL A 552 -17.76 49.06 -33.77
C VAL A 552 -16.89 50.13 -34.45
N LYS A 553 -17.51 50.95 -35.29
CA LYS A 553 -16.82 51.99 -36.06
C LYS A 553 -17.21 53.39 -35.58
N GLN A 554 -16.21 54.23 -35.34
CA GLN A 554 -16.46 55.56 -34.77
C GLN A 554 -16.27 56.69 -35.80
N ASP A 555 -17.38 57.25 -36.26
CA ASP A 555 -17.36 58.39 -37.18
C ASP A 555 -18.06 59.61 -36.59
N GLY A 556 -17.38 60.29 -35.67
CA GLY A 556 -17.87 61.54 -35.12
C GLY A 556 -18.94 61.41 -34.06
N CYS A 557 -20.15 61.07 -34.49
CA CYS A 557 -21.26 60.89 -33.57
C CYS A 557 -22.16 59.75 -34.01
N SER A 558 -21.76 59.03 -35.06
CA SER A 558 -22.47 57.84 -35.51
C SER A 558 -21.56 56.61 -35.48
N LEU A 559 -22.02 55.56 -34.79
CA LEU A 559 -21.25 54.35 -34.61
C LEU A 559 -21.88 53.17 -35.35
N ARG A 560 -21.13 52.57 -36.26
CA ARG A 560 -21.60 51.40 -36.99
C ARG A 560 -21.45 50.13 -36.16
N LEU A 561 -22.52 49.35 -36.11
CA LEU A 561 -22.51 48.10 -35.36
C LEU A 561 -22.76 46.92 -36.29
N GLN A 562 -21.76 46.06 -36.41
CA GLN A 562 -21.88 44.83 -37.15
C GLN A 562 -21.70 43.68 -36.16
N GLN A 563 -22.58 42.69 -36.22
CA GLN A 563 -22.45 41.52 -35.35
C GLN A 563 -22.04 40.28 -36.14
N GLU A 564 -20.98 39.62 -35.72
CA GLU A 564 -20.51 38.42 -36.40
C GLU A 564 -20.41 37.26 -35.43
N ARG A 565 -20.39 36.04 -35.95
CA ARG A 565 -20.01 34.91 -35.13
C ARG A 565 -18.52 35.03 -34.90
N PHE A 566 -18.10 34.99 -33.64
CA PHE A 566 -16.68 35.05 -33.36
C PHE A 566 -16.04 33.69 -33.56
N LEU A 567 -14.91 33.67 -34.26
CA LEU A 567 -14.14 32.44 -34.45
C LEU A 567 -12.64 32.72 -34.35
N GLN A 568 -11.85 31.65 -34.26
CA GLN A 568 -10.42 31.78 -34.07
C GLN A 568 -9.63 31.13 -35.21
N GLY A 569 -9.75 31.71 -36.41
CA GLY A 569 -8.97 31.31 -37.57
C GLY A 569 -8.84 29.82 -37.82
N GLN A 581 -18.88 32.85 -38.71
CA GLN A 581 -19.37 31.94 -39.74
C GLN A 581 -20.56 32.56 -40.46
N GLU A 582 -21.38 31.69 -41.03
CA GLU A 582 -22.53 32.11 -41.81
C GLU A 582 -23.80 31.43 -41.32
N ARG A 583 -24.64 32.20 -40.61
CA ARG A 583 -26.01 31.79 -40.26
C ARG A 583 -26.39 32.04 -38.78
N TYR A 584 -25.70 32.97 -38.13
CA TYR A 584 -25.93 33.20 -36.70
C TYR A 584 -26.44 34.60 -36.43
N LEU A 585 -27.41 34.70 -35.53
CA LEU A 585 -28.00 35.98 -35.17
C LEU A 585 -28.23 36.02 -33.66
N TRP A 586 -27.81 37.10 -33.00
CA TRP A 586 -27.97 37.21 -31.55
C TRP A 586 -28.73 38.46 -31.09
N HIS A 587 -29.70 38.25 -30.19
CA HIS A 587 -30.41 39.36 -29.54
C HIS A 587 -29.54 39.93 -28.41
N ILE A 588 -28.26 40.10 -28.74
CA ILE A 588 -27.24 40.45 -27.79
C ILE A 588 -27.42 41.87 -27.24
N PRO A 589 -27.73 41.98 -25.93
CA PRO A 589 -27.86 43.28 -25.27
C PRO A 589 -26.56 44.04 -25.36
N LEU A 590 -26.60 45.35 -25.56
CA LEU A 590 -25.36 46.10 -25.59
C LEU A 590 -25.20 47.03 -24.39
N THR A 591 -23.97 47.44 -24.16
CA THR A 591 -23.64 48.39 -23.13
C THR A 591 -22.47 49.20 -23.65
N TYR A 592 -22.24 50.37 -23.05
CA TYR A 592 -21.10 51.19 -23.45
C TYR A 592 -21.04 52.49 -22.66
N SER A 593 -19.82 52.95 -22.40
CA SER A 593 -19.65 54.28 -21.84
C SER A 593 -18.84 55.12 -22.80
N THR A 594 -18.60 56.37 -22.43
CA THR A 594 -17.81 57.26 -23.23
C THR A 594 -16.76 57.90 -22.34
N SER A 595 -15.76 58.52 -22.93
CA SER A 595 -14.72 59.18 -22.15
C SER A 595 -15.34 60.29 -21.30
N SER A 596 -16.50 60.77 -21.75
CA SER A 596 -17.22 61.84 -21.05
C SER A 596 -17.77 61.39 -19.71
N SER A 597 -19.10 61.35 -19.60
CA SER A 597 -19.71 60.92 -18.36
C SER A 597 -19.52 59.42 -18.18
N ASN A 598 -19.21 59.02 -16.96
CA ASN A 598 -19.12 57.62 -16.61
C ASN A 598 -20.51 57.07 -16.31
N VAL A 599 -21.41 57.17 -17.28
CA VAL A 599 -22.75 56.62 -17.12
C VAL A 599 -23.03 55.53 -18.15
N ILE A 600 -23.84 54.55 -17.75
CA ILE A 600 -24.05 53.36 -18.56
C ILE A 600 -25.21 53.49 -19.54
N HIS A 601 -24.85 53.75 -20.79
CA HIS A 601 -25.84 53.77 -21.86
C HIS A 601 -26.09 52.33 -22.31
N ARG A 602 -27.32 51.90 -22.18
CA ARG A 602 -27.72 50.57 -22.62
C ARG A 602 -28.34 50.69 -23.99
N HIS A 603 -28.78 49.56 -24.54
CA HIS A 603 -29.35 49.51 -25.88
C HIS A 603 -29.23 48.08 -26.37
N ILE A 604 -30.36 47.51 -26.75
CA ILE A 604 -30.38 46.11 -27.16
C ILE A 604 -29.76 45.94 -28.55
N LEU A 605 -30.46 45.22 -29.42
CA LEU A 605 -29.99 44.86 -30.75
C LEU A 605 -30.67 43.56 -31.10
N LYS A 606 -31.01 43.37 -32.37
CA LYS A 606 -31.61 42.11 -32.80
C LYS A 606 -31.55 41.92 -34.30
N SER A 607 -30.75 42.75 -34.97
CA SER A 607 -30.61 42.68 -36.42
C SER A 607 -29.15 42.46 -36.82
N LYS A 608 -28.94 41.93 -38.01
CA LYS A 608 -27.59 41.73 -38.54
C LYS A 608 -26.76 43.00 -38.40
N THR A 609 -27.44 44.14 -38.49
CA THR A 609 -26.75 45.40 -38.47
C THR A 609 -27.67 46.55 -38.08
N ASP A 610 -27.11 47.49 -37.31
CA ASP A 610 -27.85 48.66 -36.86
C ASP A 610 -26.84 49.77 -36.66
N THR A 611 -27.30 50.93 -36.20
CA THR A 611 -26.41 52.06 -35.96
C THR A 611 -26.94 52.90 -34.81
N LEU A 612 -26.10 53.79 -34.28
CA LEU A 612 -26.49 54.62 -33.14
C LEU A 612 -25.69 55.91 -33.14
N ASP A 613 -26.28 56.96 -32.57
CA ASP A 613 -25.63 58.27 -32.56
C ASP A 613 -25.13 58.62 -31.16
N LEU A 614 -24.10 59.47 -31.11
CA LEU A 614 -23.47 59.79 -29.85
C LEU A 614 -23.70 61.24 -29.46
N PRO A 615 -24.45 61.46 -28.38
CA PRO A 615 -24.70 62.80 -27.81
C PRO A 615 -23.41 63.50 -27.37
N GLU A 616 -22.67 64.03 -28.35
CA GLU A 616 -21.38 64.71 -28.18
C GLU A 616 -20.22 63.88 -28.76
N LYS A 617 -19.43 64.51 -29.62
CA LYS A 617 -18.20 63.89 -30.11
C LYS A 617 -17.30 63.65 -28.91
N THR A 618 -16.76 62.44 -28.81
CA THR A 618 -15.99 62.05 -27.62
C THR A 618 -14.70 61.32 -27.98
N SER A 619 -13.79 61.23 -27.01
CA SER A 619 -12.51 60.56 -27.20
C SER A 619 -12.71 59.09 -27.59
N TRP A 620 -12.97 58.24 -26.60
CA TRP A 620 -13.21 56.83 -26.85
C TRP A 620 -14.55 56.35 -26.28
N VAL A 621 -15.01 55.20 -26.76
CA VAL A 621 -16.13 54.49 -26.13
C VAL A 621 -15.68 53.08 -25.76
N LYS A 622 -16.31 52.51 -24.74
CA LYS A 622 -16.02 51.14 -24.30
C LYS A 622 -17.31 50.34 -24.11
N PHE A 623 -17.64 49.53 -25.11
CA PHE A 623 -18.82 48.69 -25.06
C PHE A 623 -18.65 47.50 -24.12
N ASN A 624 -19.76 47.09 -23.49
CA ASN A 624 -19.76 45.97 -22.55
C ASN A 624 -19.04 46.31 -21.24
N VAL A 625 -19.62 47.19 -20.44
CA VAL A 625 -18.98 47.62 -19.19
C VAL A 625 -18.92 46.45 -18.21
N ASP A 626 -17.81 46.37 -17.47
CA ASP A 626 -17.65 45.30 -16.49
C ASP A 626 -17.63 43.93 -17.16
N SER A 627 -17.73 43.91 -18.48
CA SER A 627 -17.70 42.67 -19.27
C SER A 627 -18.84 41.71 -18.94
N ASN A 628 -19.92 42.27 -18.40
CA ASN A 628 -21.08 41.49 -17.95
C ASN A 628 -21.85 40.80 -19.07
N GLY A 629 -21.37 40.96 -20.30
CA GLY A 629 -22.08 40.45 -21.47
C GLY A 629 -21.29 39.41 -22.22
N TYR A 630 -21.99 38.40 -22.72
CA TYR A 630 -21.31 37.29 -23.38
C TYR A 630 -21.08 37.56 -24.85
N TYR A 631 -20.10 38.40 -25.13
CA TYR A 631 -19.75 38.76 -26.49
C TYR A 631 -18.43 39.51 -26.51
N ILE A 632 -17.90 39.75 -27.70
CA ILE A 632 -16.64 40.47 -27.87
C ILE A 632 -16.85 41.75 -28.66
N VAL A 633 -16.04 42.78 -28.36
CA VAL A 633 -16.04 44.00 -29.16
C VAL A 633 -14.70 44.23 -29.86
N HIS A 634 -14.75 44.46 -31.17
CA HIS A 634 -13.59 44.83 -31.96
C HIS A 634 -13.67 46.32 -32.24
N TYR A 635 -12.56 47.01 -32.07
CA TYR A 635 -12.53 48.45 -32.32
C TYR A 635 -11.73 48.83 -33.56
N GLU A 636 -12.43 48.93 -34.70
CA GLU A 636 -11.81 49.47 -35.91
C GLU A 636 -11.89 50.99 -35.93
N GLY A 637 -11.07 51.60 -36.77
CA GLY A 637 -10.79 53.01 -36.66
C GLY A 637 -9.71 53.15 -35.61
N HIS A 638 -9.55 54.35 -35.08
CA HIS A 638 -8.55 54.55 -34.05
C HIS A 638 -9.13 54.13 -32.72
N GLY A 639 -10.28 53.46 -32.79
CA GLY A 639 -10.98 52.99 -31.61
C GLY A 639 -10.08 52.24 -30.65
N TRP A 640 -9.31 51.30 -31.19
CA TRP A 640 -8.40 50.49 -30.37
C TRP A 640 -7.27 51.31 -29.78
N ASP A 641 -6.60 52.08 -30.64
CA ASP A 641 -5.47 52.90 -30.23
C ASP A 641 -5.88 53.92 -29.17
N GLN A 642 -7.07 54.49 -29.34
CA GLN A 642 -7.55 55.49 -28.40
C GLN A 642 -7.65 54.90 -27.00
N LEU A 643 -8.25 53.73 -26.91
CA LEU A 643 -8.42 53.06 -25.62
C LEU A 643 -7.08 52.73 -24.98
N ILE A 644 -6.15 52.21 -25.77
CA ILE A 644 -4.84 51.82 -25.28
C ILE A 644 -4.03 52.99 -24.71
N THR A 645 -4.08 54.14 -25.37
CA THR A 645 -3.34 55.30 -24.89
C THR A 645 -3.98 55.83 -23.63
N GLN A 646 -5.29 55.65 -23.54
CA GLN A 646 -6.03 56.02 -22.35
C GLN A 646 -5.46 55.23 -21.18
N LEU A 647 -5.09 53.98 -21.45
CA LEU A 647 -4.56 53.08 -20.43
C LEU A 647 -3.19 53.51 -19.91
N ASN A 648 -2.41 54.16 -20.78
CA ASN A 648 -1.07 54.58 -20.40
C ASN A 648 -1.06 55.92 -19.72
N GLN A 649 -2.07 56.74 -20.02
CA GLN A 649 -2.21 58.05 -19.37
C GLN A 649 -2.86 57.91 -18.00
N ASN A 650 -4.17 58.11 -17.94
CA ASN A 650 -4.88 57.91 -16.68
C ASN A 650 -5.79 56.69 -16.84
N HIS A 651 -5.28 55.51 -16.48
CA HIS A 651 -6.00 54.26 -16.70
C HIS A 651 -7.21 54.08 -15.78
N THR A 652 -7.16 54.76 -14.64
CA THR A 652 -8.20 54.67 -13.64
C THR A 652 -9.52 55.21 -14.17
N LEU A 653 -9.44 55.94 -15.28
CA LEU A 653 -10.64 56.42 -15.94
C LEU A 653 -11.37 55.29 -16.65
N LEU A 654 -10.88 54.07 -16.43
CA LEU A 654 -11.50 52.87 -16.97
C LEU A 654 -11.87 51.88 -15.86
N ARG A 655 -13.09 51.36 -15.92
CA ARG A 655 -13.53 50.33 -14.99
C ARG A 655 -12.51 49.17 -14.95
N PRO A 656 -12.21 48.67 -13.75
CA PRO A 656 -11.18 47.65 -13.53
C PRO A 656 -11.58 46.31 -14.16
N LYS A 657 -12.85 46.18 -14.50
CA LYS A 657 -13.34 45.02 -15.23
C LYS A 657 -13.34 45.34 -16.71
N ASP A 658 -13.45 46.63 -17.02
CA ASP A 658 -13.27 47.11 -18.38
C ASP A 658 -11.82 46.88 -18.75
N ARG A 659 -10.92 47.33 -17.90
CA ARG A 659 -9.51 47.04 -18.07
C ARG A 659 -9.31 45.55 -18.32
N VAL A 660 -9.59 44.75 -17.31
CA VAL A 660 -9.57 43.29 -17.41
C VAL A 660 -10.20 42.78 -18.71
N GLY A 661 -11.43 43.18 -18.96
CA GLY A 661 -12.12 42.77 -20.17
C GLY A 661 -11.34 43.15 -21.41
N LEU A 662 -10.87 44.39 -21.44
CA LEU A 662 -10.11 44.90 -22.57
C LEU A 662 -8.92 44.01 -22.90
N ILE A 663 -8.01 43.91 -21.94
CA ILE A 663 -6.90 42.99 -22.01
C ILE A 663 -7.32 41.72 -22.72
N HIS A 664 -8.43 41.14 -22.25
CA HIS A 664 -8.93 39.87 -22.77
C HIS A 664 -9.17 39.91 -24.27
N ASP A 665 -10.00 40.84 -24.70
CA ASP A 665 -10.40 40.94 -26.09
C ASP A 665 -9.21 41.23 -26.98
N VAL A 666 -8.38 42.17 -26.57
CA VAL A 666 -7.21 42.56 -27.36
C VAL A 666 -6.44 41.33 -27.85
N PHE A 667 -6.09 40.47 -26.91
CA PHE A 667 -5.31 39.28 -27.21
C PHE A 667 -6.12 38.24 -27.96
N GLN A 668 -7.43 38.30 -27.83
CA GLN A 668 -8.27 37.34 -28.52
C GLN A 668 -8.37 37.72 -29.98
N LEU A 669 -8.49 39.00 -30.24
CA LEU A 669 -8.60 39.49 -31.62
C LEU A 669 -7.30 39.23 -32.35
N VAL A 670 -6.20 39.22 -31.61
CA VAL A 670 -4.89 38.91 -32.20
C VAL A 670 -4.93 37.47 -32.72
N GLY A 671 -5.67 36.61 -32.03
CA GLY A 671 -5.87 35.24 -32.49
C GLY A 671 -6.91 35.19 -33.59
N ALA A 672 -7.86 36.12 -33.53
CA ALA A 672 -8.91 36.22 -34.55
C ALA A 672 -8.30 36.63 -35.89
N GLY A 673 -7.16 37.32 -35.82
CA GLY A 673 -6.51 37.84 -37.00
C GLY A 673 -6.85 39.31 -37.23
N ARG A 674 -7.86 39.80 -36.51
CA ARG A 674 -8.35 41.16 -36.68
C ARG A 674 -7.38 42.21 -36.15
N LEU A 675 -6.58 41.84 -35.15
CA LEU A 675 -5.53 42.71 -34.67
C LEU A 675 -4.17 42.08 -34.88
N THR A 676 -3.13 42.88 -34.70
CA THR A 676 -1.77 42.39 -34.81
C THR A 676 -1.07 42.38 -33.43
N LEU A 677 -0.21 41.40 -33.22
CA LEU A 677 0.31 41.10 -31.87
C LEU A 677 0.91 42.29 -31.12
N ASP A 678 1.52 43.20 -31.85
CA ASP A 678 2.17 44.36 -31.24
C ASP A 678 1.18 45.21 -30.44
N LYS A 679 -0.04 45.31 -30.94
CA LYS A 679 -1.06 46.15 -30.31
C LYS A 679 -1.31 45.66 -28.88
N ALA A 680 -1.52 44.36 -28.76
CA ALA A 680 -1.77 43.72 -27.48
C ALA A 680 -0.56 43.87 -26.55
N LEU A 681 0.59 43.38 -27.01
CA LEU A 681 1.85 43.51 -26.27
C LEU A 681 2.04 44.94 -25.78
N ASP A 682 1.49 45.89 -26.52
CA ASP A 682 1.67 47.30 -26.20
C ASP A 682 0.70 47.72 -25.10
N MET A 683 -0.40 47.01 -25.01
CA MET A 683 -1.32 47.26 -23.92
C MET A 683 -0.58 46.94 -22.64
N THR A 684 0.24 45.90 -22.69
CA THR A 684 0.90 45.39 -21.49
C THR A 684 1.93 46.33 -20.89
N TYR A 685 2.02 47.54 -21.42
CA TYR A 685 2.98 48.47 -20.88
C TYR A 685 2.42 49.11 -19.63
N TYR A 686 1.16 49.50 -19.69
CA TYR A 686 0.53 50.19 -18.57
C TYR A 686 0.48 49.30 -17.32
N LEU A 687 0.85 48.04 -17.48
CA LEU A 687 0.75 47.09 -16.37
C LEU A 687 1.63 47.46 -15.19
N GLN A 688 2.62 48.29 -15.43
CA GLN A 688 3.48 48.77 -14.35
C GLN A 688 2.74 49.77 -13.47
N HIS A 689 1.57 50.20 -13.92
CA HIS A 689 0.74 51.14 -13.14
C HIS A 689 -0.46 50.39 -12.55
N GLU A 690 -0.78 49.24 -13.12
CA GLU A 690 -1.96 48.48 -12.74
C GLU A 690 -1.87 47.92 -11.33
N THR A 691 -2.82 48.27 -10.49
CA THR A 691 -2.88 47.77 -9.12
C THR A 691 -4.06 46.81 -8.90
N SER A 692 -5.00 46.79 -9.84
CA SER A 692 -6.06 45.80 -9.86
C SER A 692 -5.44 44.46 -10.24
N SER A 693 -5.13 43.64 -9.24
CA SER A 693 -4.51 42.35 -9.48
C SER A 693 -5.26 41.55 -10.54
N PRO A 694 -6.60 41.55 -10.48
CA PRO A 694 -7.39 40.99 -11.56
C PRO A 694 -6.75 41.23 -12.94
N ALA A 695 -6.66 42.49 -13.32
CA ALA A 695 -6.03 42.85 -14.58
C ALA A 695 -4.55 42.51 -14.58
N LEU A 696 -3.82 43.00 -13.58
CA LEU A 696 -2.38 42.77 -13.50
C LEU A 696 -2.04 41.31 -13.74
N LEU A 697 -2.83 40.42 -13.13
CA LEU A 697 -2.62 38.99 -13.27
C LEU A 697 -3.04 38.46 -14.64
N GLU A 698 -4.14 38.97 -15.17
CA GLU A 698 -4.57 38.56 -16.50
C GLU A 698 -3.52 38.95 -17.55
N GLY A 699 -3.08 40.20 -17.51
CA GLY A 699 -2.05 40.64 -18.43
C GLY A 699 -0.89 39.68 -18.31
N LEU A 700 -0.30 39.66 -17.12
CA LEU A 700 0.78 38.74 -16.80
C LEU A 700 0.50 37.32 -17.27
N SER A 701 -0.75 36.89 -17.20
CA SER A 701 -1.12 35.54 -17.58
C SER A 701 -0.78 35.25 -19.03
N TYR A 702 -0.99 36.24 -19.89
CA TYR A 702 -0.79 36.09 -21.32
C TYR A 702 0.68 36.08 -21.66
N LEU A 703 1.40 37.06 -21.13
CA LEU A 703 2.84 37.09 -21.27
C LEU A 703 3.38 35.75 -20.84
N GLU A 704 2.91 35.27 -19.69
CA GLU A 704 3.30 33.98 -19.13
C GLU A 704 3.03 32.89 -20.14
N SER A 705 1.85 32.94 -20.75
CA SER A 705 1.43 31.94 -21.73
C SER A 705 2.36 31.83 -22.93
N PHE A 706 2.89 32.96 -23.37
CA PHE A 706 3.75 33.00 -24.54
C PHE A 706 5.10 32.35 -24.28
N TYR A 707 5.74 32.77 -23.18
CA TYR A 707 6.96 32.12 -22.71
C TYR A 707 6.82 30.59 -22.73
N HIS A 708 5.68 30.09 -22.27
CA HIS A 708 5.46 28.65 -22.19
C HIS A 708 5.37 28.01 -23.56
N MET A 709 4.74 28.72 -24.50
CA MET A 709 4.70 28.25 -25.88
C MET A 709 6.12 28.15 -26.38
N MET A 710 6.86 29.24 -26.20
CA MET A 710 8.22 29.31 -26.70
C MET A 710 9.05 28.21 -26.10
N ASP A 711 8.81 27.90 -24.84
CA ASP A 711 9.67 26.98 -24.10
C ASP A 711 9.50 25.53 -24.55
N ARG A 712 8.24 25.10 -24.73
CA ARG A 712 7.94 23.76 -25.20
C ARG A 712 8.63 23.51 -26.53
N ARG A 713 8.18 24.21 -27.57
CA ARG A 713 8.96 24.30 -28.79
C ARG A 713 10.31 24.81 -28.34
N ASN A 714 11.37 24.50 -29.05
CA ASN A 714 12.68 24.86 -28.54
C ASN A 714 12.96 26.37 -28.55
N ILE A 715 12.12 27.14 -29.26
CA ILE A 715 12.32 28.58 -29.52
C ILE A 715 13.08 29.42 -28.47
N SER A 716 14.36 29.12 -28.30
CA SER A 716 15.16 29.63 -27.18
C SER A 716 15.28 31.14 -27.15
N ASP A 717 15.35 31.74 -28.33
CA ASP A 717 15.61 33.16 -28.44
C ASP A 717 14.44 34.00 -27.91
N ILE A 718 13.22 33.65 -28.30
CA ILE A 718 12.06 34.37 -27.82
C ILE A 718 11.81 34.11 -26.34
N SER A 719 11.76 32.84 -25.98
CA SER A 719 11.50 32.46 -24.59
C SER A 719 12.50 33.07 -23.60
N GLU A 720 13.68 33.42 -24.08
CA GLU A 720 14.70 33.92 -23.18
C GLU A 720 14.63 35.43 -23.06
N ASN A 721 14.11 36.08 -24.10
CA ASN A 721 13.93 37.52 -24.08
C ASN A 721 12.62 37.84 -23.40
N LEU A 722 11.73 36.86 -23.46
CA LEU A 722 10.45 36.96 -22.78
C LEU A 722 10.68 36.79 -21.28
N LYS A 723 11.47 35.78 -20.92
CA LYS A 723 11.91 35.62 -19.53
C LYS A 723 12.52 36.92 -19.03
N ARG A 724 13.36 37.52 -19.85
CA ARG A 724 14.04 38.76 -19.46
C ARG A 724 13.08 39.95 -19.37
N TYR A 725 12.17 40.05 -20.33
CA TYR A 725 11.22 41.15 -20.31
C TYR A 725 10.32 41.02 -19.11
N LEU A 726 10.12 39.78 -18.67
CA LEU A 726 9.24 39.49 -17.54
C LEU A 726 9.92 39.77 -16.21
N LEU A 727 11.16 39.33 -16.08
CA LEU A 727 11.94 39.62 -14.88
C LEU A 727 12.15 41.12 -14.70
N GLN A 728 12.56 41.80 -15.76
CA GLN A 728 12.96 43.21 -15.70
C GLN A 728 11.78 44.13 -15.42
N TYR A 729 10.83 44.15 -16.34
CA TYR A 729 9.55 44.76 -16.07
C TYR A 729 9.00 43.92 -14.93
N PHE A 730 8.15 44.49 -14.08
CA PHE A 730 7.52 43.72 -13.01
C PHE A 730 8.44 43.39 -11.85
N LYS A 731 9.75 43.53 -12.05
CA LYS A 731 10.70 43.37 -10.95
C LYS A 731 10.39 44.30 -9.76
N PRO A 732 9.78 45.47 -10.04
CA PRO A 732 9.28 46.34 -8.97
C PRO A 732 8.38 45.57 -8.03
N VAL A 733 7.29 45.07 -8.61
CA VAL A 733 6.27 44.39 -7.85
C VAL A 733 6.75 43.01 -7.40
N ILE A 734 7.47 42.30 -8.26
CA ILE A 734 8.05 41.01 -7.88
C ILE A 734 8.87 41.13 -6.61
N ASP A 735 9.68 42.17 -6.53
CA ASP A 735 10.57 42.35 -5.38
C ASP A 735 9.82 42.91 -4.19
N ARG A 736 8.56 43.29 -4.41
CA ARG A 736 7.68 43.76 -3.34
C ARG A 736 6.95 42.63 -2.58
N GLN A 737 7.18 41.38 -2.95
CA GLN A 737 6.40 40.28 -2.41
C GLN A 737 7.06 39.61 -1.22
N SER A 738 6.27 39.36 -0.18
CA SER A 738 6.77 38.74 1.04
C SER A 738 6.52 37.24 1.06
N TRP A 739 7.52 36.46 1.43
CA TRP A 739 7.32 35.03 1.59
C TRP A 739 6.52 34.71 2.85
N SER A 740 5.32 35.30 2.94
CA SER A 740 4.43 35.13 4.09
C SER A 740 3.01 34.91 3.60
N ASP A 741 2.04 34.97 4.51
CA ASP A 741 0.65 34.78 4.13
C ASP A 741 -0.24 35.93 4.55
N LYS A 742 0.30 37.15 4.54
CA LYS A 742 -0.49 38.29 4.95
C LYS A 742 -1.13 39.01 3.76
N GLY A 743 -2.17 39.81 4.01
CA GLY A 743 -2.84 40.55 2.95
C GLY A 743 -4.20 39.96 2.59
N SER A 744 -4.96 40.67 1.77
CA SER A 744 -6.27 40.18 1.31
C SER A 744 -6.09 38.95 0.41
N VAL A 745 -7.20 38.41 -0.08
CA VAL A 745 -7.11 37.23 -0.93
C VAL A 745 -6.30 37.48 -2.20
N TRP A 746 -6.69 38.50 -2.95
CA TRP A 746 -5.96 38.88 -4.16
C TRP A 746 -4.51 39.22 -3.84
N ASP A 747 -4.28 39.82 -2.68
CA ASP A 747 -2.94 40.15 -2.27
C ASP A 747 -2.13 38.88 -2.09
N ARG A 748 -2.78 37.84 -1.61
CA ARG A 748 -2.14 36.54 -1.45
C ARG A 748 -2.02 35.89 -2.82
N MET A 749 -3.12 35.92 -3.56
CA MET A 749 -3.11 35.33 -4.89
C MET A 749 -2.00 35.94 -5.73
N LEU A 750 -1.92 37.26 -5.75
CA LEU A 750 -0.89 37.97 -6.47
C LEU A 750 0.50 37.53 -6.04
N ARG A 751 0.71 37.44 -4.73
CA ARG A 751 1.98 36.98 -4.20
C ARG A 751 2.43 35.65 -4.79
N SER A 752 1.55 34.66 -4.72
CA SER A 752 1.87 33.31 -5.20
C SER A 752 2.10 33.33 -6.69
N ALA A 753 1.23 34.04 -7.39
CA ALA A 753 1.39 34.30 -8.80
C ALA A 753 2.82 34.72 -9.11
N LEU A 754 3.18 35.91 -8.64
CA LEU A 754 4.48 36.50 -8.94
C LEU A 754 5.64 35.61 -8.52
N LEU A 755 5.72 35.29 -7.23
CA LEU A 755 6.79 34.45 -6.73
C LEU A 755 6.97 33.15 -7.51
N LYS A 756 5.90 32.60 -8.07
CA LYS A 756 6.02 31.46 -8.96
C LYS A 756 6.68 31.87 -10.27
N LEU A 757 6.07 32.84 -10.96
CA LEU A 757 6.65 33.40 -12.18
C LEU A 757 8.15 33.61 -12.03
N ALA A 758 8.54 34.10 -10.85
CA ALA A 758 9.94 34.38 -10.56
C ALA A 758 10.77 33.11 -10.48
N CYS A 759 10.31 32.15 -9.70
CA CYS A 759 11.09 30.95 -9.52
C CYS A 759 11.07 30.15 -10.81
N ASP A 760 9.95 30.16 -11.50
CA ASP A 760 9.83 29.46 -12.77
C ASP A 760 10.83 30.01 -13.77
N LEU A 761 11.08 31.31 -13.70
CA LEU A 761 11.99 31.97 -14.63
C LEU A 761 13.43 32.00 -14.13
N ASN A 762 13.67 31.40 -12.97
CA ASN A 762 15.03 31.24 -12.46
C ASN A 762 15.66 32.48 -11.84
N HIS A 763 14.83 33.42 -11.39
CA HIS A 763 15.33 34.60 -10.70
C HIS A 763 16.15 34.18 -9.48
N ALA A 764 17.47 34.13 -9.68
CA ALA A 764 18.41 33.64 -8.66
C ALA A 764 18.01 33.86 -7.21
N PRO A 765 17.63 35.10 -6.84
CA PRO A 765 17.29 35.38 -5.44
C PRO A 765 16.20 34.45 -4.95
N CYS A 766 14.99 34.69 -5.45
CA CYS A 766 13.82 33.88 -5.13
C CYS A 766 14.14 32.37 -5.08
N ILE A 767 14.64 31.84 -6.18
CA ILE A 767 14.92 30.41 -6.27
C ILE A 767 15.96 29.95 -5.23
N GLN A 768 16.69 30.89 -4.67
CA GLN A 768 17.61 30.59 -3.58
C GLN A 768 16.84 30.55 -2.24
N LYS A 769 16.02 31.56 -2.01
CA LYS A 769 15.18 31.64 -0.81
C LYS A 769 14.27 30.43 -0.70
N ALA A 770 13.61 30.09 -1.80
CA ALA A 770 12.76 28.91 -1.86
C ALA A 770 13.58 27.69 -1.50
N ALA A 771 14.69 27.52 -2.23
CA ALA A 771 15.66 26.48 -1.94
C ALA A 771 15.93 26.36 -0.43
N GLU A 772 16.04 27.53 0.22
CA GLU A 772 16.34 27.60 1.64
C GLU A 772 15.22 27.03 2.50
N LEU A 773 14.04 27.62 2.38
CA LEU A 773 12.89 27.17 3.15
C LEU A 773 12.74 25.66 3.10
N PHE A 774 12.99 25.08 1.94
CA PHE A 774 12.83 23.64 1.76
C PHE A 774 13.86 22.85 2.53
N SER A 775 15.13 23.06 2.21
CA SER A 775 16.20 22.40 2.94
C SER A 775 16.00 22.56 4.45
N GLN A 776 15.44 23.70 4.84
CA GLN A 776 15.11 23.98 6.23
C GLN A 776 13.99 23.05 6.68
N TRP A 777 12.85 23.15 6.00
CA TRP A 777 11.71 22.31 6.30
C TRP A 777 12.08 20.83 6.31
N MET A 778 12.85 20.40 5.33
CA MET A 778 13.19 18.99 5.21
C MET A 778 14.11 18.53 6.33
N GLU A 779 15.16 19.29 6.57
CA GLU A 779 16.15 18.94 7.57
C GLU A 779 15.64 19.23 8.98
N SER A 780 14.65 20.11 9.09
CA SER A 780 13.96 20.31 10.37
C SER A 780 12.91 19.21 10.54
N SER A 781 12.98 18.21 9.66
CA SER A 781 12.04 17.10 9.65
C SER A 781 10.57 17.53 9.76
N GLY A 782 10.15 18.44 8.88
CA GLY A 782 8.77 18.86 8.79
C GLY A 782 8.32 19.85 9.85
N LYS A 783 9.16 20.05 10.85
CA LYS A 783 8.83 20.95 11.97
C LYS A 783 8.62 22.38 11.50
N LEU A 784 9.50 22.86 10.63
CA LEU A 784 9.41 24.22 10.09
C LEU A 784 8.15 24.41 9.27
N ASN A 785 7.53 25.58 9.38
CA ASN A 785 6.32 25.86 8.64
C ASN A 785 6.53 26.78 7.44
N ILE A 786 6.47 26.19 6.24
CA ILE A 786 6.40 26.97 5.02
C ILE A 786 5.02 27.59 4.93
N PRO A 787 4.95 28.89 4.66
CA PRO A 787 3.69 29.58 4.42
C PRO A 787 2.92 28.94 3.27
N THR A 788 1.64 28.70 3.47
CA THR A 788 0.84 27.99 2.48
C THR A 788 0.95 28.64 1.10
N ASP A 789 1.18 29.94 1.07
CA ASP A 789 1.20 30.64 -0.21
C ASP A 789 2.42 30.26 -1.03
N VAL A 790 3.56 30.13 -0.37
CA VAL A 790 4.78 29.81 -1.07
C VAL A 790 5.01 28.30 -1.06
N LEU A 791 4.04 27.59 -0.53
CA LEU A 791 4.17 26.16 -0.26
C LEU A 791 4.53 25.38 -1.52
N LYS A 792 3.70 25.51 -2.54
CA LYS A 792 3.91 24.80 -3.80
C LYS A 792 5.27 25.17 -4.33
N ILE A 793 5.56 26.47 -4.29
CA ILE A 793 6.81 27.00 -4.83
C ILE A 793 8.03 26.31 -4.23
N VAL A 794 8.07 26.25 -2.90
CA VAL A 794 9.16 25.63 -2.20
C VAL A 794 9.28 24.16 -2.56
N TYR A 795 8.17 23.45 -2.45
CA TYR A 795 8.13 22.03 -2.75
C TYR A 795 8.62 21.77 -4.17
N SER A 796 8.16 22.59 -5.10
CA SER A 796 8.50 22.41 -6.51
C SER A 796 9.96 22.73 -6.73
N VAL A 797 10.51 23.64 -5.93
CA VAL A 797 11.94 23.93 -6.00
C VAL A 797 12.72 22.74 -5.47
N GLY A 798 12.46 22.40 -4.21
CA GLY A 798 13.22 21.37 -3.54
C GLY A 798 13.21 20.07 -4.29
N ALA A 799 12.35 19.99 -5.30
CA ALA A 799 12.14 18.76 -6.06
C ALA A 799 13.17 18.58 -7.16
N GLN A 800 14.03 19.57 -7.34
CA GLN A 800 15.04 19.53 -8.40
C GLN A 800 16.21 18.58 -8.05
N THR A 801 16.55 18.50 -6.77
CA THR A 801 17.49 17.49 -6.31
C THR A 801 16.78 16.16 -6.14
N THR A 802 17.46 15.07 -6.52
CA THR A 802 16.89 13.74 -6.32
C THR A 802 16.76 13.48 -4.82
N ALA A 803 17.49 14.26 -4.02
CA ALA A 803 17.40 14.18 -2.58
C ALA A 803 16.05 14.67 -2.07
N GLY A 804 15.64 15.83 -2.58
CA GLY A 804 14.37 16.41 -2.20
C GLY A 804 13.19 15.67 -2.78
N TRP A 805 13.25 15.38 -4.06
CA TRP A 805 12.17 14.67 -4.74
C TRP A 805 11.80 13.40 -3.99
N ASN A 806 12.82 12.69 -3.52
CA ASN A 806 12.61 11.43 -2.84
C ASN A 806 12.05 11.63 -1.44
N TYR A 807 12.29 12.80 -0.87
CA TYR A 807 11.72 13.12 0.42
C TYR A 807 10.26 13.51 0.27
N LEU A 808 9.90 14.12 -0.87
CA LEU A 808 8.55 14.64 -1.08
C LEU A 808 7.56 13.53 -1.40
N LEU A 809 8.04 12.52 -2.12
CA LEU A 809 7.21 11.38 -2.43
C LEU A 809 7.00 10.57 -1.16
N GLU A 810 8.07 10.48 -0.38
CA GLU A 810 8.01 9.84 0.93
C GLU A 810 7.07 10.64 1.81
N GLN A 811 7.22 11.96 1.77
CA GLN A 811 6.40 12.87 2.55
C GLN A 811 4.93 12.80 2.13
N TYR A 812 4.72 12.56 0.83
CA TYR A 812 3.38 12.53 0.22
C TYR A 812 2.52 11.45 0.84
N GLU A 813 3.06 10.25 1.00
CA GLU A 813 2.28 9.12 1.51
C GLU A 813 1.85 9.28 2.95
N LEU A 814 2.69 9.91 3.77
CA LEU A 814 2.40 10.03 5.19
C LEU A 814 1.43 11.16 5.48
N SER A 815 1.44 12.18 4.63
CA SER A 815 0.57 13.36 4.76
C SER A 815 -0.91 13.07 5.08
N MET A 816 -1.51 13.90 5.95
CA MET A 816 -2.93 13.80 6.25
C MET A 816 -3.73 14.90 5.56
N SER A 817 -3.08 15.67 4.70
CA SER A 817 -3.73 16.80 4.05
C SER A 817 -3.85 16.54 2.57
N SER A 818 -5.06 16.20 2.14
CA SER A 818 -5.39 16.14 0.73
C SER A 818 -4.76 17.33 0.00
N ALA A 819 -4.92 18.52 0.59
CA ALA A 819 -4.38 19.76 0.03
C ALA A 819 -2.86 19.76 -0.10
N GLU A 820 -2.16 19.31 0.93
CA GLU A 820 -0.70 19.22 0.86
C GLU A 820 -0.29 18.22 -0.21
N GLN A 821 -0.94 17.07 -0.23
CA GLN A 821 -0.57 16.04 -1.18
C GLN A 821 -0.64 16.61 -2.57
N ASN A 822 -1.81 17.14 -2.90
CA ASN A 822 -1.97 17.85 -4.14
C ASN A 822 -0.72 18.64 -4.49
N LYS A 823 -0.33 19.56 -3.62
CA LYS A 823 0.83 20.41 -3.86
C LYS A 823 2.16 19.66 -4.01
N ILE A 824 2.40 18.67 -3.16
CA ILE A 824 3.56 17.79 -3.32
C ILE A 824 3.56 17.21 -4.72
N LEU A 825 2.49 16.51 -5.06
CA LEU A 825 2.39 15.86 -6.36
C LEU A 825 2.70 16.86 -7.43
N TYR A 826 2.09 18.04 -7.37
CA TYR A 826 2.45 19.05 -8.33
C TYR A 826 3.98 19.20 -8.38
N ALA A 827 4.57 19.50 -7.22
CA ALA A 827 6.00 19.76 -7.12
C ALA A 827 6.78 18.59 -7.67
N LEU A 828 6.20 17.40 -7.61
CA LEU A 828 6.81 16.21 -8.19
C LEU A 828 6.84 16.27 -9.72
N SER A 829 5.89 16.98 -10.32
CA SER A 829 5.78 17.05 -11.78
C SER A 829 6.67 18.11 -12.35
N THR A 830 7.49 18.72 -11.48
CA THR A 830 8.41 19.76 -11.91
C THR A 830 9.85 19.27 -11.97
N SER A 831 10.04 17.95 -11.95
CA SER A 831 11.36 17.37 -12.10
C SER A 831 11.72 17.34 -13.57
N LYS A 832 13.00 17.20 -13.89
CA LYS A 832 13.47 17.18 -15.27
C LYS A 832 13.94 15.81 -15.73
N HIS A 833 13.85 14.83 -14.82
CA HIS A 833 14.25 13.45 -15.08
C HIS A 833 13.08 12.64 -15.59
N GLN A 834 13.19 12.15 -16.82
CA GLN A 834 12.10 11.42 -17.46
C GLN A 834 11.50 10.32 -16.58
N GLU A 835 12.32 9.38 -16.12
CA GLU A 835 11.80 8.28 -15.32
C GLU A 835 11.07 8.75 -14.07
N LYS A 836 11.66 9.74 -13.38
CA LYS A 836 11.04 10.36 -12.20
C LYS A 836 9.57 10.65 -12.45
N LEU A 837 9.29 11.37 -13.52
CA LEU A 837 7.92 11.71 -13.91
C LEU A 837 7.18 10.46 -14.33
N LEU A 838 7.81 9.71 -15.23
CA LEU A 838 7.28 8.42 -15.66
C LEU A 838 6.78 7.62 -14.45
N LYS A 839 7.63 7.51 -13.44
CA LYS A 839 7.27 6.85 -12.21
CA LYS A 839 7.26 6.86 -12.19
C LYS A 839 5.89 7.34 -11.75
N LEU A 840 5.79 8.64 -11.49
CA LEU A 840 4.53 9.25 -11.09
C LEU A 840 3.37 8.70 -11.91
N ILE A 841 3.46 8.87 -13.22
CA ILE A 841 2.38 8.45 -14.12
C ILE A 841 2.02 6.99 -13.89
N GLU A 842 3.02 6.19 -13.62
CA GLU A 842 2.79 4.77 -13.40
C GLU A 842 2.14 4.52 -12.04
N LEU A 843 2.62 5.22 -11.02
CA LEU A 843 1.99 5.15 -9.72
C LEU A 843 0.52 5.57 -9.78
N GLY A 844 0.17 6.33 -10.81
CA GLY A 844 -1.20 6.74 -10.99
C GLY A 844 -2.02 5.58 -11.51
N MET A 845 -1.44 4.85 -12.44
CA MET A 845 -2.03 3.59 -12.86
C MET A 845 -2.25 2.74 -11.62
N GLU A 846 -1.16 2.27 -11.00
CA GLU A 846 -1.21 1.51 -9.75
C GLU A 846 -2.40 1.92 -8.91
N GLY A 847 -2.41 3.19 -8.49
CA GLY A 847 -3.54 3.74 -7.77
C GLY A 847 -3.55 3.37 -6.30
N LYS A 848 -2.43 2.84 -5.81
CA LYS A 848 -2.30 2.47 -4.40
C LYS A 848 -1.59 3.57 -3.62
N VAL A 849 -0.58 4.16 -4.25
CA VAL A 849 0.14 5.27 -3.64
C VAL A 849 -0.50 6.61 -3.98
N ILE A 850 -0.76 6.80 -5.27
CA ILE A 850 -1.42 7.98 -5.77
C ILE A 850 -2.75 7.56 -6.35
N LYS A 851 -3.86 7.99 -5.73
CA LYS A 851 -5.20 7.56 -6.14
C LYS A 851 -5.43 7.82 -7.62
N THR A 852 -6.11 6.89 -8.28
CA THR A 852 -6.31 6.97 -9.71
C THR A 852 -7.06 8.25 -10.05
N GLN A 853 -7.92 8.69 -9.15
CA GLN A 853 -8.72 9.86 -9.41
C GLN A 853 -7.85 11.03 -9.84
N ASN A 854 -6.58 10.99 -9.45
CA ASN A 854 -5.64 12.05 -9.80
C ASN A 854 -4.97 11.85 -11.15
N LEU A 855 -5.18 10.69 -11.73
CA LEU A 855 -4.42 10.31 -12.91
C LEU A 855 -4.51 11.37 -14.01
N ALA A 856 -5.71 11.86 -14.25
CA ALA A 856 -5.86 12.89 -15.26
C ALA A 856 -5.08 14.13 -14.84
N ALA A 857 -5.57 14.86 -13.84
CA ALA A 857 -4.87 16.04 -13.34
C ALA A 857 -3.36 15.92 -13.43
N LEU A 858 -2.84 14.78 -12.97
CA LEU A 858 -1.41 14.52 -12.93
C LEU A 858 -0.77 14.51 -14.32
N LEU A 859 -1.26 13.63 -15.17
CA LEU A 859 -0.89 13.61 -16.59
C LEU A 859 -0.88 15.01 -17.17
N HIS A 860 -2.00 15.72 -17.04
CA HIS A 860 -2.08 17.07 -17.57
C HIS A 860 -0.88 17.91 -17.15
N ALA A 861 -0.48 17.75 -15.89
CA ALA A 861 0.60 18.53 -15.32
C ALA A 861 1.91 18.29 -16.05
N ILE A 862 2.17 17.02 -16.35
CA ILE A 862 3.45 16.61 -16.91
C ILE A 862 3.52 16.97 -18.37
N ALA A 863 2.42 16.73 -19.08
CA ALA A 863 2.34 17.15 -20.47
C ALA A 863 2.61 18.64 -20.62
N ARG A 864 2.35 19.43 -19.59
CA ARG A 864 2.59 20.86 -19.66
C ARG A 864 4.09 21.17 -19.75
N ARG A 865 4.87 20.59 -18.85
CA ARG A 865 6.32 20.79 -18.81
C ARG A 865 6.93 20.36 -20.14
N PRO A 866 7.93 21.10 -20.64
CA PRO A 866 8.56 20.76 -21.91
C PRO A 866 9.14 19.36 -21.86
N LYS A 867 9.83 19.04 -20.75
CA LYS A 867 10.38 17.70 -20.56
C LYS A 867 9.37 16.59 -20.81
N GLY A 868 8.20 16.72 -20.19
CA GLY A 868 7.24 15.64 -20.18
C GLY A 868 6.13 15.65 -21.22
N GLN A 869 6.08 16.69 -22.06
CA GLN A 869 5.00 16.77 -23.03
C GLN A 869 4.99 15.53 -23.91
N GLN A 870 6.18 15.01 -24.18
CA GLN A 870 6.30 13.78 -24.96
C GLN A 870 5.91 12.55 -24.15
N LEU A 871 6.67 12.26 -23.10
CA LEU A 871 6.34 11.19 -22.17
C LEU A 871 4.83 10.99 -22.13
N ALA A 872 4.12 12.00 -21.63
CA ALA A 872 2.67 11.96 -21.51
C ALA A 872 2.00 11.46 -22.78
N TRP A 873 2.23 12.16 -23.89
CA TRP A 873 1.64 11.78 -25.16
C TRP A 873 1.91 10.32 -25.49
N ASP A 874 3.16 9.92 -25.37
CA ASP A 874 3.52 8.52 -25.52
C ASP A 874 2.59 7.68 -24.67
N PHE A 875 2.73 7.80 -23.35
CA PHE A 875 1.90 7.03 -22.42
C PHE A 875 0.43 6.94 -22.78
N VAL A 876 -0.26 8.07 -22.91
CA VAL A 876 -1.70 8.03 -23.19
C VAL A 876 -1.94 7.22 -24.42
N ARG A 877 -1.23 7.59 -25.48
CA ARG A 877 -1.34 6.94 -26.77
C ARG A 877 -1.13 5.43 -26.64
N GLU A 878 -0.10 5.04 -25.90
CA GLU A 878 0.23 3.62 -25.71
C GLU A 878 -0.77 2.87 -24.81
N ASN A 879 -1.23 3.53 -23.76
CA ASN A 879 -2.02 2.86 -22.72
C ASN A 879 -3.53 3.01 -22.81
N TRP A 880 -3.99 3.64 -23.89
CA TRP A 880 -5.42 3.88 -24.09
C TRP A 880 -6.29 2.65 -23.81
N THR A 881 -5.73 1.47 -23.99
CA THR A 881 -6.45 0.26 -23.65
C THR A 881 -6.72 0.20 -22.14
N HIS A 882 -5.65 0.08 -21.34
CA HIS A 882 -5.81 -0.07 -19.89
C HIS A 882 -6.43 1.18 -19.26
N LEU A 883 -6.18 2.34 -19.87
CA LEU A 883 -6.76 3.57 -19.37
C LEU A 883 -8.29 3.50 -19.37
N LEU A 884 -8.83 2.90 -20.43
CA LEU A 884 -10.27 2.87 -20.61
C LEU A 884 -10.92 1.82 -19.70
N LYS A 885 -10.10 0.93 -19.16
CA LYS A 885 -10.57 -0.01 -18.13
C LYS A 885 -10.86 0.81 -16.89
N LYS A 886 -9.91 1.66 -16.52
CA LYS A 886 -10.01 2.44 -15.30
C LYS A 886 -11.09 3.52 -15.33
N PHE A 887 -11.25 4.15 -16.49
CA PHE A 887 -12.24 5.22 -16.64
C PHE A 887 -13.23 4.90 -17.74
N ASP A 888 -14.21 5.79 -17.89
CA ASP A 888 -15.16 5.73 -19.00
C ASP A 888 -14.84 6.83 -20.01
N LEU A 889 -15.07 6.55 -21.29
CA LEU A 889 -15.25 7.64 -22.23
C LEU A 889 -16.75 7.76 -22.46
N GLY A 890 -17.29 8.96 -22.37
CA GLY A 890 -16.49 10.12 -22.02
C GLY A 890 -16.73 10.56 -20.61
N SER A 891 -15.96 10.00 -19.68
CA SER A 891 -15.86 10.53 -18.34
C SER A 891 -15.05 11.80 -18.44
N TYR A 892 -15.29 12.74 -17.55
CA TYR A 892 -14.49 13.96 -17.52
C TYR A 892 -13.00 13.61 -17.40
N ASP A 893 -12.73 12.47 -16.79
CA ASP A 893 -11.35 12.00 -16.67
C ASP A 893 -10.74 11.71 -18.03
N ILE A 894 -11.34 10.78 -18.77
CA ILE A 894 -10.88 10.44 -20.10
C ILE A 894 -10.84 11.68 -20.99
N ARG A 895 -11.92 12.45 -20.97
CA ARG A 895 -12.02 13.68 -21.75
C ARG A 895 -10.82 14.58 -21.52
N MET A 896 -10.36 14.69 -20.29
CA MET A 896 -9.25 15.58 -19.98
C MET A 896 -7.87 14.91 -20.10
N ILE A 897 -7.84 13.59 -20.03
CA ILE A 897 -6.60 12.87 -20.26
C ILE A 897 -6.25 13.07 -21.73
N ILE A 898 -7.26 13.05 -22.57
CA ILE A 898 -7.05 13.30 -23.99
C ILE A 898 -6.52 14.73 -24.24
N SER A 899 -7.36 15.74 -24.01
CA SER A 899 -6.99 17.12 -24.31
C SER A 899 -5.75 17.56 -23.51
N GLY A 900 -5.73 17.20 -22.23
CA GLY A 900 -4.64 17.59 -21.35
C GLY A 900 -3.29 17.27 -21.91
N THR A 901 -3.23 16.23 -22.75
CA THR A 901 -1.94 15.77 -23.26
C THR A 901 -1.66 16.15 -24.71
N THR A 902 -2.59 16.86 -25.35
CA THR A 902 -2.51 17.08 -26.78
C THR A 902 -2.91 18.50 -27.14
N ALA A 903 -3.84 19.07 -26.39
CA ALA A 903 -4.38 20.40 -26.69
C ALA A 903 -3.33 21.50 -26.78
N HIS A 904 -2.14 21.25 -26.25
CA HIS A 904 -1.10 22.28 -26.16
C HIS A 904 -0.11 22.18 -27.31
N PHE A 905 -0.29 21.16 -28.15
CA PHE A 905 0.58 20.96 -29.30
C PHE A 905 0.43 22.09 -30.31
N SER A 906 1.49 22.38 -31.04
CA SER A 906 1.48 23.49 -31.99
C SER A 906 2.27 23.24 -33.27
N SER A 907 2.65 22.00 -33.53
CA SER A 907 3.41 21.67 -34.73
C SER A 907 2.56 20.90 -35.73
N LYS A 908 2.92 20.94 -37.00
CA LYS A 908 2.22 20.17 -38.01
C LYS A 908 2.29 18.68 -37.64
N ASP A 909 3.46 18.28 -37.15
CA ASP A 909 3.79 16.89 -36.87
C ASP A 909 2.91 16.30 -35.80
N LYS A 910 2.93 16.95 -34.63
CA LYS A 910 2.13 16.51 -33.51
C LYS A 910 0.68 16.44 -33.92
N LEU A 911 0.23 17.41 -34.70
CA LEU A 911 -1.15 17.44 -35.14
C LEU A 911 -1.54 16.22 -35.98
N GLN A 912 -0.56 15.56 -36.58
CA GLN A 912 -0.84 14.33 -37.31
C GLN A 912 -0.94 13.14 -36.36
N GLU A 913 0.11 12.92 -35.58
CA GLU A 913 0.12 11.85 -34.60
C GLU A 913 -1.15 11.82 -33.75
N VAL A 914 -1.77 12.98 -33.55
CA VAL A 914 -3.04 13.08 -32.84
C VAL A 914 -4.19 12.69 -33.77
N LYS A 915 -4.31 13.44 -34.86
CA LYS A 915 -5.24 13.16 -35.94
C LYS A 915 -5.31 11.64 -36.19
N LEU A 916 -4.14 11.01 -36.21
CA LEU A 916 -4.00 9.60 -36.48
C LEU A 916 -4.52 8.75 -35.31
N PHE A 917 -4.16 9.15 -34.09
CA PHE A 917 -4.60 8.47 -32.87
C PHE A 917 -6.13 8.52 -32.75
N PHE A 918 -6.71 9.62 -33.19
CA PHE A 918 -8.17 9.78 -33.11
C PHE A 918 -8.88 8.93 -34.15
N GLU A 919 -8.19 8.68 -35.26
CA GLU A 919 -8.68 7.74 -36.26
C GLU A 919 -8.62 6.37 -35.63
N SER A 920 -7.46 6.03 -35.08
CA SER A 920 -7.28 4.75 -34.40
C SER A 920 -8.41 4.52 -33.43
N LEU A 921 -8.56 5.44 -32.47
CA LEU A 921 -9.70 5.40 -31.56
C LEU A 921 -10.96 5.46 -32.40
N GLU A 922 -11.50 4.28 -32.64
CA GLU A 922 -12.51 4.10 -33.64
C GLU A 922 -12.69 2.61 -33.79
N ALA A 923 -12.84 2.01 -32.62
CA ALA A 923 -13.65 0.84 -32.41
C ALA A 923 -14.63 1.33 -31.34
N GLN A 924 -14.30 1.04 -30.07
CA GLN A 924 -14.98 1.58 -28.90
C GLN A 924 -14.63 3.06 -28.63
N GLY A 925 -13.44 3.48 -29.07
CA GLY A 925 -12.98 4.83 -28.86
C GLY A 925 -13.90 5.88 -29.45
N SER A 926 -13.80 6.09 -30.77
CA SER A 926 -14.73 7.00 -31.44
C SER A 926 -16.08 6.69 -30.83
N HIS A 927 -16.76 7.73 -30.39
CA HIS A 927 -16.32 9.08 -30.69
C HIS A 927 -16.69 10.04 -29.55
N LEU A 928 -15.77 10.96 -29.26
CA LEU A 928 -16.01 12.04 -28.32
C LEU A 928 -15.85 13.35 -29.07
N ASP A 929 -16.71 14.32 -28.79
CA ASP A 929 -16.64 15.60 -29.48
C ASP A 929 -15.26 16.22 -29.20
N ILE A 930 -14.67 15.83 -28.07
CA ILE A 930 -13.35 16.32 -27.71
C ILE A 930 -12.34 15.95 -28.78
N PHE A 931 -12.63 14.92 -29.56
CA PHE A 931 -11.74 14.52 -30.63
C PHE A 931 -11.57 15.67 -31.60
N GLN A 932 -12.69 16.30 -31.95
CA GLN A 932 -12.66 17.45 -32.83
C GLN A 932 -11.95 18.61 -32.18
N THR A 933 -12.62 19.18 -31.19
CA THR A 933 -12.07 20.26 -30.37
C THR A 933 -10.55 20.21 -30.23
N VAL A 934 -10.02 19.03 -29.92
CA VAL A 934 -8.57 18.91 -29.72
C VAL A 934 -7.81 19.31 -30.97
N LEU A 935 -8.33 18.93 -32.13
CA LEU A 935 -7.67 19.19 -33.40
C LEU A 935 -7.84 20.64 -33.74
N GLU A 936 -9.10 21.07 -33.77
CA GLU A 936 -9.41 22.47 -34.04
C GLU A 936 -8.46 23.35 -33.24
N THR A 937 -8.11 22.87 -32.05
CA THR A 937 -7.25 23.64 -31.16
C THR A 937 -5.81 23.59 -31.62
N ILE A 938 -5.31 22.40 -31.92
CA ILE A 938 -3.92 22.30 -32.34
C ILE A 938 -3.68 23.05 -33.64
N THR A 939 -4.70 23.13 -34.51
CA THR A 939 -4.55 23.89 -35.75
C THR A 939 -4.41 25.38 -35.42
N LYS A 940 -5.32 25.86 -34.58
CA LYS A 940 -5.30 27.24 -34.11
C LYS A 940 -3.94 27.64 -33.57
N ASN A 941 -3.24 26.67 -32.99
CA ASN A 941 -1.91 26.89 -32.41
C ASN A 941 -0.82 27.08 -33.44
N ILE A 942 -0.72 26.12 -34.35
CA ILE A 942 0.20 26.21 -35.45
C ILE A 942 -0.03 27.53 -36.14
N LYS A 943 -1.30 27.81 -36.43
CA LYS A 943 -1.66 29.06 -37.10
C LYS A 943 -1.18 30.28 -36.33
N TRP A 944 -1.73 30.49 -35.13
CA TRP A 944 -1.33 31.61 -34.29
C TRP A 944 0.18 31.88 -34.30
N LEU A 945 0.96 30.80 -34.31
CA LEU A 945 2.40 30.90 -34.37
C LEU A 945 2.84 31.41 -35.74
N GLU A 946 2.60 30.63 -36.78
CA GLU A 946 3.02 31.02 -38.12
C GLU A 946 2.51 32.41 -38.44
N LYS A 947 1.32 32.75 -37.95
CA LYS A 947 0.82 34.11 -38.10
C LYS A 947 1.56 35.15 -37.24
N ASN A 948 1.54 34.95 -35.92
CA ASN A 948 1.99 35.98 -35.00
C ASN A 948 3.38 35.81 -34.38
N LEU A 949 4.07 34.72 -34.69
CA LEU A 949 5.36 34.45 -34.06
C LEU A 949 6.42 35.50 -34.40
N PRO A 950 6.69 35.73 -35.69
CA PRO A 950 7.67 36.75 -36.08
C PRO A 950 7.42 38.09 -35.37
N THR A 951 6.15 38.49 -35.32
CA THR A 951 5.72 39.69 -34.61
C THR A 951 6.19 39.73 -33.16
N LEU A 952 6.27 38.56 -32.53
CA LEU A 952 6.70 38.46 -31.14
C LEU A 952 8.18 38.78 -31.03
N ARG A 953 8.99 38.14 -31.88
CA ARG A 953 10.44 38.29 -31.83
C ARG A 953 10.88 39.74 -31.99
N THR A 954 10.40 40.42 -33.03
CA THR A 954 10.76 41.81 -33.23
C THR A 954 10.29 42.65 -32.03
N TRP A 955 9.05 42.45 -31.61
CA TRP A 955 8.48 43.23 -30.51
C TRP A 955 9.32 43.18 -29.25
N LEU A 956 9.87 42.01 -29.00
CA LEU A 956 10.75 41.82 -27.84
C LEU A 956 12.09 42.47 -28.11
N MET A 957 12.70 42.11 -29.24
CA MET A 957 14.02 42.63 -29.62
C MET A 957 14.03 44.14 -29.57
N VAL A 958 12.87 44.71 -29.89
CA VAL A 958 12.66 46.15 -29.81
C VAL A 958 12.92 46.67 -28.40
N ASN A 959 12.34 46.03 -27.40
CA ASN A 959 12.59 46.40 -26.00
C ASN A 959 14.05 46.34 -25.63
N THR A 960 14.72 45.24 -25.98
CA THR A 960 16.12 45.07 -25.68
C THR A 960 16.92 46.31 -26.07
N ARG A 961 16.34 47.11 -26.97
CA ARG A 961 16.96 48.36 -27.43
C ARG A 961 16.37 49.62 -26.80
N VAL B 55 33.82 7.64 28.52
CA VAL B 55 33.88 7.27 29.92
C VAL B 55 32.57 7.62 30.64
N ALA B 56 31.76 8.49 30.01
CA ALA B 56 30.61 9.07 30.68
C ALA B 56 29.91 10.17 29.87
N THR B 57 28.59 10.25 29.99
CA THR B 57 27.79 11.32 29.35
C THR B 57 26.38 11.45 29.96
N ASN B 58 25.76 12.62 29.87
CA ASN B 58 26.41 13.85 29.40
C ASN B 58 26.26 14.92 30.49
N GLY B 59 27.18 15.86 30.55
CA GLY B 59 28.41 15.81 29.78
C GLY B 59 29.34 14.75 30.34
N GLU B 60 29.10 14.37 31.61
CA GLU B 60 29.84 13.29 32.31
C GLU B 60 29.56 13.39 33.82
N ARG B 61 30.02 12.42 34.63
CA ARG B 61 30.77 11.22 34.26
C ARG B 61 30.06 9.93 34.72
N PHE B 62 30.54 8.78 34.24
CA PHE B 62 29.83 7.52 34.43
C PHE B 62 30.51 6.62 35.45
N PRO B 63 29.78 6.32 36.55
CA PRO B 63 30.14 5.55 37.75
C PRO B 63 30.56 4.11 37.49
N TRP B 64 30.30 3.62 36.27
CA TRP B 64 30.50 2.23 35.92
C TRP B 64 31.00 2.14 34.49
N GLN B 65 32.13 1.48 34.27
CA GLN B 65 32.78 1.52 32.96
C GLN B 65 32.93 0.16 32.26
N GLU B 66 32.26 -0.86 32.80
CA GLU B 66 32.22 -2.17 32.15
C GLU B 66 30.83 -2.40 31.57
N LEU B 67 30.75 -3.12 30.46
CA LEU B 67 29.47 -3.32 29.77
C LEU B 67 28.51 -4.27 30.52
N ARG B 68 29.06 -5.11 31.39
CA ARG B 68 28.24 -5.91 32.29
C ARG B 68 27.70 -5.01 33.39
N LEU B 69 26.67 -5.46 34.08
CA LEU B 69 26.09 -4.66 35.17
C LEU B 69 26.69 -5.06 36.52
N PRO B 70 26.70 -4.12 37.49
CA PRO B 70 27.17 -4.41 38.85
C PRO B 70 26.23 -5.36 39.57
N SER B 71 26.80 -6.34 40.28
CA SER B 71 26.01 -7.31 41.01
C SER B 71 25.30 -6.68 42.21
N VAL B 72 25.80 -5.52 42.62
CA VAL B 72 25.34 -4.82 43.82
C VAL B 72 23.81 -4.70 43.94
N VAL B 73 23.22 -3.91 43.05
CA VAL B 73 21.78 -3.64 43.07
C VAL B 73 20.97 -4.77 42.46
N ILE B 74 20.35 -5.60 43.30
CA ILE B 74 19.67 -6.79 42.82
C ILE B 74 18.16 -6.60 42.71
N PRO B 75 17.62 -6.85 41.51
CA PRO B 75 16.20 -6.61 41.19
C PRO B 75 15.32 -7.76 41.68
N LEU B 76 14.24 -7.44 42.38
CA LEU B 76 13.37 -8.49 42.90
C LEU B 76 12.02 -8.57 42.20
N HIS B 77 11.53 -7.44 41.69
CA HIS B 77 10.17 -7.37 41.17
C HIS B 77 9.94 -6.08 40.36
N TYR B 78 9.33 -6.21 39.19
CA TYR B 78 8.96 -5.06 38.39
C TYR B 78 7.43 -4.87 38.41
N ASP B 79 7.01 -3.62 38.62
CA ASP B 79 5.64 -3.20 38.32
C ASP B 79 5.73 -2.47 37.00
N LEU B 80 4.98 -2.92 36.01
CA LEU B 80 5.20 -2.42 34.65
C LEU B 80 3.88 -2.03 33.99
N PHE B 81 3.74 -0.74 33.75
CA PHE B 81 2.55 -0.20 33.13
C PHE B 81 2.92 0.34 31.76
N VAL B 82 2.14 -0.01 30.76
CA VAL B 82 2.40 0.48 29.42
C VAL B 82 1.12 1.00 28.80
N HIS B 83 1.23 2.21 28.23
CA HIS B 83 0.14 2.85 27.49
C HIS B 83 0.54 3.06 26.03
N PRO B 84 0.33 2.04 25.20
CA PRO B 84 0.63 2.15 23.78
C PRO B 84 -0.52 2.82 23.07
N ASN B 85 -0.20 3.53 22.00
CA ASN B 85 -1.22 4.08 21.12
C ASN B 85 -1.01 3.63 19.67
N LEU B 86 -2.00 2.96 19.11
CA LEU B 86 -1.86 2.38 17.77
C LEU B 86 -2.34 3.30 16.66
N THR B 87 -2.53 4.57 17.00
CA THR B 87 -2.86 5.59 16.01
C THR B 87 -1.71 6.58 16.09
N SER B 88 -1.40 6.96 17.32
CA SER B 88 -0.27 7.82 17.62
C SER B 88 1.00 7.06 17.31
N LEU B 89 0.91 5.74 17.30
CA LEU B 89 2.05 4.86 17.06
C LEU B 89 3.23 5.10 18.01
N ASP B 90 2.93 5.13 19.29
CA ASP B 90 3.95 5.23 20.33
C ASP B 90 3.33 4.83 21.65
N PHE B 91 4.10 4.89 22.73
CA PHE B 91 3.59 4.46 24.01
C PHE B 91 4.21 5.29 25.11
N VAL B 92 3.49 5.39 26.23
CA VAL B 92 4.05 5.99 27.43
C VAL B 92 4.04 4.95 28.53
N ALA B 93 5.03 4.96 29.40
CA ALA B 93 5.14 3.90 30.38
C ALA B 93 5.70 4.35 31.72
N SER B 94 5.46 3.51 32.73
CA SER B 94 5.87 3.75 34.11
C SER B 94 6.16 2.42 34.76
N GLU B 95 7.33 2.31 35.37
CA GLU B 95 7.73 1.08 36.06
C GLU B 95 8.09 1.34 37.53
N LYS B 96 8.17 0.28 38.33
CA LYS B 96 8.57 0.37 39.74
C LYS B 96 9.32 -0.90 40.19
N ILE B 97 10.64 -0.86 40.10
CA ILE B 97 11.50 -1.99 40.40
C ILE B 97 11.89 -2.05 41.89
N GLU B 98 11.46 -3.10 42.58
CA GLU B 98 11.92 -3.38 43.95
C GLU B 98 13.34 -3.96 43.95
N VAL B 99 14.29 -3.12 44.35
CA VAL B 99 15.71 -3.50 44.37
C VAL B 99 16.06 -4.31 45.62
N LEU B 100 17.36 -4.45 45.87
CA LEU B 100 17.87 -5.14 47.05
C LEU B 100 19.40 -5.08 47.07
N VAL B 101 19.93 -3.99 47.62
CA VAL B 101 21.37 -3.79 47.68
C VAL B 101 22.08 -4.91 48.46
N SER B 102 23.31 -5.22 48.06
CA SER B 102 24.15 -6.19 48.78
C SER B 102 25.31 -5.45 49.45
N ASN B 103 25.96 -4.57 48.69
CA ASN B 103 26.98 -3.67 49.20
C ASN B 103 26.54 -2.23 49.01
N ALA B 104 26.62 -1.41 50.06
CA ALA B 104 26.25 -0.01 49.94
C ALA B 104 26.82 0.63 48.67
N THR B 105 26.16 1.68 48.18
CA THR B 105 26.58 2.35 46.96
C THR B 105 25.85 3.67 46.73
N GLN B 106 26.47 4.55 45.96
CA GLN B 106 25.95 5.90 45.76
C GLN B 106 25.14 6.03 44.47
N PHE B 107 25.36 5.10 43.54
CA PHE B 107 24.74 5.15 42.23
C PHE B 107 24.13 3.79 41.84
N ILE B 108 23.01 3.82 41.12
CA ILE B 108 22.40 2.61 40.58
C ILE B 108 22.61 2.49 39.07
N ILE B 109 22.84 1.27 38.60
CA ILE B 109 23.11 1.04 37.18
C ILE B 109 22.20 -0.02 36.57
N LEU B 110 21.50 0.37 35.51
CA LEU B 110 20.73 -0.56 34.69
C LEU B 110 20.78 -0.16 33.21
N HIS B 111 20.04 -0.89 32.40
CA HIS B 111 20.06 -0.67 30.96
C HIS B 111 18.93 0.25 30.51
N SER B 112 19.15 0.91 29.37
CA SER B 112 18.08 1.63 28.66
C SER B 112 18.53 2.03 27.26
N LYS B 113 17.57 2.12 26.34
CA LYS B 113 17.91 2.36 24.93
C LYS B 113 16.78 3.05 24.20
N ASP B 114 17.08 4.21 23.64
CA ASP B 114 16.07 4.98 22.92
C ASP B 114 14.81 4.95 23.75
N LEU B 115 14.97 5.28 25.03
CA LEU B 115 13.86 5.49 25.93
C LEU B 115 14.06 6.87 26.56
N GLU B 116 13.06 7.75 26.41
CA GLU B 116 13.08 9.07 27.05
C GLU B 116 12.51 9.00 28.46
N ILE B 117 13.37 9.18 29.46
CA ILE B 117 12.98 9.05 30.87
C ILE B 117 12.57 10.37 31.52
N THR B 118 11.30 10.51 31.88
CA THR B 118 10.77 11.77 32.37
C THR B 118 10.21 11.69 33.80
N ASN B 119 11.07 11.25 34.72
CA ASN B 119 10.78 11.13 36.16
C ASN B 119 11.51 9.93 36.76
N ALA B 120 12.42 10.20 37.68
CA ALA B 120 13.14 9.12 38.33
C ALA B 120 13.17 9.34 39.83
N THR B 121 12.60 8.39 40.56
CA THR B 121 12.54 8.48 42.01
C THR B 121 13.00 7.16 42.63
N LEU B 122 13.37 7.23 43.91
CA LEU B 122 13.67 6.03 44.66
C LEU B 122 12.97 6.12 46.01
N GLN B 123 11.91 5.35 46.18
CA GLN B 123 11.21 5.35 47.45
C GLN B 123 11.77 4.31 48.42
N SER B 124 11.43 4.48 49.70
CA SER B 124 12.07 3.75 50.79
C SER B 124 11.07 2.84 51.53
N GLU B 125 11.58 1.74 52.07
CA GLU B 125 10.76 0.83 52.86
C GLU B 125 11.41 0.58 54.22
N PRO B 133 7.11 9.44 51.01
CA PRO B 133 8.54 9.69 51.23
C PRO B 133 9.35 9.42 49.97
N GLY B 134 9.14 10.17 48.89
CA GLY B 134 9.82 9.76 47.68
C GLY B 134 10.89 10.71 47.19
N LYS B 135 12.15 10.29 47.22
CA LYS B 135 13.24 11.14 46.73
C LYS B 135 13.52 10.97 45.22
N GLU B 136 13.89 12.08 44.57
CA GLU B 136 14.16 12.06 43.13
C GLU B 136 15.63 11.76 42.82
N LEU B 137 15.88 11.09 41.70
CA LEU B 137 17.23 10.63 41.32
C LEU B 137 17.78 11.39 40.11
N LYS B 138 19.09 11.36 39.92
CA LYS B 138 19.68 11.97 38.73
C LYS B 138 20.04 10.91 37.70
N VAL B 139 19.48 11.06 36.51
CA VAL B 139 19.61 10.04 35.49
C VAL B 139 20.79 10.32 34.57
N LEU B 140 21.77 9.43 34.60
CA LEU B 140 22.92 9.51 33.71
C LEU B 140 22.81 8.50 32.58
N SER B 141 22.87 8.99 31.34
CA SER B 141 22.67 8.12 30.18
C SER B 141 23.95 7.85 29.39
N TYR B 142 24.43 6.61 29.46
CA TYR B 142 25.55 6.19 28.61
C TYR B 142 25.12 5.22 27.48
N PRO B 143 24.98 5.75 26.25
CA PRO B 143 24.48 4.98 25.10
C PRO B 143 25.41 3.88 24.62
N ALA B 144 26.69 4.17 24.43
CA ALA B 144 27.60 3.18 23.85
C ALA B 144 27.69 1.88 24.68
N HIS B 145 27.11 1.87 25.87
CA HIS B 145 26.98 0.65 26.65
C HIS B 145 25.51 0.41 26.99
N GLU B 146 24.64 1.15 26.30
CA GLU B 146 23.18 1.11 26.51
C GLU B 146 22.84 1.05 27.99
N GLN B 147 23.47 1.94 28.76
CA GLN B 147 23.26 1.97 30.20
C GLN B 147 22.82 3.35 30.66
N ILE B 148 22.15 3.35 31.80
CA ILE B 148 21.90 4.60 32.50
C ILE B 148 22.25 4.40 33.97
N ALA B 149 22.85 5.42 34.55
CA ALA B 149 23.21 5.42 35.96
C ALA B 149 22.26 6.34 36.71
N LEU B 150 21.79 5.86 37.85
CA LEU B 150 20.97 6.67 38.73
C LEU B 150 21.88 7.28 39.79
N LEU B 151 21.58 8.51 40.19
CA LEU B 151 22.41 9.21 41.16
C LEU B 151 21.62 9.52 42.42
N VAL B 152 22.10 8.99 43.54
CA VAL B 152 21.45 9.23 44.83
C VAL B 152 22.18 10.37 45.56
N PRO B 153 21.44 11.16 46.36
CA PRO B 153 22.05 12.19 47.20
C PRO B 153 22.48 11.58 48.53
N GLU B 154 22.28 10.27 48.67
CA GLU B 154 22.68 9.55 49.87
C GLU B 154 22.97 8.07 49.59
N LYS B 155 24.23 7.69 49.71
CA LYS B 155 24.65 6.28 49.64
C LYS B 155 23.63 5.34 50.28
N LEU B 156 23.43 4.18 49.65
CA LEU B 156 22.48 3.19 50.15
C LEU B 156 23.13 2.25 51.17
N THR B 157 22.32 1.38 51.76
CA THR B 157 22.80 0.50 52.81
C THR B 157 22.48 -0.94 52.48
N PRO B 158 23.51 -1.80 52.57
CA PRO B 158 23.36 -3.24 52.36
C PRO B 158 22.09 -3.82 53.00
N HIS B 159 21.54 -4.87 52.38
CA HIS B 159 20.48 -5.67 52.99
C HIS B 159 19.12 -4.97 53.15
N LEU B 160 18.92 -3.91 52.36
CA LEU B 160 17.69 -3.13 52.42
C LEU B 160 16.96 -3.05 51.06
N LYS B 161 15.62 -3.16 51.11
CA LYS B 161 14.77 -3.21 49.90
C LYS B 161 14.14 -1.87 49.48
N TYR B 162 14.62 -1.34 48.35
CA TYR B 162 14.18 -0.04 47.83
C TYR B 162 13.21 -0.16 46.65
N TYR B 163 12.70 0.99 46.18
CA TYR B 163 11.81 1.02 45.03
C TYR B 163 12.18 2.07 43.99
N VAL B 164 12.97 1.68 42.99
CA VAL B 164 13.29 2.56 41.87
C VAL B 164 12.11 2.68 40.90
N ALA B 165 11.73 3.90 40.56
CA ALA B 165 10.53 4.12 39.79
C ALA B 165 10.70 5.27 38.80
N MET B 166 10.45 4.98 37.53
CA MET B 166 10.58 6.00 36.50
C MET B 166 9.41 6.03 35.55
N ASP B 167 9.26 7.17 34.88
CA ASP B 167 8.30 7.33 33.80
C ASP B 167 9.10 7.54 32.53
N PHE B 168 8.74 6.80 31.49
CA PHE B 168 9.48 6.87 30.24
C PHE B 168 8.47 6.81 29.10
N GLN B 169 8.97 6.99 27.88
CA GLN B 169 8.10 7.07 26.73
C GLN B 169 8.96 6.96 25.49
N ALA B 170 8.41 6.35 24.44
CA ALA B 170 9.10 6.22 23.17
C ALA B 170 8.08 6.05 22.05
N LYS B 171 8.57 6.02 20.83
CA LYS B 171 7.70 5.69 19.70
C LYS B 171 7.69 4.18 19.52
N LEU B 172 6.59 3.63 19.02
CA LEU B 172 6.58 2.22 18.72
C LEU B 172 7.69 1.97 17.72
N GLY B 173 8.38 0.85 17.89
CA GLY B 173 9.54 0.51 17.09
C GLY B 173 9.33 0.43 15.59
N ASP B 174 10.42 0.65 14.85
CA ASP B 174 10.45 0.46 13.40
C ASP B 174 10.67 -1.00 13.03
N GLY B 175 11.63 -1.64 13.69
CA GLY B 175 12.17 -2.90 13.24
C GLY B 175 11.41 -4.13 13.66
N PHE B 176 12.13 -5.18 13.98
CA PHE B 176 11.52 -6.39 14.50
C PHE B 176 12.03 -6.58 15.92
N GLU B 177 12.25 -5.48 16.63
CA GLU B 177 12.84 -5.53 17.97
C GLU B 177 12.14 -4.65 18.98
N GLY B 178 12.27 -5.01 20.24
CA GLY B 178 11.69 -4.24 21.33
C GLY B 178 10.19 -4.23 21.23
N PHE B 179 9.56 -3.12 21.64
CA PHE B 179 8.11 -2.98 21.51
C PHE B 179 7.75 -2.30 20.18
N TYR B 180 7.40 -3.11 19.19
CA TYR B 180 7.32 -2.62 17.82
C TYR B 180 5.97 -2.77 17.13
N LYS B 181 5.84 -2.04 16.01
CA LYS B 181 4.61 -2.00 15.24
C LYS B 181 4.65 -2.97 14.07
N SER B 182 3.53 -3.67 13.86
CA SER B 182 3.36 -4.60 12.76
C SER B 182 1.93 -4.48 12.21
N THR B 183 1.73 -4.89 10.96
CA THR B 183 0.45 -4.73 10.26
C THR B 183 0.05 -5.99 9.51
N TYR B 184 -1.13 -5.98 8.92
CA TYR B 184 -1.58 -7.16 8.19
C TYR B 184 -2.83 -6.93 7.35
N ARG B 185 -2.91 -7.61 6.21
CA ARG B 185 -4.04 -7.49 5.29
C ARG B 185 -5.23 -8.36 5.69
N THR B 186 -6.41 -7.75 5.82
CA THR B 186 -7.64 -8.50 6.09
C THR B 186 -8.19 -9.03 4.77
N LEU B 187 -9.18 -9.90 4.86
CA LEU B 187 -9.77 -10.43 3.64
C LEU B 187 -10.40 -9.31 2.83
N GLY B 188 -10.85 -8.28 3.53
CA GLY B 188 -11.41 -7.11 2.87
C GLY B 188 -10.32 -6.34 2.14
N GLY B 189 -9.09 -6.49 2.62
CA GLY B 189 -8.00 -5.75 2.03
C GLY B 189 -7.68 -4.53 2.87
N GLU B 190 -8.07 -4.59 4.13
CA GLU B 190 -7.74 -3.53 5.08
C GLU B 190 -6.37 -3.82 5.70
N THR B 191 -5.54 -2.79 5.80
CA THR B 191 -4.29 -2.85 6.57
C THR B 191 -4.63 -2.57 8.03
N ARG B 192 -4.07 -3.35 8.95
CA ARG B 192 -4.30 -3.11 10.37
C ARG B 192 -3.05 -3.22 11.22
N ILE B 193 -2.94 -2.32 12.19
CA ILE B 193 -1.75 -2.23 13.02
C ILE B 193 -1.91 -2.91 14.38
N LEU B 194 -0.79 -3.45 14.89
CA LEU B 194 -0.71 -4.01 16.24
C LEU B 194 0.64 -3.74 16.90
N ALA B 195 0.72 -3.92 18.21
CA ALA B 195 1.95 -3.64 18.93
C ALA B 195 2.43 -4.90 19.63
N VAL B 196 3.70 -5.23 19.41
CA VAL B 196 4.26 -6.50 19.89
C VAL B 196 5.69 -6.31 20.40
N THR B 197 6.18 -7.27 21.18
CA THR B 197 7.53 -7.19 21.75
C THR B 197 8.45 -8.33 21.28
N ASP B 198 9.74 -8.01 21.09
CA ASP B 198 10.77 -9.04 20.92
C ASP B 198 12.08 -8.68 21.62
N PHE B 199 12.29 -9.25 22.81
CA PHE B 199 13.34 -8.80 23.73
C PHE B 199 14.63 -9.63 23.74
N GLU B 200 14.70 -10.71 22.97
CA GLU B 200 15.90 -11.53 23.00
C GLU B 200 16.93 -11.06 21.99
N PRO B 201 18.17 -10.85 22.46
CA PRO B 201 18.54 -11.09 23.85
C PRO B 201 18.73 -9.79 24.64
N THR B 202 18.91 -8.69 23.93
CA THR B 202 19.31 -7.44 24.55
C THR B 202 18.33 -6.32 24.20
N GLN B 203 17.04 -6.61 24.17
CA GLN B 203 16.12 -5.59 23.66
C GLN B 203 14.99 -5.21 24.60
N ALA B 204 14.89 -5.88 25.74
CA ALA B 204 13.95 -5.43 26.76
C ALA B 204 14.28 -3.98 27.17
N ARG B 205 15.53 -3.59 26.98
CA ARG B 205 16.03 -2.28 27.38
C ARG B 205 15.57 -1.16 26.45
N MET B 206 15.00 -1.52 25.30
CA MET B 206 14.42 -0.52 24.41
C MET B 206 12.93 -0.31 24.71
N ALA B 207 12.41 -1.10 25.66
CA ALA B 207 10.98 -1.14 25.97
C ALA B 207 10.68 -0.53 27.33
N PHE B 208 11.43 -0.99 28.32
CA PHE B 208 11.41 -0.39 29.64
C PHE B 208 12.79 -0.56 30.24
N PRO B 209 13.27 0.46 30.93
CA PRO B 209 14.65 0.40 31.43
C PRO B 209 14.71 -0.70 32.47
N CYS B 210 15.82 -1.42 32.53
CA CYS B 210 15.90 -2.56 33.43
C CYS B 210 17.26 -3.24 33.47
N PHE B 211 17.35 -4.26 34.32
CA PHE B 211 18.55 -5.07 34.43
C PHE B 211 18.38 -6.17 33.39
N ASP B 212 18.96 -5.92 32.22
CA ASP B 212 18.77 -6.76 31.04
C ASP B 212 19.84 -7.85 30.92
N GLU B 213 20.03 -8.60 31.99
CA GLU B 213 20.85 -9.81 31.94
C GLU B 213 19.98 -10.99 32.35
N PRO B 214 20.20 -12.16 31.73
CA PRO B 214 19.33 -13.32 31.95
C PRO B 214 19.44 -13.83 33.37
N LEU B 215 20.38 -13.28 34.13
CA LEU B 215 20.62 -13.72 35.49
C LEU B 215 19.72 -13.00 36.50
N PHE B 216 19.55 -11.69 36.31
CA PHE B 216 18.62 -10.89 37.11
C PHE B 216 17.18 -11.25 36.75
N LYS B 217 16.66 -12.30 37.38
CA LYS B 217 15.26 -12.65 37.23
C LYS B 217 14.41 -11.90 38.24
N ALA B 218 13.09 -12.01 38.10
CA ALA B 218 12.16 -11.28 38.97
C ALA B 218 10.74 -11.60 38.60
N ASN B 219 9.82 -11.13 39.43
CA ASN B 219 8.41 -11.25 39.11
C ASN B 219 8.06 -10.04 38.26
N PHE B 220 7.05 -10.17 37.42
CA PHE B 220 6.62 -9.05 36.59
C PHE B 220 5.11 -8.84 36.65
N SER B 221 4.72 -7.64 37.08
CA SER B 221 3.32 -7.26 37.15
C SER B 221 3.02 -6.21 36.09
N ILE B 222 2.42 -6.67 34.99
CA ILE B 222 2.19 -5.81 33.83
C ILE B 222 0.73 -5.34 33.80
N LYS B 223 0.54 -4.04 33.63
CA LYS B 223 -0.79 -3.47 33.38
C LYS B 223 -0.78 -2.78 32.01
N ILE B 224 -1.74 -3.12 31.17
CA ILE B 224 -1.80 -2.53 29.83
C ILE B 224 -3.07 -1.72 29.62
N ARG B 225 -2.93 -0.55 29.03
CA ARG B 225 -4.05 0.33 28.75
C ARG B 225 -4.38 0.31 27.28
N ARG B 226 -5.66 0.18 26.94
CA ARG B 226 -6.05 -0.02 25.52
C ARG B 226 -7.42 0.53 25.12
N GLU B 227 -7.57 0.82 23.84
CA GLU B 227 -8.88 1.09 23.25
C GLU B 227 -9.70 -0.20 23.33
N SER B 228 -11.01 -0.06 23.26
CA SER B 228 -11.92 -1.18 23.30
C SER B 228 -11.85 -2.01 22.01
N ARG B 229 -11.38 -1.38 20.93
CA ARG B 229 -11.21 -2.08 19.66
C ARG B 229 -10.10 -3.14 19.74
N HIS B 230 -9.28 -3.07 20.79
CA HIS B 230 -8.14 -3.97 20.95
C HIS B 230 -8.21 -4.87 22.16
N ILE B 231 -7.35 -5.89 22.15
CA ILE B 231 -7.15 -6.74 23.29
C ILE B 231 -5.70 -6.62 23.72
N ALA B 232 -5.42 -6.97 24.96
CA ALA B 232 -4.04 -7.00 25.41
C ALA B 232 -3.72 -8.42 25.86
N LEU B 233 -2.61 -8.95 25.36
CA LEU B 233 -2.07 -10.19 25.88
C LEU B 233 -0.71 -9.90 26.53
N SER B 234 -0.37 -10.70 27.54
CA SER B 234 0.95 -10.67 28.14
C SER B 234 1.24 -12.08 28.66
N ASN B 235 2.39 -12.27 29.31
CA ASN B 235 2.85 -13.60 29.71
C ASN B 235 1.81 -14.32 30.56
N MET B 236 1.30 -13.59 31.55
CA MET B 236 0.38 -14.16 32.51
C MET B 236 -1.07 -13.90 32.11
N PRO B 237 -2.00 -14.68 32.68
CA PRO B 237 -3.43 -14.50 32.38
C PRO B 237 -3.98 -13.22 33.02
N LYS B 238 -5.14 -12.79 32.53
CA LYS B 238 -5.65 -11.48 32.92
C LYS B 238 -6.56 -11.55 34.13
N VAL B 239 -6.03 -11.01 35.23
CA VAL B 239 -6.78 -10.80 36.47
C VAL B 239 -8.10 -10.06 36.22
N LYS B 240 -7.99 -8.84 35.73
CA LYS B 240 -9.18 -8.03 35.54
C LYS B 240 -9.03 -6.94 34.50
N THR B 241 -10.14 -6.24 34.26
CA THR B 241 -10.18 -5.13 33.33
C THR B 241 -11.11 -4.07 33.87
N ILE B 242 -10.56 -2.89 34.09
CA ILE B 242 -11.36 -1.78 34.58
C ILE B 242 -11.63 -0.86 33.39
N GLU B 243 -12.77 -0.18 33.40
CA GLU B 243 -13.01 0.86 32.39
C GLU B 243 -12.42 2.14 32.94
N LEU B 244 -12.13 3.09 32.06
CA LEU B 244 -11.57 4.36 32.50
C LEU B 244 -12.49 5.49 32.07
N GLU B 245 -12.17 6.70 32.50
CA GLU B 245 -13.01 7.85 32.23
C GLU B 245 -13.49 7.88 30.77
N GLY B 246 -12.55 7.96 29.83
CA GLY B 246 -12.88 8.22 28.44
C GLY B 246 -13.36 7.01 27.64
N GLY B 247 -13.65 5.92 28.34
CA GLY B 247 -14.06 4.70 27.67
C GLY B 247 -12.84 3.87 27.35
N LEU B 248 -11.70 4.26 27.94
CA LEU B 248 -10.47 3.47 27.85
C LEU B 248 -10.47 2.32 28.86
N LEU B 249 -9.60 1.35 28.61
CA LEU B 249 -9.64 0.13 29.37
C LEU B 249 -8.26 -0.18 29.86
N GLU B 250 -8.21 -0.82 31.02
CA GLU B 250 -6.94 -1.20 31.62
C GLU B 250 -6.98 -2.66 32.09
N ASP B 251 -6.03 -3.46 31.57
CA ASP B 251 -5.94 -4.89 31.87
C ASP B 251 -4.84 -5.17 32.89
N HIS B 252 -5.15 -6.05 33.83
CA HIS B 252 -4.22 -6.40 34.89
C HIS B 252 -3.90 -7.87 34.71
N PHE B 253 -2.64 -8.22 34.86
CA PHE B 253 -2.23 -9.59 34.58
C PHE B 253 -1.62 -10.21 35.82
N GLU B 254 -1.87 -11.51 36.00
CA GLU B 254 -1.24 -12.29 37.05
C GLU B 254 0.26 -11.96 37.16
N THR B 255 0.77 -11.83 38.38
CA THR B 255 2.20 -11.55 38.54
C THR B 255 2.98 -12.76 38.07
N THR B 256 4.05 -12.54 37.30
CA THR B 256 4.80 -13.66 36.74
C THR B 256 5.60 -14.36 37.83
N VAL B 257 5.95 -15.61 37.59
CA VAL B 257 6.95 -16.28 38.39
C VAL B 257 8.29 -15.59 38.10
N LYS B 258 9.32 -15.91 38.87
CA LYS B 258 10.62 -15.30 38.60
C LYS B 258 11.00 -15.71 37.19
N MET B 259 11.58 -14.79 36.44
CA MET B 259 11.93 -15.06 35.05
C MET B 259 12.77 -13.93 34.49
N SER B 260 13.60 -14.25 33.49
CA SER B 260 14.51 -13.26 32.93
C SER B 260 13.77 -12.20 32.14
N THR B 261 14.43 -11.07 31.91
CA THR B 261 13.78 -9.91 31.31
C THR B 261 13.39 -10.20 29.84
N TYR B 262 14.30 -10.85 29.11
CA TYR B 262 14.11 -11.09 27.69
C TYR B 262 12.87 -11.93 27.41
N LEU B 263 12.25 -12.48 28.46
CA LEU B 263 11.05 -13.30 28.28
C LEU B 263 9.74 -12.57 28.54
N VAL B 264 9.82 -11.35 29.05
CA VAL B 264 8.63 -10.53 29.20
C VAL B 264 8.00 -10.20 27.83
N ALA B 265 6.68 -10.23 27.77
CA ALA B 265 6.05 -9.94 26.51
C ALA B 265 4.66 -9.32 26.67
N TYR B 266 4.34 -8.38 25.79
CA TYR B 266 2.99 -7.83 25.76
C TYR B 266 2.61 -7.38 24.37
N ILE B 267 1.32 -7.48 24.09
CA ILE B 267 0.83 -7.30 22.74
C ILE B 267 -0.51 -6.61 22.76
N VAL B 268 -0.72 -5.66 21.86
CA VAL B 268 -2.09 -5.21 21.63
C VAL B 268 -2.46 -5.47 20.18
N CYS B 269 -3.66 -5.99 19.99
CA CYS B 269 -4.10 -6.45 18.69
C CYS B 269 -5.60 -6.63 18.73
N ASP B 270 -6.17 -6.99 17.58
CA ASP B 270 -7.57 -7.38 17.52
C ASP B 270 -7.72 -8.77 16.90
N PHE B 271 -6.98 -9.75 17.46
CA PHE B 271 -6.94 -11.09 16.92
C PHE B 271 -8.05 -11.95 17.50
N HIS B 272 -8.32 -13.08 16.86
CA HIS B 272 -9.23 -14.09 17.41
C HIS B 272 -8.46 -15.35 17.77
N SER B 273 -9.11 -16.24 18.49
CA SER B 273 -8.42 -17.42 19.01
C SER B 273 -9.28 -18.70 19.03
N LEU B 274 -8.59 -19.84 18.99
CA LEU B 274 -9.17 -21.13 19.30
C LEU B 274 -8.59 -21.59 20.62
N SER B 275 -9.43 -21.91 21.59
CA SER B 275 -8.96 -22.31 22.91
C SER B 275 -9.14 -23.83 23.13
N GLY B 276 -8.34 -24.38 24.04
CA GLY B 276 -8.36 -25.80 24.35
C GLY B 276 -7.74 -26.02 25.71
N PHE B 277 -7.84 -27.25 26.22
CA PHE B 277 -7.26 -27.56 27.52
C PHE B 277 -6.42 -28.85 27.51
N THR B 278 -5.14 -28.71 27.83
CA THR B 278 -4.29 -29.86 28.07
C THR B 278 -4.90 -30.65 29.21
N SER B 279 -4.74 -31.96 29.18
CA SER B 279 -5.30 -32.81 30.21
C SER B 279 -4.98 -32.32 31.63
N SER B 280 -3.83 -31.67 31.78
CA SER B 280 -3.42 -31.16 33.08
C SER B 280 -3.91 -29.73 33.36
N GLY B 281 -4.98 -29.32 32.68
CA GLY B 281 -5.62 -28.05 32.98
C GLY B 281 -5.41 -26.88 32.03
N VAL B 282 -4.16 -26.64 31.65
CA VAL B 282 -3.75 -25.42 30.92
C VAL B 282 -4.64 -25.04 29.72
N LYS B 283 -4.96 -23.76 29.60
CA LYS B 283 -5.73 -23.29 28.48
C LYS B 283 -4.81 -22.83 27.36
N VAL B 284 -4.71 -23.68 26.34
CA VAL B 284 -3.90 -23.37 25.16
C VAL B 284 -4.74 -22.58 24.19
N SER B 285 -4.19 -21.48 23.67
CA SER B 285 -4.94 -20.66 22.73
C SER B 285 -4.08 -20.21 21.56
N ILE B 286 -4.65 -20.32 20.36
CA ILE B 286 -3.96 -19.96 19.13
C ILE B 286 -4.55 -18.65 18.61
N TYR B 287 -3.71 -17.62 18.52
CA TYR B 287 -4.19 -16.30 18.18
C TYR B 287 -3.70 -15.92 16.82
N ALA B 288 -4.58 -15.31 16.02
CA ALA B 288 -4.25 -14.93 14.65
C ALA B 288 -5.22 -13.87 14.10
N SER B 289 -4.88 -13.31 12.93
CA SER B 289 -5.77 -12.41 12.21
C SER B 289 -7.15 -13.03 12.30
N PRO B 290 -8.18 -12.19 12.43
CA PRO B 290 -9.52 -12.76 12.57
C PRO B 290 -9.90 -13.50 11.28
N ASP B 291 -9.35 -13.07 10.16
CA ASP B 291 -9.60 -13.72 8.88
C ASP B 291 -8.88 -15.06 8.76
N LYS B 292 -8.11 -15.43 9.79
CA LYS B 292 -7.27 -16.63 9.68
C LYS B 292 -7.50 -17.65 10.78
N ARG B 293 -8.57 -17.47 11.57
CA ARG B 293 -8.78 -18.36 12.69
C ARG B 293 -8.94 -19.84 12.28
N ASN B 294 -9.16 -20.07 10.99
CA ASN B 294 -9.23 -21.43 10.45
C ASN B 294 -7.87 -22.15 10.47
N GLN B 295 -6.83 -21.47 9.99
CA GLN B 295 -5.50 -22.06 9.91
C GLN B 295 -4.91 -22.44 11.29
N THR B 296 -5.61 -22.05 12.35
CA THR B 296 -5.13 -22.24 13.70
C THR B 296 -5.53 -23.57 14.32
N HIS B 297 -6.20 -24.44 13.56
CA HIS B 297 -6.72 -25.69 14.14
C HIS B 297 -5.65 -26.74 14.44
N TYR B 298 -4.73 -26.93 13.49
CA TYR B 298 -3.64 -27.87 13.70
C TYR B 298 -2.80 -27.39 14.87
N ALA B 299 -2.33 -26.14 14.74
CA ALA B 299 -1.56 -25.49 15.79
C ALA B 299 -2.10 -25.88 17.18
N LEU B 300 -3.40 -25.79 17.36
CA LEU B 300 -4.02 -26.13 18.63
C LEU B 300 -3.86 -27.61 19.01
N GLN B 301 -4.23 -28.48 18.08
CA GLN B 301 -4.19 -29.92 18.35
C GLN B 301 -2.80 -30.27 18.86
N ALA B 302 -1.80 -29.84 18.09
CA ALA B 302 -0.40 -30.18 18.35
C ALA B 302 0.14 -29.56 19.64
N SER B 303 -0.16 -28.29 19.88
CA SER B 303 0.25 -27.63 21.11
C SER B 303 -0.17 -28.54 22.23
N LEU B 304 -1.44 -28.91 22.19
CA LEU B 304 -2.08 -29.71 23.24
C LEU B 304 -1.37 -31.05 23.47
N LYS B 305 -1.34 -31.86 22.44
CA LYS B 305 -0.58 -33.10 22.46
C LYS B 305 0.81 -32.90 23.06
N LEU B 306 1.48 -31.83 22.63
CA LEU B 306 2.89 -31.60 22.94
C LEU B 306 3.12 -31.18 24.38
N LEU B 307 2.32 -30.23 24.84
CA LEU B 307 2.44 -29.81 26.22
C LEU B 307 2.20 -31.02 27.12
N ASP B 308 1.14 -31.79 26.79
CA ASP B 308 0.83 -33.02 27.51
C ASP B 308 2.09 -33.86 27.63
N PHE B 309 2.63 -34.28 26.49
CA PHE B 309 3.89 -35.02 26.45
C PHE B 309 4.97 -34.38 27.33
N TYR B 310 5.27 -33.11 27.08
CA TYR B 310 6.36 -32.46 27.79
C TYR B 310 6.22 -32.56 29.31
N GLU B 311 5.04 -32.18 29.81
CA GLU B 311 4.81 -32.26 31.25
C GLU B 311 5.21 -33.64 31.81
N LYS B 312 4.65 -34.70 31.23
CA LYS B 312 4.99 -36.05 31.61
C LYS B 312 6.49 -36.35 31.44
N TYR B 313 6.98 -36.31 30.20
CA TYR B 313 8.38 -36.61 29.94
C TYR B 313 9.31 -35.90 30.94
N PHE B 314 9.17 -34.58 31.08
CA PHE B 314 10.00 -33.80 32.00
C PHE B 314 9.60 -34.01 33.46
N ASP B 315 8.39 -34.57 33.63
CA ASP B 315 7.82 -34.78 34.96
C ASP B 315 7.68 -33.47 35.74
N ILE B 316 7.58 -32.38 35.01
CA ILE B 316 7.34 -31.07 35.64
C ILE B 316 6.15 -30.39 34.97
N TYR B 317 5.07 -30.22 35.73
CA TYR B 317 3.91 -29.48 35.24
C TYR B 317 4.34 -28.11 34.72
N TYR B 318 3.67 -27.67 33.66
CA TYR B 318 3.85 -26.33 33.15
C TYR B 318 3.10 -25.37 34.08
N PRO B 319 3.86 -24.49 34.75
CA PRO B 319 3.43 -23.65 35.89
C PRO B 319 2.19 -22.81 35.64
N LEU B 320 2.11 -22.21 34.45
CA LEU B 320 1.11 -21.18 34.16
C LEU B 320 -0.26 -21.76 33.82
N SER B 321 -1.32 -21.07 34.25
CA SER B 321 -2.70 -21.44 33.94
C SER B 321 -2.96 -21.53 32.44
N LYS B 322 -2.35 -20.63 31.68
CA LYS B 322 -2.65 -20.52 30.25
C LYS B 322 -1.37 -20.52 29.46
N LEU B 323 -1.49 -20.93 28.20
CA LEU B 323 -0.41 -20.80 27.24
C LEU B 323 -1.01 -20.32 25.93
N ASP B 324 -0.49 -19.21 25.42
CA ASP B 324 -0.96 -18.67 24.15
C ASP B 324 0.14 -18.73 23.12
N LEU B 325 -0.25 -19.03 21.88
CA LEU B 325 0.66 -18.97 20.75
C LEU B 325 0.02 -18.06 19.72
N ILE B 326 0.74 -17.01 19.32
CA ILE B 326 0.15 -16.02 18.44
C ILE B 326 0.95 -15.88 17.17
N ALA B 327 0.25 -15.72 16.05
CA ALA B 327 0.90 -15.68 14.76
C ALA B 327 1.08 -14.23 14.35
N ILE B 328 2.26 -13.70 14.62
CA ILE B 328 2.59 -12.33 14.29
C ILE B 328 2.93 -12.17 12.82
N PRO B 329 2.12 -11.37 12.10
CA PRO B 329 2.36 -10.90 10.72
C PRO B 329 3.80 -10.56 10.42
N ASP B 330 4.31 -9.52 11.09
CA ASP B 330 5.69 -9.09 10.99
C ASP B 330 6.53 -9.65 12.12
N PHE B 331 7.35 -10.64 11.83
CA PHE B 331 8.14 -11.26 12.86
C PHE B 331 9.44 -11.75 12.25
N ALA B 332 10.57 -11.38 12.84
CA ALA B 332 11.86 -11.71 12.29
C ALA B 332 12.25 -13.15 12.49
N PRO B 333 12.32 -13.61 13.75
CA PRO B 333 12.68 -15.01 13.99
C PRO B 333 11.53 -15.90 13.58
N GLY B 334 11.74 -17.21 13.61
CA GLY B 334 10.67 -18.14 13.31
C GLY B 334 9.66 -18.12 14.44
N ALA B 335 10.09 -17.71 15.62
CA ALA B 335 9.24 -17.70 16.83
C ALA B 335 10.05 -17.30 18.05
N MET B 336 9.37 -16.85 19.10
CA MET B 336 10.02 -16.45 20.34
C MET B 336 9.36 -17.08 21.55
N GLU B 337 10.15 -17.75 22.39
CA GLU B 337 9.60 -18.59 23.45
C GLU B 337 9.03 -17.86 24.68
N ASN B 338 8.58 -16.61 24.49
CA ASN B 338 8.12 -15.83 25.64
C ASN B 338 7.17 -16.65 26.51
N TRP B 339 7.54 -16.80 27.78
CA TRP B 339 6.78 -17.64 28.70
C TRP B 339 5.28 -17.29 28.67
N GLY B 340 4.47 -18.27 28.29
CA GLY B 340 3.02 -18.15 28.31
C GLY B 340 2.47 -17.34 27.14
N LEU B 341 3.38 -16.76 26.38
CA LEU B 341 3.02 -15.94 25.22
C LEU B 341 4.07 -16.11 24.14
N ILE B 342 3.93 -17.19 23.37
CA ILE B 342 4.90 -17.50 22.34
C ILE B 342 4.48 -16.92 21.00
N THR B 343 5.35 -16.09 20.45
CA THR B 343 5.13 -15.51 19.15
C THR B 343 5.68 -16.41 18.03
N TYR B 344 5.08 -16.31 16.87
CA TYR B 344 5.44 -17.12 15.73
C TYR B 344 5.34 -16.29 14.46
N ARG B 345 6.06 -16.70 13.42
CA ARG B 345 5.69 -16.25 12.10
C ARG B 345 4.51 -17.10 11.70
N GLU B 346 3.61 -16.52 10.90
CA GLU B 346 2.43 -17.25 10.45
C GLU B 346 2.82 -18.56 9.78
N THR B 347 4.00 -18.58 9.18
CA THR B 347 4.50 -19.76 8.48
C THR B 347 5.14 -20.77 9.45
N SER B 348 5.07 -20.49 10.74
CA SER B 348 5.64 -21.42 11.69
C SER B 348 4.49 -22.05 12.44
N LEU B 349 3.33 -21.39 12.40
CA LEU B 349 2.25 -21.77 13.30
C LEU B 349 0.94 -22.10 12.59
N LEU B 350 0.80 -21.63 11.35
CA LEU B 350 -0.50 -21.69 10.68
C LEU B 350 -0.55 -22.74 9.57
N PHE B 351 -1.63 -23.51 9.56
CA PHE B 351 -1.78 -24.60 8.59
C PHE B 351 -3.16 -24.65 7.93
N ASP B 352 -3.13 -24.75 6.60
CA ASP B 352 -4.31 -24.73 5.77
C ASP B 352 -4.19 -25.87 4.76
N PRO B 353 -4.97 -26.94 4.98
CA PRO B 353 -4.79 -28.23 4.29
C PRO B 353 -4.85 -28.04 2.78
N LYS B 354 -5.48 -26.95 2.35
CA LYS B 354 -5.61 -26.62 0.94
C LYS B 354 -4.27 -26.20 0.35
N THR B 355 -3.45 -25.58 1.20
CA THR B 355 -2.23 -24.95 0.69
C THR B 355 -0.99 -25.41 1.44
N SER B 356 -1.18 -25.98 2.61
CA SER B 356 -0.02 -26.44 3.37
C SER B 356 0.30 -27.91 3.09
N SER B 357 1.58 -28.20 2.87
CA SER B 357 2.03 -29.50 2.37
C SER B 357 2.57 -30.43 3.46
N ALA B 358 3.15 -31.54 3.01
CA ALA B 358 3.77 -32.53 3.90
C ALA B 358 4.79 -31.88 4.83
N SER B 359 5.88 -31.43 4.21
CA SER B 359 6.95 -30.70 4.87
C SER B 359 6.40 -29.61 5.79
N ASP B 360 5.67 -28.67 5.20
CA ASP B 360 5.05 -27.61 5.98
C ASP B 360 4.57 -28.16 7.30
N LYS B 361 3.51 -28.96 7.25
CA LYS B 361 2.95 -29.57 8.44
C LYS B 361 4.06 -29.96 9.40
N LEU B 362 5.04 -30.69 8.86
CA LEU B 362 6.12 -31.21 9.67
C LEU B 362 6.88 -30.11 10.40
N TRP B 363 7.15 -29.03 9.66
CA TRP B 363 7.91 -27.89 10.15
C TRP B 363 7.15 -27.11 11.24
N VAL B 364 5.90 -26.78 10.99
CA VAL B 364 5.11 -26.09 11.99
C VAL B 364 5.00 -26.98 13.23
N THR B 365 4.74 -28.27 13.01
CA THR B 365 4.75 -29.21 14.13
C THR B 365 6.06 -28.99 14.86
N ARG B 366 7.14 -28.90 14.08
CA ARG B 366 8.49 -28.82 14.62
C ARG B 366 8.66 -27.62 15.54
N VAL B 367 8.40 -26.43 15.01
CA VAL B 367 8.71 -25.23 15.75
C VAL B 367 7.77 -25.07 16.95
N ILE B 368 6.58 -25.66 16.86
CA ILE B 368 5.68 -25.59 18.00
C ILE B 368 6.30 -26.39 19.11
N ALA B 369 6.80 -27.56 18.74
CA ALA B 369 7.45 -28.47 19.66
C ALA B 369 8.64 -27.76 20.29
N HIS B 370 9.52 -27.25 19.43
CA HIS B 370 10.74 -26.54 19.86
C HIS B 370 10.44 -25.39 20.81
N GLU B 371 9.33 -24.70 20.58
CA GLU B 371 9.00 -23.57 21.40
C GLU B 371 8.42 -24.00 22.74
N LEU B 372 7.64 -25.09 22.72
CA LEU B 372 7.07 -25.59 23.98
C LEU B 372 8.18 -26.13 24.85
N ALA B 373 9.15 -26.78 24.21
CA ALA B 373 10.32 -27.27 24.91
C ALA B 373 11.01 -26.15 25.70
N HIS B 374 11.01 -24.93 25.15
CA HIS B 374 11.65 -23.77 25.79
C HIS B 374 11.01 -23.39 27.14
N GLN B 375 9.74 -23.76 27.30
CA GLN B 375 9.03 -23.46 28.53
C GLN B 375 9.77 -24.05 29.71
N TRP B 376 10.52 -25.12 29.46
CA TRP B 376 11.37 -25.71 30.48
C TRP B 376 12.83 -25.31 30.22
N PHE B 377 13.35 -25.72 29.06
CA PHE B 377 14.73 -25.40 28.67
C PHE B 377 14.91 -23.93 28.22
N GLY B 378 15.34 -23.09 29.16
CA GLY B 378 15.44 -21.68 28.88
C GLY B 378 14.54 -20.87 29.81
N ASN B 379 13.24 -21.13 29.76
CA ASN B 379 12.29 -20.36 30.57
C ASN B 379 12.40 -20.67 32.06
N LEU B 380 12.08 -21.92 32.42
CA LEU B 380 12.18 -22.37 33.78
C LEU B 380 13.63 -22.27 34.25
N VAL B 381 14.51 -22.96 33.56
CA VAL B 381 15.94 -22.99 33.88
C VAL B 381 16.75 -22.18 32.87
N THR B 382 17.16 -20.98 33.25
CA THR B 382 17.80 -20.08 32.29
C THR B 382 19.34 -20.04 32.38
N MET B 383 20.02 -20.35 31.28
CA MET B 383 21.47 -20.15 31.24
C MET B 383 21.85 -18.83 31.92
N GLU B 384 23.02 -18.80 32.56
CA GLU B 384 23.45 -17.62 33.30
C GLU B 384 23.85 -16.47 32.38
N TRP B 385 24.33 -16.81 31.19
CA TRP B 385 24.80 -15.79 30.27
C TRP B 385 24.96 -16.32 28.84
N TRP B 386 25.01 -15.40 27.88
CA TRP B 386 24.82 -15.72 26.48
C TRP B 386 25.90 -16.62 25.87
N ASN B 387 26.92 -16.94 26.66
CA ASN B 387 27.94 -17.87 26.18
C ASN B 387 27.42 -19.31 26.16
N ASP B 388 26.71 -19.70 27.20
CA ASP B 388 26.12 -21.03 27.24
C ASP B 388 24.68 -21.00 26.74
N ILE B 389 24.41 -20.07 25.81
CA ILE B 389 23.12 -19.99 25.12
C ILE B 389 22.75 -21.38 24.62
N TRP B 390 23.76 -22.09 24.12
CA TRP B 390 23.58 -23.42 23.57
C TRP B 390 22.75 -24.31 24.49
N LEU B 391 22.86 -24.10 25.80
CA LEU B 391 22.18 -24.93 26.78
C LEU B 391 20.67 -24.89 26.60
N LYS B 392 20.22 -23.69 26.22
CA LYS B 392 18.81 -23.41 26.01
C LYS B 392 18.43 -23.90 24.61
N GLU B 393 19.30 -23.61 23.64
CA GLU B 393 18.96 -23.78 22.23
C GLU B 393 19.27 -25.18 21.65
N GLY B 394 20.38 -25.77 22.06
CA GLY B 394 20.72 -27.12 21.63
C GLY B 394 19.80 -28.17 22.23
N PHE B 395 19.42 -27.92 23.48
CA PHE B 395 18.53 -28.84 24.18
C PHE B 395 17.10 -28.77 23.65
N ALA B 396 16.68 -27.54 23.32
CA ALA B 396 15.42 -27.30 22.63
C ALA B 396 15.45 -27.85 21.19
N LYS B 397 16.54 -27.62 20.48
CA LYS B 397 16.67 -28.16 19.13
C LYS B 397 16.61 -29.68 19.17
N TYR B 398 17.06 -30.24 20.29
CA TYR B 398 17.09 -31.68 20.46
C TYR B 398 15.72 -32.22 20.80
N MET B 399 15.16 -31.68 21.87
CA MET B 399 13.85 -32.11 22.33
C MET B 399 12.84 -32.12 21.19
N GLU B 400 13.11 -31.31 20.15
CA GLU B 400 12.34 -31.38 18.91
C GLU B 400 12.20 -32.85 18.54
N LEU B 401 13.33 -33.45 18.21
CA LEU B 401 13.42 -34.86 17.89
C LEU B 401 12.52 -35.71 18.79
N ILE B 402 12.83 -35.71 20.08
CA ILE B 402 12.18 -36.60 21.02
C ILE B 402 10.65 -36.54 20.91
N ALA B 403 10.11 -35.37 21.22
CA ALA B 403 8.67 -35.18 21.41
C ALA B 403 7.84 -35.42 20.14
N VAL B 404 8.40 -35.09 18.98
CA VAL B 404 7.65 -35.25 17.74
C VAL B 404 7.60 -36.71 17.38
N ASN B 405 8.77 -37.36 17.39
CA ASN B 405 8.82 -38.81 17.26
C ASN B 405 7.85 -39.44 18.25
N ALA B 406 7.77 -38.83 19.42
CA ALA B 406 6.88 -39.30 20.49
C ALA B 406 5.39 -39.14 20.15
N THR B 407 4.97 -37.91 19.87
CA THR B 407 3.56 -37.62 19.62
C THR B 407 3.15 -37.90 18.18
N TYR B 408 3.98 -37.46 17.24
CA TYR B 408 3.69 -37.63 15.81
C TYR B 408 4.72 -38.51 15.11
N PRO B 409 4.73 -39.80 15.47
CA PRO B 409 5.70 -40.71 14.86
C PRO B 409 5.39 -40.94 13.39
N GLU B 410 4.22 -40.49 12.93
CA GLU B 410 3.88 -40.63 11.51
C GLU B 410 4.60 -39.58 10.67
N LEU B 411 4.97 -38.48 11.30
CA LEU B 411 5.74 -37.44 10.62
C LEU B 411 7.15 -37.95 10.29
N GLN B 412 7.58 -38.97 11.04
CA GLN B 412 8.83 -39.66 10.78
C GLN B 412 9.97 -38.68 10.80
N PHE B 413 9.90 -37.74 11.74
CA PHE B 413 10.91 -36.68 11.84
C PHE B 413 12.31 -37.28 12.07
N ASP B 414 12.36 -38.48 12.65
CA ASP B 414 13.62 -39.14 12.95
C ASP B 414 14.49 -39.30 11.71
N ASP B 415 14.00 -40.07 10.74
CA ASP B 415 14.75 -40.31 9.50
C ASP B 415 15.29 -39.00 8.92
N TYR B 416 14.61 -37.90 9.21
CA TYR B 416 15.11 -36.57 8.82
C TYR B 416 16.28 -36.12 9.70
N PHE B 417 16.02 -36.02 11.01
CA PHE B 417 16.92 -35.40 11.96
C PHE B 417 18.38 -35.26 11.53
N LEU B 418 18.97 -36.36 11.10
CA LEU B 418 20.39 -36.38 10.75
C LEU B 418 20.82 -35.15 9.95
N ASN B 419 19.96 -34.69 9.05
CA ASN B 419 20.23 -33.52 8.21
C ASN B 419 20.64 -32.34 9.06
N VAL B 420 19.95 -32.17 10.18
CA VAL B 420 20.33 -31.17 11.18
C VAL B 420 21.82 -31.22 11.44
N CYS B 421 22.33 -32.43 11.58
CA CYS B 421 23.73 -32.65 11.93
C CYS B 421 24.65 -32.54 10.72
N PHE B 422 24.34 -33.32 9.69
CA PHE B 422 25.06 -33.24 8.43
C PHE B 422 25.38 -31.80 8.05
N GLU B 423 24.43 -30.90 8.32
CA GLU B 423 24.54 -29.53 7.86
C GLU B 423 25.43 -28.69 8.77
N VAL B 424 25.37 -28.96 10.07
CA VAL B 424 26.29 -28.31 10.98
C VAL B 424 27.72 -28.84 10.71
N ILE B 425 27.83 -30.15 10.52
CA ILE B 425 29.08 -30.79 10.10
C ILE B 425 29.75 -30.05 8.95
N THR B 426 28.93 -29.47 8.07
CA THR B 426 29.46 -28.78 6.92
C THR B 426 30.17 -27.48 7.32
N LYS B 427 29.66 -26.85 8.38
CA LYS B 427 30.16 -25.56 8.80
C LYS B 427 31.25 -25.76 9.86
N ASP B 428 31.17 -26.89 10.56
CA ASP B 428 32.13 -27.24 11.60
C ASP B 428 33.43 -27.83 11.02
N SER B 429 33.37 -28.16 9.72
CA SER B 429 34.52 -28.69 9.01
C SER B 429 35.35 -27.54 8.42
N LEU B 430 35.33 -26.40 9.09
CA LEU B 430 36.12 -25.25 8.68
C LEU B 430 36.96 -24.74 9.84
N ASN B 431 37.97 -23.92 9.52
CA ASN B 431 38.79 -23.30 10.54
C ASN B 431 38.10 -22.08 11.15
N SER B 432 37.17 -21.51 10.38
CA SER B 432 36.36 -20.37 10.84
C SER B 432 35.14 -20.83 11.66
N SER B 433 35.23 -22.05 12.19
CA SER B 433 34.20 -22.57 13.06
C SER B 433 34.52 -22.16 14.49
N ARG B 434 33.65 -22.52 15.43
CA ARG B 434 33.84 -22.15 16.83
C ARG B 434 33.31 -23.24 17.76
N PRO B 435 33.55 -23.06 19.07
CA PRO B 435 33.06 -23.97 20.11
C PRO B 435 31.65 -23.62 20.51
N ILE B 436 30.75 -24.59 20.51
CA ILE B 436 29.39 -24.39 21.00
C ILE B 436 29.32 -23.42 22.19
N SER B 437 30.25 -23.55 23.13
CA SER B 437 30.28 -22.66 24.28
C SER B 437 31.47 -21.72 24.15
N LYS B 438 31.18 -20.42 24.08
CA LYS B 438 32.20 -19.40 23.78
C LYS B 438 31.91 -18.08 24.50
N PRO B 439 32.94 -17.27 24.77
CA PRO B 439 32.75 -15.94 25.36
C PRO B 439 31.91 -15.02 24.47
N ALA B 440 30.97 -14.27 25.05
CA ALA B 440 30.11 -13.33 24.32
C ALA B 440 29.91 -11.97 25.02
N GLU B 441 29.94 -10.89 24.24
CA GLU B 441 30.06 -9.53 24.80
C GLU B 441 29.07 -8.48 24.27
N THR B 442 29.47 -7.76 23.22
CA THR B 442 28.59 -6.80 22.56
C THR B 442 27.24 -7.47 22.23
N PRO B 443 26.15 -6.67 22.13
CA PRO B 443 24.87 -7.28 21.76
C PRO B 443 25.05 -8.08 20.48
N THR B 444 25.94 -7.58 19.62
CA THR B 444 26.18 -8.19 18.31
C THR B 444 26.79 -9.57 18.40
N GLN B 445 27.82 -9.73 19.21
CA GLN B 445 28.38 -11.06 19.44
C GLN B 445 27.28 -11.99 19.93
N ILE B 446 26.56 -11.55 20.95
CA ILE B 446 25.46 -12.33 21.47
C ILE B 446 24.57 -12.83 20.33
N GLN B 447 24.19 -11.94 19.44
CA GLN B 447 23.33 -12.31 18.33
C GLN B 447 24.00 -13.36 17.45
N GLU B 448 25.26 -13.10 17.10
CA GLU B 448 26.03 -14.05 16.32
C GLU B 448 25.98 -15.42 16.99
N MET B 449 25.74 -15.42 18.31
CA MET B 449 25.70 -16.66 19.07
C MET B 449 24.56 -17.58 18.64
N PHE B 450 23.55 -17.01 18.00
CA PHE B 450 22.41 -17.82 17.57
C PHE B 450 22.64 -18.44 16.20
N ASP B 451 23.23 -19.63 16.19
CA ASP B 451 23.61 -20.28 14.93
C ASP B 451 23.57 -21.80 14.98
N GLU B 452 24.01 -22.41 13.89
CA GLU B 452 23.92 -23.85 13.66
C GLU B 452 24.72 -24.62 14.70
N VAL B 453 25.81 -24.01 15.13
CA VAL B 453 26.63 -24.52 16.22
C VAL B 453 25.80 -24.67 17.49
N SER B 454 25.46 -23.53 18.10
CA SER B 454 24.65 -23.51 19.32
C SER B 454 23.41 -24.38 19.17
N TYR B 455 22.79 -24.29 18.01
CA TYR B 455 21.52 -24.94 17.78
C TYR B 455 21.68 -26.40 17.41
N ASN B 456 22.28 -26.64 16.23
CA ASN B 456 22.32 -27.98 15.67
C ASN B 456 23.37 -28.90 16.29
N LYS B 457 24.63 -28.48 16.27
CA LYS B 457 25.67 -29.28 16.89
C LYS B 457 25.23 -29.57 18.31
N GLY B 458 24.85 -28.53 19.04
CA GLY B 458 24.35 -28.68 20.39
C GLY B 458 23.31 -29.78 20.51
N ALA B 459 22.40 -29.82 19.54
CA ALA B 459 21.35 -30.82 19.53
C ALA B 459 21.93 -32.18 19.20
N CYS B 460 23.01 -32.20 18.42
CA CYS B 460 23.61 -33.42 17.95
C CYS B 460 24.48 -34.12 19.01
N ILE B 461 25.39 -33.37 19.63
CA ILE B 461 26.28 -33.91 20.65
C ILE B 461 25.51 -34.36 21.88
N LEU B 462 24.41 -33.67 22.15
CA LEU B 462 23.49 -34.12 23.16
C LEU B 462 22.93 -35.49 22.78
N ASN B 463 22.51 -35.60 21.53
CA ASN B 463 21.95 -36.83 21.02
C ASN B 463 22.95 -37.96 21.11
N MET B 464 24.13 -37.73 20.54
CA MET B 464 25.26 -38.61 20.74
C MET B 464 25.33 -39.02 22.21
N LEU B 465 25.53 -38.04 23.08
CA LEU B 465 25.60 -38.28 24.51
C LEU B 465 24.47 -39.18 25.04
N LYS B 466 23.24 -38.98 24.56
CA LYS B 466 22.13 -39.84 24.97
C LYS B 466 22.30 -41.28 24.50
N ASP B 467 23.01 -41.47 23.39
CA ASP B 467 23.30 -42.81 22.88
C ASP B 467 24.22 -43.55 23.86
N PHE B 468 25.34 -42.91 24.18
CA PHE B 468 26.29 -43.44 25.16
C PHE B 468 25.65 -43.73 26.53
N LEU B 469 24.56 -43.04 26.85
CA LEU B 469 23.96 -43.12 28.18
C LEU B 469 22.58 -43.79 28.21
N GLY B 470 21.90 -43.82 27.06
CA GLY B 470 20.60 -44.46 26.96
C GLY B 470 19.45 -43.60 27.41
N GLU B 471 18.29 -43.78 26.78
CA GLU B 471 17.11 -42.97 27.06
C GLU B 471 16.80 -42.87 28.54
N GLU B 472 16.33 -43.98 29.11
CA GLU B 472 15.91 -44.04 30.51
C GLU B 472 16.86 -43.31 31.44
N LYS B 473 18.15 -43.43 31.17
CA LYS B 473 19.16 -42.80 31.99
C LYS B 473 19.25 -41.31 31.68
N PHE B 474 19.22 -40.98 30.39
CA PHE B 474 19.32 -39.60 29.92
C PHE B 474 18.11 -38.80 30.37
N GLN B 475 16.93 -39.43 30.25
CA GLN B 475 15.69 -38.84 30.73
C GLN B 475 15.80 -38.46 32.19
N LYS B 476 16.14 -39.43 33.04
CA LYS B 476 16.41 -39.13 34.44
C LYS B 476 17.37 -37.94 34.52
N GLY B 477 18.45 -38.02 33.75
CA GLY B 477 19.48 -36.99 33.73
C GLY B 477 18.91 -35.59 33.65
N ILE B 478 17.90 -35.41 32.79
CA ILE B 478 17.34 -34.08 32.56
C ILE B 478 16.25 -33.71 33.57
N ILE B 479 15.40 -34.67 33.96
CA ILE B 479 14.39 -34.41 34.99
C ILE B 479 15.06 -33.78 36.20
N GLN B 480 16.16 -34.40 36.62
CA GLN B 480 16.93 -33.89 37.75
C GLN B 480 17.35 -32.46 37.47
N TYR B 481 18.20 -32.31 36.47
CA TYR B 481 18.70 -31.01 36.02
C TYR B 481 17.65 -29.89 36.08
N LEU B 482 16.50 -30.13 35.46
CA LEU B 482 15.43 -29.15 35.39
C LEU B 482 14.97 -28.75 36.80
N LYS B 483 14.60 -29.74 37.60
CA LYS B 483 14.11 -29.49 38.94
C LYS B 483 15.15 -28.81 39.85
N LYS B 484 16.43 -29.15 39.67
CA LYS B 484 17.47 -28.57 40.51
C LYS B 484 17.74 -27.10 40.18
N PHE B 485 17.09 -26.59 39.14
CA PHE B 485 17.32 -25.21 38.74
C PHE B 485 16.05 -24.45 38.38
N SER B 486 14.90 -25.11 38.51
CA SER B 486 13.61 -24.44 38.33
C SER B 486 13.69 -23.00 38.84
N TYR B 487 13.20 -22.06 38.06
CA TYR B 487 13.16 -20.67 38.49
C TYR B 487 14.54 -20.12 38.85
N ARG B 488 15.52 -20.37 38.00
CA ARG B 488 16.86 -19.81 38.17
C ARG B 488 17.78 -20.15 37.00
N ASN B 489 19.06 -19.84 37.18
CA ASN B 489 20.06 -20.02 36.14
C ASN B 489 20.93 -21.27 36.33
N ALA B 490 21.63 -21.66 35.27
CA ALA B 490 22.53 -22.80 35.30
C ALA B 490 23.74 -22.55 34.39
N LYS B 491 24.88 -23.12 34.78
CA LYS B 491 26.14 -22.92 34.07
C LYS B 491 26.34 -24.07 33.10
N ASN B 492 27.23 -23.86 32.14
CA ASN B 492 27.56 -24.93 31.19
C ASN B 492 27.85 -26.21 31.96
N ASP B 493 28.86 -26.16 32.82
CA ASP B 493 29.24 -27.30 33.63
C ASP B 493 28.05 -27.82 34.42
N ASP B 494 27.27 -26.92 35.01
CA ASP B 494 26.09 -27.29 35.79
C ASP B 494 25.32 -28.45 35.17
N LEU B 495 25.12 -28.40 33.86
CA LEU B 495 24.33 -29.41 33.15
C LEU B 495 25.03 -30.77 33.11
N TRP B 496 26.28 -30.78 32.69
CA TRP B 496 27.04 -32.01 32.65
C TRP B 496 26.92 -32.72 33.98
N SER B 497 27.23 -32.01 35.05
CA SER B 497 27.14 -32.56 36.40
C SER B 497 25.81 -33.25 36.68
N SER B 498 24.70 -32.55 36.43
CA SER B 498 23.36 -33.08 36.72
C SER B 498 23.03 -34.30 35.88
N LEU B 499 23.64 -34.37 34.69
CA LEU B 499 23.47 -35.52 33.80
C LEU B 499 24.30 -36.70 34.31
N SER B 500 25.62 -36.51 34.31
CA SER B 500 26.58 -37.57 34.63
C SER B 500 26.47 -38.17 36.03
N ASN B 501 26.43 -37.32 37.06
CA ASN B 501 26.55 -37.80 38.43
C ASN B 501 25.21 -37.70 39.18
N SER B 502 24.50 -38.83 39.23
CA SER B 502 23.16 -38.88 39.78
C SER B 502 23.03 -39.90 40.92
N ALA B 532 30.81 -43.16 38.21
CA ALA B 532 31.14 -43.17 36.79
C ALA B 532 30.74 -41.85 36.11
N GLU B 533 31.73 -41.10 35.62
CA GLU B 533 31.48 -39.80 35.00
C GLU B 533 31.57 -39.77 33.47
N VAL B 534 31.58 -38.55 32.92
CA VAL B 534 31.20 -38.22 31.55
C VAL B 534 31.74 -36.82 31.23
N LYS B 535 31.73 -35.96 32.25
CA LYS B 535 32.24 -34.59 32.15
C LYS B 535 33.34 -34.46 31.10
N GLU B 536 34.47 -35.13 31.34
CA GLU B 536 35.62 -35.04 30.44
C GLU B 536 35.16 -35.04 28.98
N MET B 537 34.35 -36.03 28.63
CA MET B 537 33.88 -36.23 27.27
C MET B 537 33.26 -34.97 26.67
N MET B 538 32.11 -34.58 27.20
CA MET B 538 31.38 -33.46 26.68
C MET B 538 32.20 -32.19 26.76
N THR B 539 33.02 -32.08 27.80
CA THR B 539 33.84 -30.88 28.03
C THR B 539 34.82 -30.56 26.88
N THR B 540 35.35 -31.59 26.25
CA THR B 540 36.13 -31.37 25.03
C THR B 540 35.24 -30.95 23.87
N TRP B 541 34.06 -31.56 23.79
CA TRP B 541 33.09 -31.24 22.74
C TRP B 541 32.69 -29.78 22.77
N THR B 542 32.16 -29.35 23.92
CA THR B 542 31.61 -28.00 24.08
C THR B 542 32.66 -26.89 23.93
N LEU B 543 33.90 -27.15 24.34
CA LEU B 543 34.87 -26.06 24.49
C LEU B 543 35.91 -25.93 23.39
N GLN B 544 35.83 -26.75 22.36
CA GLN B 544 36.74 -26.58 21.24
C GLN B 544 36.03 -26.65 19.88
N LYS B 545 36.71 -26.13 18.86
CA LYS B 545 36.18 -26.04 17.49
C LYS B 545 35.96 -27.42 16.84
N GLY B 546 35.77 -27.42 15.52
CA GLY B 546 35.79 -28.60 14.68
C GLY B 546 35.07 -29.89 15.04
N ILE B 547 35.24 -30.89 14.17
CA ILE B 547 34.69 -32.22 14.35
C ILE B 547 35.75 -33.29 14.01
N PRO B 548 35.77 -34.39 14.78
CA PRO B 548 36.76 -35.45 14.60
C PRO B 548 36.56 -36.29 13.35
N LEU B 549 37.66 -36.60 12.67
CA LEU B 549 37.69 -37.62 11.63
C LEU B 549 38.43 -38.83 12.18
N LEU B 550 37.80 -40.01 12.11
CA LEU B 550 38.38 -41.23 12.66
C LEU B 550 38.69 -42.29 11.59
N VAL B 551 39.85 -42.15 10.95
CA VAL B 551 40.33 -43.11 9.97
C VAL B 551 40.54 -44.49 10.59
N VAL B 552 40.14 -45.53 9.87
CA VAL B 552 40.30 -46.90 10.36
C VAL B 552 40.97 -47.83 9.33
N LYS B 553 41.96 -48.59 9.80
CA LYS B 553 42.74 -49.50 8.96
C LYS B 553 42.47 -50.97 9.31
N GLN B 554 42.19 -51.78 8.29
CA GLN B 554 41.80 -53.17 8.50
C GLN B 554 42.90 -54.17 8.13
N ASP B 555 43.56 -54.73 9.14
CA ASP B 555 44.58 -55.76 8.94
C ASP B 555 44.21 -57.08 9.63
N GLY B 556 43.28 -57.83 9.03
CA GLY B 556 42.93 -59.15 9.50
C GLY B 556 42.01 -59.20 10.70
N CYS B 557 42.57 -58.87 11.87
CA CYS B 557 41.79 -58.85 13.11
C CYS B 557 42.24 -57.71 14.03
N SER B 558 43.15 -56.87 13.53
CA SER B 558 43.55 -55.66 14.25
C SER B 558 43.29 -54.39 13.44
N LEU B 559 42.54 -53.46 14.04
CA LEU B 559 42.13 -52.23 13.37
C LEU B 559 42.84 -51.03 13.98
N ARG B 560 43.57 -50.30 13.16
CA ARG B 560 44.21 -49.06 13.61
C ARG B 560 43.24 -47.89 13.65
N LEU B 561 43.25 -47.17 14.77
CA LEU B 561 42.39 -46.01 14.93
C LEU B 561 43.23 -44.75 15.13
N GLN B 562 43.14 -43.84 14.18
CA GLN B 562 43.76 -42.53 14.29
C GLN B 562 42.64 -41.49 14.30
N GLN B 563 42.70 -40.55 15.23
CA GLN B 563 41.71 -39.47 15.31
C GLN B 563 42.31 -38.13 14.89
N GLU B 564 41.69 -37.46 13.91
CA GLU B 564 42.18 -36.19 13.42
C GLU B 564 41.09 -35.12 13.54
N ARG B 565 41.48 -33.85 13.54
CA ARG B 565 40.49 -32.80 13.33
C ARG B 565 40.09 -32.87 11.87
N PHE B 566 38.79 -32.98 11.62
CA PHE B 566 38.33 -32.99 10.24
C PHE B 566 38.33 -31.57 9.68
N LEU B 567 38.86 -31.42 8.48
CA LEU B 567 38.81 -30.14 7.76
C LEU B 567 38.54 -30.34 6.27
N GLN B 568 38.23 -29.25 5.57
CA GLN B 568 37.88 -29.34 4.16
C GLN B 568 38.81 -28.55 3.27
N GLY B 569 40.08 -28.97 3.22
CA GLY B 569 41.09 -28.41 2.31
C GLY B 569 41.16 -26.90 2.19
N VAL B 570 42.34 -26.33 2.38
CA VAL B 570 43.54 -27.10 2.70
C VAL B 570 43.59 -27.42 4.19
N ARG B 583 46.15 -29.75 17.38
CA ARG B 583 46.02 -29.48 18.81
C ARG B 583 44.65 -29.88 19.38
N TYR B 584 43.99 -30.83 18.72
CA TYR B 584 42.63 -31.24 19.10
C TYR B 584 42.56 -32.70 19.54
N LEU B 585 41.82 -32.95 20.60
CA LEU B 585 41.67 -34.28 21.17
C LEU B 585 40.23 -34.50 21.60
N TRP B 586 39.63 -35.62 21.18
CA TRP B 586 38.23 -35.90 21.51
C TRP B 586 38.00 -37.22 22.26
N HIS B 587 37.22 -37.15 23.34
CA HIS B 587 36.77 -38.36 24.04
C HIS B 587 35.61 -39.00 23.28
N ILE B 588 35.77 -39.04 21.97
CA ILE B 588 34.75 -39.47 21.04
C ILE B 588 34.38 -40.94 21.19
N PRO B 589 33.15 -41.21 21.66
CA PRO B 589 32.66 -42.60 21.79
C PRO B 589 32.65 -43.26 20.42
N LEU B 590 32.99 -44.53 20.36
CA LEU B 590 32.92 -45.23 19.08
C LEU B 590 31.82 -46.28 19.01
N THR B 591 31.48 -46.66 17.79
CA THR B 591 30.51 -47.70 17.55
C THR B 591 30.95 -48.39 16.28
N TYR B 592 30.44 -49.60 16.05
CA TYR B 592 30.77 -50.32 14.82
C TYR B 592 30.11 -51.68 14.78
N SER B 593 29.75 -52.11 13.58
CA SER B 593 29.31 -53.49 13.38
C SER B 593 30.25 -54.16 12.38
N THR B 594 29.99 -55.43 12.12
CA THR B 594 30.78 -56.20 11.17
C THR B 594 29.81 -56.86 10.21
N SER B 595 30.33 -57.37 9.10
CA SER B 595 29.47 -58.05 8.13
C SER B 595 28.85 -59.27 8.77
N SER B 596 29.48 -59.76 9.83
CA SER B 596 29.01 -60.94 10.56
C SER B 596 27.70 -60.67 11.32
N SER B 597 27.76 -60.72 12.64
CA SER B 597 26.57 -60.45 13.43
C SER B 597 26.24 -58.96 13.36
N ASN B 598 24.95 -58.69 13.21
CA ASN B 598 24.42 -57.34 13.28
C ASN B 598 24.25 -56.91 14.73
N VAL B 599 25.34 -56.92 15.49
CA VAL B 599 25.30 -56.47 16.89
C VAL B 599 26.25 -55.30 17.10
N ILE B 600 25.86 -54.41 18.02
CA ILE B 600 26.56 -53.15 18.21
C ILE B 600 27.70 -53.23 19.23
N HIS B 601 28.91 -53.33 18.70
CA HIS B 601 30.09 -53.27 19.52
C HIS B 601 30.44 -51.83 19.80
N ARG B 602 30.41 -51.47 21.08
CA ARG B 602 30.77 -50.13 21.51
C ARG B 602 32.22 -50.13 21.95
N HIS B 603 32.69 -48.98 22.40
CA HIS B 603 34.09 -48.81 22.79
C HIS B 603 34.41 -47.33 22.71
N ILE B 604 34.84 -46.76 23.83
CA ILE B 604 35.13 -45.34 23.87
C ILE B 604 36.40 -44.98 23.11
N LEU B 605 37.27 -44.20 23.74
CA LEU B 605 38.49 -43.68 23.13
C LEU B 605 38.78 -42.38 23.84
N LYS B 606 40.06 -42.06 24.03
CA LYS B 606 40.43 -40.81 24.65
C LYS B 606 41.89 -40.45 24.42
N SER B 607 42.52 -41.17 23.49
CA SER B 607 43.93 -40.94 23.16
C SER B 607 44.11 -40.60 21.68
N LYS B 608 45.21 -39.92 21.35
CA LYS B 608 45.54 -39.58 19.97
C LYS B 608 45.42 -40.82 19.10
N THR B 609 45.73 -41.98 19.68
CA THR B 609 45.74 -43.20 18.91
C THR B 609 45.58 -44.43 19.81
N ASP B 610 44.84 -45.41 19.30
CA ASP B 610 44.63 -46.67 19.99
C ASP B 610 44.43 -47.75 18.93
N THR B 611 44.14 -48.97 19.37
CA THR B 611 43.92 -50.07 18.45
C THR B 611 42.93 -51.06 19.07
N LEU B 612 42.38 -51.95 18.24
CA LEU B 612 41.40 -52.92 18.72
C LEU B 612 41.45 -54.18 17.85
N ASP B 613 41.07 -55.32 18.44
CA ASP B 613 41.09 -56.59 17.72
C ASP B 613 39.68 -57.06 17.37
N LEU B 614 39.57 -57.83 16.31
CA LEU B 614 38.27 -58.27 15.80
C LEU B 614 38.08 -59.77 15.99
N PRO B 615 37.14 -60.15 16.87
CA PRO B 615 36.74 -61.55 17.10
C PRO B 615 36.22 -62.23 15.82
N GLU B 616 37.15 -62.60 14.93
CA GLU B 616 36.87 -63.23 13.63
C GLU B 616 37.21 -62.29 12.48
N LYS B 617 38.03 -62.77 11.54
CA LYS B 617 38.27 -62.04 10.31
C LYS B 617 36.94 -61.89 9.57
N THR B 618 36.63 -60.67 9.14
CA THR B 618 35.33 -60.38 8.56
C THR B 618 35.43 -59.54 7.28
N SER B 619 34.35 -59.51 6.51
CA SER B 619 34.30 -58.76 5.26
C SER B 619 34.57 -57.27 5.47
N TRP B 620 33.54 -56.55 5.94
CA TRP B 620 33.68 -55.13 6.23
C TRP B 620 33.26 -54.80 7.65
N VAL B 621 33.67 -53.62 8.12
CA VAL B 621 33.11 -53.05 9.34
C VAL B 621 32.55 -51.67 9.02
N LYS B 622 31.56 -51.24 9.81
CA LYS B 622 30.97 -49.91 9.68
C LYS B 622 30.85 -49.20 11.03
N PHE B 623 31.81 -48.30 11.27
CA PHE B 623 31.84 -47.51 12.51
C PHE B 623 30.75 -46.44 12.54
N ASN B 624 30.21 -46.18 13.73
CA ASN B 624 29.17 -45.16 13.93
C ASN B 624 27.84 -45.62 13.35
N VAL B 625 27.22 -46.61 13.97
CA VAL B 625 25.95 -47.13 13.48
C VAL B 625 24.84 -46.08 13.61
N ASP B 626 23.97 -45.99 12.59
CA ASP B 626 22.86 -45.05 12.62
C ASP B 626 23.37 -43.61 12.61
N SER B 627 24.69 -43.45 12.54
CA SER B 627 25.35 -42.14 12.50
C SER B 627 25.05 -41.28 13.75
N ASN B 628 24.71 -41.94 14.85
CA ASN B 628 24.36 -41.27 16.10
C ASN B 628 25.51 -40.54 16.80
N GLY B 629 26.69 -40.54 16.16
CA GLY B 629 27.88 -39.95 16.74
C GLY B 629 28.41 -38.77 15.93
N TYR B 630 28.88 -37.75 16.63
CA TYR B 630 29.32 -36.54 15.95
C TYR B 630 30.79 -36.63 15.51
N TYR B 631 31.02 -37.36 14.43
CA TYR B 631 32.35 -37.56 13.90
C TYR B 631 32.26 -38.23 12.54
N ILE B 632 33.40 -38.30 11.86
CA ILE B 632 33.49 -38.94 10.55
C ILE B 632 34.40 -40.16 10.57
N VAL B 633 34.11 -41.15 9.74
CA VAL B 633 35.02 -42.29 9.55
C VAL B 633 35.56 -42.37 8.12
N HIS B 634 36.88 -42.43 8.01
CA HIS B 634 37.54 -42.68 6.73
C HIS B 634 37.99 -44.14 6.68
N TYR B 635 37.76 -44.79 5.54
CA TYR B 635 38.13 -46.19 5.39
C TYR B 635 39.31 -46.38 4.42
N GLU B 636 40.52 -46.38 4.97
CA GLU B 636 41.69 -46.77 4.18
C GLU B 636 41.87 -48.29 4.17
N GLY B 637 42.66 -48.74 3.21
CA GLY B 637 42.67 -50.14 2.84
C GLY B 637 41.52 -50.34 1.88
N HIS B 638 41.09 -51.58 1.70
CA HIS B 638 39.96 -51.86 0.84
C HIS B 638 38.66 -51.59 1.59
N GLY B 639 38.82 -50.98 2.77
CA GLY B 639 37.70 -50.68 3.66
C GLY B 639 36.55 -49.98 2.97
N TRP B 640 36.88 -48.96 2.18
CA TRP B 640 35.87 -48.21 1.44
C TRP B 640 35.24 -49.04 0.32
N ASP B 641 36.08 -49.68 -0.49
CA ASP B 641 35.61 -50.47 -1.62
C ASP B 641 34.73 -51.63 -1.16
N GLN B 642 35.12 -52.23 -0.04
CA GLN B 642 34.35 -53.34 0.50
C GLN B 642 32.92 -52.91 0.80
N LEU B 643 32.78 -51.78 1.48
CA LEU B 643 31.48 -51.25 1.86
C LEU B 643 30.62 -50.95 0.64
N ILE B 644 31.24 -50.31 -0.35
CA ILE B 644 30.55 -49.91 -1.58
C ILE B 644 30.00 -51.08 -2.39
N THR B 645 30.78 -52.15 -2.50
CA THR B 645 30.33 -53.34 -3.23
C THR B 645 29.22 -54.04 -2.46
N GLN B 646 29.28 -53.94 -1.13
CA GLN B 646 28.22 -54.46 -0.28
C GLN B 646 26.92 -53.78 -0.66
N LEU B 647 27.01 -52.49 -0.96
CA LEU B 647 25.85 -51.68 -1.31
C LEU B 647 25.21 -52.09 -2.63
N ASN B 648 26.03 -52.59 -3.55
CA ASN B 648 25.52 -52.98 -4.86
C ASN B 648 24.96 -54.40 -4.86
N GLN B 649 25.47 -55.23 -3.95
CA GLN B 649 24.99 -56.60 -3.82
C GLN B 649 23.72 -56.64 -2.99
N ASN B 650 23.85 -56.93 -1.71
CA ASN B 650 22.69 -56.91 -0.83
C ASN B 650 22.84 -55.72 0.11
N HIS B 651 22.32 -54.56 -0.30
CA HIS B 651 22.49 -53.32 0.49
C HIS B 651 21.71 -53.33 1.83
N THR B 652 20.64 -54.11 1.88
CA THR B 652 19.77 -54.19 3.05
C THR B 652 20.53 -54.72 4.26
N LEU B 653 21.70 -55.32 4.00
CA LEU B 653 22.55 -55.80 5.07
C LEU B 653 23.23 -54.62 5.76
N LEU B 654 22.83 -53.42 5.37
CA LEU B 654 23.32 -52.19 5.99
C LEU B 654 22.19 -51.34 6.55
N ARG B 655 22.35 -50.89 7.80
CA ARG B 655 21.38 -49.99 8.43
C ARG B 655 21.08 -48.80 7.50
N PRO B 656 19.80 -48.41 7.39
CA PRO B 656 19.34 -47.38 6.46
C PRO B 656 19.89 -46.00 6.83
N LYS B 657 20.39 -45.90 8.06
CA LYS B 657 21.04 -44.68 8.54
C LYS B 657 22.54 -44.83 8.33
N ASP B 658 23.00 -46.09 8.34
CA ASP B 658 24.37 -46.40 7.96
C ASP B 658 24.53 -46.05 6.50
N ARG B 659 23.61 -46.55 5.67
CA ARG B 659 23.56 -46.19 4.26
C ARG B 659 23.62 -44.66 4.12
N VAL B 660 22.57 -44.00 4.58
CA VAL B 660 22.53 -42.55 4.63
C VAL B 660 23.84 -41.93 5.13
N GLY B 661 24.29 -42.37 6.31
CA GLY B 661 25.53 -41.87 6.89
C GLY B 661 26.68 -42.05 5.92
N LEU B 662 26.77 -43.26 5.36
CA LEU B 662 27.85 -43.59 4.45
C LEU B 662 27.91 -42.61 3.30
N ILE B 663 26.84 -42.58 2.51
CA ILE B 663 26.68 -41.60 1.45
C ILE B 663 27.32 -40.29 1.87
N HIS B 664 26.92 -39.82 3.05
CA HIS B 664 27.36 -38.53 3.58
C HIS B 664 28.88 -38.41 3.65
N ASP B 665 29.51 -39.35 4.34
CA ASP B 665 30.96 -39.31 4.55
C ASP B 665 31.74 -39.44 3.25
N VAL B 666 31.33 -40.39 2.42
CA VAL B 666 31.99 -40.62 1.15
C VAL B 666 32.22 -39.29 0.41
N PHE B 667 31.15 -38.54 0.20
CA PHE B 667 31.23 -37.29 -0.55
C PHE B 667 31.97 -36.21 0.22
N GLN B 668 32.02 -36.34 1.53
CA GLN B 668 32.70 -35.37 2.39
C GLN B 668 34.20 -35.56 2.28
N LEU B 669 34.61 -36.82 2.29
CA LEU B 669 36.01 -37.17 2.17
C LEU B 669 36.52 -36.77 0.80
N VAL B 670 35.64 -36.77 -0.19
CA VAL B 670 36.02 -36.33 -1.52
C VAL B 670 36.40 -34.84 -1.48
N GLY B 671 35.74 -34.10 -0.60
CA GLY B 671 36.09 -32.70 -0.37
C GLY B 671 37.30 -32.59 0.53
N ALA B 672 37.45 -33.55 1.44
CA ALA B 672 38.61 -33.59 2.33
C ALA B 672 39.89 -33.83 1.52
N GLY B 673 39.73 -34.45 0.35
CA GLY B 673 40.87 -34.84 -0.48
C GLY B 673 41.30 -36.29 -0.28
N ARG B 674 40.78 -36.91 0.79
CA ARG B 674 41.16 -38.26 1.19
C ARG B 674 40.61 -39.31 0.21
N LEU B 675 39.48 -39.00 -0.41
CA LEU B 675 38.94 -39.86 -1.47
C LEU B 675 38.93 -39.13 -2.79
N THR B 676 38.67 -39.89 -3.84
CA THR B 676 38.56 -39.32 -5.17
C THR B 676 37.12 -39.45 -5.67
N LEU B 677 36.69 -38.45 -6.44
CA LEU B 677 35.27 -38.27 -6.79
C LEU B 677 34.56 -39.50 -7.37
N ASP B 678 35.30 -40.28 -8.16
CA ASP B 678 34.75 -41.47 -8.78
C ASP B 678 34.18 -42.45 -7.74
N LYS B 679 34.87 -42.58 -6.60
CA LYS B 679 34.46 -43.52 -5.57
C LYS B 679 33.02 -43.22 -5.12
N ALA B 680 32.78 -41.95 -4.81
CA ALA B 680 31.49 -41.47 -4.36
C ALA B 680 30.44 -41.66 -5.46
N LEU B 681 30.69 -41.06 -6.62
CA LEU B 681 29.81 -41.22 -7.78
C LEU B 681 29.44 -42.68 -8.01
N ASP B 682 30.34 -43.59 -7.63
CA ASP B 682 30.13 -45.00 -7.84
C ASP B 682 29.21 -45.59 -6.78
N MET B 683 29.21 -44.97 -5.62
CA MET B 683 28.27 -45.35 -4.58
C MET B 683 26.86 -45.15 -5.10
N THR B 684 26.68 -44.06 -5.85
CA THR B 684 25.36 -43.64 -6.32
C THR B 684 24.75 -44.57 -7.35
N TYR B 685 25.40 -45.71 -7.59
CA TYR B 685 24.86 -46.68 -8.52
C TYR B 685 23.75 -47.50 -7.87
N TYR B 686 23.99 -47.92 -6.64
CA TYR B 686 23.04 -48.77 -5.93
C TYR B 686 21.73 -48.03 -5.66
N LEU B 687 21.71 -46.73 -5.96
CA LEU B 687 20.55 -45.92 -5.67
C LEU B 687 19.31 -46.38 -6.43
N GLN B 688 19.50 -47.12 -7.50
CA GLN B 688 18.38 -47.66 -8.25
C GLN B 688 17.70 -48.77 -7.47
N HIS B 689 18.35 -49.22 -6.39
CA HIS B 689 17.79 -50.28 -5.53
C HIS B 689 17.28 -49.67 -4.23
N GLU B 690 17.77 -48.48 -3.91
CA GLU B 690 17.46 -47.82 -2.65
C GLU B 690 16.00 -47.40 -2.54
N THR B 691 15.33 -47.89 -1.50
CA THR B 691 13.94 -47.56 -1.23
C THR B 691 13.77 -46.71 0.03
N SER B 692 14.84 -46.63 0.83
CA SER B 692 14.91 -45.68 1.94
C SER B 692 15.07 -44.28 1.36
N SER B 693 13.94 -43.57 1.22
CA SER B 693 13.94 -42.21 0.68
C SER B 693 15.01 -41.34 1.34
N PRO B 694 15.13 -41.43 2.68
CA PRO B 694 16.26 -40.78 3.37
C PRO B 694 17.55 -40.85 2.56
N ALA B 695 18.05 -42.06 2.34
CA ALA B 695 19.25 -42.23 1.55
C ALA B 695 19.01 -41.81 0.09
N LEU B 696 17.98 -42.40 -0.53
CA LEU B 696 17.69 -42.12 -1.93
C LEU B 696 17.74 -40.61 -2.22
N LEU B 697 17.17 -39.83 -1.29
CA LEU B 697 17.11 -38.37 -1.42
C LEU B 697 18.47 -37.72 -1.15
N GLU B 698 19.19 -38.24 -0.17
CA GLU B 698 20.50 -37.69 0.12
C GLU B 698 21.44 -37.91 -1.07
N GLY B 699 21.47 -39.14 -1.57
CA GLY B 699 22.28 -39.41 -2.73
C GLY B 699 21.92 -38.41 -3.82
N LEU B 700 20.66 -38.50 -4.26
CA LEU B 700 20.10 -37.55 -5.22
C LEU B 700 20.48 -36.11 -4.91
N SER B 701 20.50 -35.77 -3.63
CA SER B 701 20.80 -34.40 -3.22
C SER B 701 22.15 -33.95 -3.75
N TYR B 702 23.14 -34.84 -3.68
CA TYR B 702 24.51 -34.52 -4.06
C TYR B 702 24.65 -34.41 -5.56
N LEU B 703 24.13 -35.40 -6.26
CA LEU B 703 24.06 -35.34 -7.71
C LEU B 703 23.43 -34.02 -8.13
N GLU B 704 22.31 -33.69 -7.49
CA GLU B 704 21.57 -32.45 -7.72
C GLU B 704 22.50 -31.26 -7.52
N SER B 705 23.23 -31.29 -6.42
CA SER B 705 24.19 -30.24 -6.05
C SER B 705 25.26 -29.95 -7.11
N PHE B 706 25.73 -31.01 -7.76
CA PHE B 706 26.77 -30.88 -8.77
C PHE B 706 26.24 -30.18 -10.02
N TYR B 707 25.13 -30.68 -10.54
CA TYR B 707 24.43 -30.06 -11.65
C TYR B 707 24.33 -28.55 -11.44
N HIS B 708 24.00 -28.16 -10.20
CA HIS B 708 23.79 -26.75 -9.88
C HIS B 708 25.10 -25.95 -9.92
N MET B 709 26.18 -26.56 -9.43
CA MET B 709 27.49 -25.95 -9.55
C MET B 709 27.80 -25.73 -11.02
N MET B 710 27.65 -26.81 -11.80
CA MET B 710 27.94 -26.75 -13.23
C MET B 710 27.13 -25.68 -13.92
N ASP B 711 25.89 -25.54 -13.50
CA ASP B 711 24.96 -24.65 -14.19
C ASP B 711 25.26 -23.15 -13.98
N ARG B 712 25.57 -22.76 -12.74
CA ARG B 712 25.92 -21.37 -12.41
C ARG B 712 27.12 -20.95 -13.23
N ARG B 713 28.27 -21.57 -12.94
CA ARG B 713 29.39 -21.52 -13.87
C ARG B 713 28.82 -22.02 -15.19
N ASN B 714 29.33 -21.54 -16.32
CA ASN B 714 28.70 -21.89 -17.58
C ASN B 714 28.83 -23.39 -17.94
N ILE B 715 29.73 -24.10 -17.27
CA ILE B 715 30.10 -25.51 -17.58
C ILE B 715 29.03 -26.38 -18.24
N SER B 716 28.67 -26.05 -19.48
CA SER B 716 27.52 -26.65 -20.17
C SER B 716 27.65 -28.15 -20.39
N ASP B 717 28.87 -28.61 -20.68
CA ASP B 717 29.09 -30.01 -21.02
C ASP B 717 28.77 -30.94 -19.84
N ILE B 718 29.30 -30.63 -18.67
CA ILE B 718 29.07 -31.47 -17.51
C ILE B 718 27.59 -31.40 -17.05
N SER B 719 27.11 -30.17 -16.86
CA SER B 719 25.74 -29.93 -16.42
C SER B 719 24.70 -30.58 -17.32
N GLU B 720 25.06 -30.82 -18.58
CA GLU B 720 24.09 -31.39 -19.52
C GLU B 720 24.15 -32.90 -19.51
N ASN B 721 25.30 -33.45 -19.18
CA ASN B 721 25.45 -34.90 -19.08
C ASN B 721 24.99 -35.35 -17.72
N LEU B 722 25.07 -34.41 -16.77
CA LEU B 722 24.58 -34.64 -15.43
C LEU B 722 23.05 -34.65 -15.44
N LYS B 723 22.48 -33.66 -16.14
CA LYS B 723 21.04 -33.62 -16.41
C LYS B 723 20.60 -34.92 -17.03
N ARG B 724 21.35 -35.38 -18.03
CA ARG B 724 21.02 -36.63 -18.73
C ARG B 724 21.18 -37.87 -17.84
N TYR B 725 22.27 -37.93 -17.07
CA TYR B 725 22.48 -39.06 -16.18
C TYR B 725 21.38 -39.11 -15.14
N LEU B 726 20.87 -37.92 -14.80
CA LEU B 726 19.83 -37.80 -13.78
C LEU B 726 18.46 -38.19 -14.31
N LEU B 727 18.13 -37.72 -15.49
CA LEU B 727 16.87 -38.07 -16.12
C LEU B 727 16.80 -39.58 -16.38
N GLN B 728 17.85 -40.12 -17.01
CA GLN B 728 17.89 -41.53 -17.46
C GLN B 728 17.87 -42.52 -16.30
N TYR B 729 18.91 -42.47 -15.48
CA TYR B 729 18.87 -43.17 -14.22
C TYR B 729 17.73 -42.50 -13.48
N PHE B 730 17.06 -43.21 -12.58
CA PHE B 730 16.00 -42.59 -11.75
C PHE B 730 14.69 -42.34 -12.50
N LYS B 731 14.74 -42.37 -13.83
CA LYS B 731 13.52 -42.30 -14.62
C LYS B 731 12.50 -43.39 -14.24
N PRO B 732 12.99 -44.55 -13.74
CA PRO B 732 12.07 -45.54 -13.17
C PRO B 732 11.18 -44.94 -12.10
N VAL B 733 11.84 -44.42 -11.06
CA VAL B 733 11.14 -43.89 -9.91
C VAL B 733 10.49 -42.56 -10.25
N ILE B 734 11.18 -41.72 -11.02
CA ILE B 734 10.61 -40.45 -11.48
C ILE B 734 9.25 -40.65 -12.12
N ASP B 735 9.15 -41.64 -13.01
CA ASP B 735 7.92 -41.90 -13.75
C ASP B 735 6.91 -42.66 -12.88
N ARG B 736 7.35 -43.06 -11.69
CA ARG B 736 6.46 -43.69 -10.72
C ARG B 736 5.70 -42.71 -9.82
N GLN B 737 5.90 -41.40 -10.01
CA GLN B 737 5.35 -40.40 -9.09
C GLN B 737 4.02 -39.83 -9.57
N SER B 738 3.07 -39.74 -8.64
CA SER B 738 1.73 -39.23 -8.94
C SER B 738 1.60 -37.75 -8.59
N TRP B 739 1.01 -36.97 -9.49
CA TRP B 739 0.73 -35.57 -9.20
C TRP B 739 -0.44 -35.43 -8.21
N SER B 740 -0.30 -36.10 -7.07
CA SER B 740 -1.32 -36.11 -6.03
C SER B 740 -0.67 -35.90 -4.67
N ASP B 741 -1.43 -36.13 -3.60
CA ASP B 741 -0.91 -35.93 -2.25
C ASP B 741 -1.08 -37.18 -1.39
N LYS B 742 -1.01 -38.35 -2.00
CA LYS B 742 -1.22 -39.58 -1.24
C LYS B 742 0.12 -40.18 -0.81
N GLY B 743 0.07 -41.02 0.22
CA GLY B 743 1.26 -41.68 0.71
C GLY B 743 1.73 -41.14 2.05
N SER B 744 2.73 -41.80 2.65
CA SER B 744 3.31 -41.35 3.89
C SER B 744 4.05 -40.03 3.68
N VAL B 745 4.61 -39.48 4.75
CA VAL B 745 5.32 -38.20 4.65
C VAL B 745 6.48 -38.28 3.66
N TRP B 746 7.38 -39.24 3.88
CA TRP B 746 8.52 -39.45 2.99
C TRP B 746 8.08 -39.75 1.57
N ASP B 747 6.96 -40.45 1.44
CA ASP B 747 6.40 -40.76 0.14
C ASP B 747 5.98 -39.49 -0.57
N ARG B 748 5.48 -38.53 0.22
CA ARG B 748 5.12 -37.23 -0.30
C ARG B 748 6.38 -36.40 -0.54
N MET B 749 7.28 -36.42 0.45
CA MET B 749 8.53 -35.69 0.31
C MET B 749 9.26 -36.13 -0.94
N LEU B 750 9.44 -37.44 -1.08
CA LEU B 750 10.09 -38.02 -2.24
C LEU B 750 9.42 -37.55 -3.53
N ARG B 751 8.09 -37.60 -3.57
CA ARG B 751 7.33 -37.14 -4.73
C ARG B 751 7.71 -35.73 -5.18
N SER B 752 7.68 -34.78 -4.23
CA SER B 752 7.96 -33.39 -4.54
C SER B 752 9.41 -33.23 -4.94
N ALA B 753 10.28 -33.94 -4.21
CA ALA B 753 11.70 -34.03 -4.54
C ALA B 753 11.88 -34.33 -6.02
N LEU B 754 11.47 -35.53 -6.40
CA LEU B 754 11.67 -36.02 -7.76
C LEU B 754 11.01 -35.11 -8.81
N LEU B 755 9.70 -34.92 -8.69
CA LEU B 755 8.97 -34.11 -9.65
C LEU B 755 9.59 -32.74 -9.87
N LYS B 756 10.22 -32.17 -8.83
CA LYS B 756 10.96 -30.93 -8.99
C LYS B 756 12.20 -31.15 -9.84
N LEU B 757 13.05 -32.09 -9.39
CA LEU B 757 14.23 -32.49 -10.14
C LEU B 757 13.91 -32.64 -11.62
N ALA B 758 12.75 -33.24 -11.89
CA ALA B 758 12.28 -33.49 -13.25
C ALA B 758 11.98 -32.20 -13.98
N CYS B 759 11.17 -31.34 -13.35
CA CYS B 759 10.78 -30.10 -14.02
C CYS B 759 11.97 -29.15 -14.14
N ASP B 760 12.81 -29.14 -13.11
CA ASP B 760 14.02 -28.32 -13.11
C ASP B 760 14.93 -28.71 -14.28
N LEU B 761 14.96 -30.02 -14.58
CA LEU B 761 15.83 -30.53 -15.64
C LEU B 761 15.16 -30.54 -17.01
N ASN B 762 13.93 -30.04 -17.06
CA ASN B 762 13.21 -29.87 -18.33
C ASN B 762 12.62 -31.13 -18.96
N HIS B 763 12.38 -32.15 -18.14
CA HIS B 763 11.78 -33.39 -18.62
C HIS B 763 10.44 -33.06 -19.26
N ALA B 764 10.45 -32.92 -20.58
CA ALA B 764 9.28 -32.51 -21.36
C ALA B 764 7.91 -32.90 -20.80
N PRO B 765 7.70 -34.19 -20.45
CA PRO B 765 6.40 -34.65 -19.95
C PRO B 765 5.94 -33.85 -18.74
N CYS B 766 6.60 -34.10 -17.61
CA CYS B 766 6.36 -33.36 -16.37
C CYS B 766 6.13 -31.86 -16.58
N ILE B 767 7.10 -31.17 -17.18
CA ILE B 767 7.02 -29.73 -17.39
C ILE B 767 5.83 -29.34 -18.27
N GLN B 768 5.28 -30.31 -19.00
CA GLN B 768 4.05 -30.07 -19.75
C GLN B 768 2.83 -30.22 -18.84
N LYS B 769 2.80 -31.30 -18.07
CA LYS B 769 1.74 -31.55 -17.08
C LYS B 769 1.62 -30.40 -16.07
N ALA B 770 2.76 -30.00 -15.52
CA ALA B 770 2.83 -28.85 -14.62
C ALA B 770 2.24 -27.63 -15.32
N ALA B 771 2.79 -27.30 -16.48
CA ALA B 771 2.26 -26.27 -17.36
C ALA B 771 0.74 -26.31 -17.42
N GLU B 772 0.19 -27.53 -17.52
CA GLU B 772 -1.25 -27.74 -17.64
C GLU B 772 -2.02 -27.34 -16.39
N LEU B 773 -1.69 -27.96 -15.27
CA LEU B 773 -2.34 -27.66 -14.00
C LEU B 773 -2.42 -26.16 -13.75
N PHE B 774 -1.37 -25.44 -14.13
CA PHE B 774 -1.30 -24.01 -13.88
C PHE B 774 -2.28 -23.25 -14.77
N SER B 775 -2.11 -23.36 -16.08
CA SER B 775 -3.03 -22.73 -17.01
C SER B 775 -4.47 -23.07 -16.64
N GLN B 776 -4.67 -24.28 -16.13
CA GLN B 776 -5.98 -24.72 -15.65
C GLN B 776 -6.37 -23.90 -14.41
N TRP B 777 -5.55 -24.00 -13.37
CA TRP B 777 -5.77 -23.25 -12.13
C TRP B 777 -5.99 -21.76 -12.39
N MET B 778 -5.14 -21.17 -13.24
CA MET B 778 -5.22 -19.74 -13.51
C MET B 778 -6.49 -19.32 -14.26
N GLU B 779 -6.81 -20.07 -15.32
CA GLU B 779 -7.96 -19.79 -16.17
C GLU B 779 -9.25 -20.27 -15.50
N SER B 780 -9.13 -21.21 -14.56
CA SER B 780 -10.27 -21.59 -13.74
C SER B 780 -10.42 -20.57 -12.60
N SER B 781 -9.65 -19.49 -12.72
CA SER B 781 -9.63 -18.41 -11.72
C SER B 781 -9.51 -18.92 -10.28
N GLY B 782 -8.49 -19.76 -10.04
CA GLY B 782 -8.17 -20.25 -8.72
C GLY B 782 -9.07 -21.36 -8.19
N LYS B 783 -10.15 -21.63 -8.93
CA LYS B 783 -11.13 -22.66 -8.52
C LYS B 783 -10.50 -24.06 -8.44
N LEU B 784 -9.70 -24.38 -9.46
CA LEU B 784 -9.01 -25.67 -9.52
C LEU B 784 -8.01 -25.82 -8.37
N ASN B 785 -7.95 -27.03 -7.81
CA ASN B 785 -7.02 -27.29 -6.73
C ASN B 785 -5.77 -28.06 -7.13
N ILE B 786 -4.65 -27.35 -7.19
CA ILE B 786 -3.35 -27.99 -7.33
C ILE B 786 -3.04 -28.66 -6.00
N PRO B 787 -2.62 -29.93 -6.04
CA PRO B 787 -2.14 -30.66 -4.88
C PRO B 787 -0.98 -29.93 -4.23
N THR B 788 -1.02 -29.76 -2.92
CA THR B 788 0.00 -29.00 -2.19
C THR B 788 1.42 -29.47 -2.50
N ASP B 789 1.57 -30.76 -2.80
CA ASP B 789 2.89 -31.32 -3.05
C ASP B 789 3.49 -30.79 -4.34
N VAL B 790 2.68 -30.70 -5.38
CA VAL B 790 3.17 -30.24 -6.68
C VAL B 790 2.99 -28.72 -6.82
N LEU B 791 2.53 -28.11 -5.73
CA LEU B 791 2.10 -26.72 -5.72
C LEU B 791 3.20 -25.79 -6.19
N LYS B 792 4.30 -25.83 -5.47
CA LYS B 792 5.46 -25.00 -5.82
C LYS B 792 5.84 -25.24 -7.26
N ILE B 793 5.94 -26.52 -7.62
CA ILE B 793 6.32 -26.93 -8.96
C ILE B 793 5.51 -26.22 -10.06
N VAL B 794 4.18 -26.34 -9.95
CA VAL B 794 3.26 -25.71 -10.90
C VAL B 794 3.46 -24.21 -10.97
N TYR B 795 3.45 -23.58 -9.79
CA TYR B 795 3.59 -22.12 -9.70
C TYR B 795 4.90 -21.68 -10.32
N SER B 796 5.96 -22.42 -10.01
CA SER B 796 7.29 -22.10 -10.55
C SER B 796 7.36 -22.30 -12.06
N VAL B 797 6.61 -23.30 -12.55
CA VAL B 797 6.49 -23.49 -14.00
C VAL B 797 5.77 -22.31 -14.62
N GLY B 798 4.51 -22.14 -14.21
CA GLY B 798 3.63 -21.14 -14.78
C GLY B 798 4.27 -19.76 -14.79
N ALA B 799 5.34 -19.61 -14.03
CA ALA B 799 5.99 -18.33 -13.85
C ALA B 799 6.93 -17.98 -15.02
N GLN B 800 7.07 -18.90 -15.96
CA GLN B 800 8.00 -18.69 -17.06
C GLN B 800 7.42 -17.73 -18.11
N THR B 801 6.11 -17.78 -18.29
CA THR B 801 5.40 -16.77 -19.09
C THR B 801 5.19 -15.50 -18.28
N THR B 802 5.41 -14.35 -18.92
CA THR B 802 5.13 -13.07 -18.27
C THR B 802 3.64 -12.98 -17.94
N ALA B 803 2.85 -13.78 -18.64
CA ALA B 803 1.41 -13.88 -18.37
C ALA B 803 1.13 -14.50 -16.99
N GLY B 804 1.80 -15.61 -16.72
CA GLY B 804 1.65 -16.32 -15.45
C GLY B 804 2.31 -15.61 -14.28
N TRP B 805 3.56 -15.17 -14.48
CA TRP B 805 4.29 -14.44 -13.44
C TRP B 805 3.49 -13.26 -12.90
N ASN B 806 2.83 -12.55 -13.81
CA ASN B 806 2.03 -11.38 -13.45
C ASN B 806 0.74 -11.74 -12.71
N TYR B 807 0.25 -12.97 -12.95
CA TYR B 807 -0.92 -13.48 -12.26
C TYR B 807 -0.56 -13.93 -10.85
N LEU B 808 0.66 -14.43 -10.68
CA LEU B 808 1.13 -14.98 -9.40
C LEU B 808 1.45 -13.88 -8.40
N LEU B 809 2.02 -12.78 -8.89
CA LEU B 809 2.31 -11.64 -8.04
C LEU B 809 0.99 -11.00 -7.65
N GLU B 810 0.08 -10.94 -8.60
CA GLU B 810 -1.26 -10.47 -8.35
C GLU B 810 -1.92 -11.42 -7.35
N GLN B 811 -1.76 -12.71 -7.60
CA GLN B 811 -2.33 -13.74 -6.75
C GLN B 811 -1.74 -13.66 -5.35
N TYR B 812 -0.45 -13.33 -5.27
CA TYR B 812 0.30 -13.30 -4.02
C TYR B 812 -0.32 -12.35 -3.00
N GLU B 813 -0.67 -11.14 -3.45
CA GLU B 813 -1.17 -10.11 -2.56
C GLU B 813 -2.52 -10.44 -1.96
N LEU B 814 -3.37 -11.10 -2.74
CA LEU B 814 -4.73 -11.39 -2.27
C LEU B 814 -4.78 -12.61 -1.35
N SER B 815 -3.79 -13.49 -1.48
CA SER B 815 -3.70 -14.73 -0.70
C SER B 815 -3.85 -14.57 0.82
N MET B 816 -4.55 -15.50 1.46
CA MET B 816 -4.68 -15.50 2.92
C MET B 816 -3.78 -16.57 3.53
N SER B 817 -2.97 -17.21 2.71
CA SER B 817 -2.11 -18.28 3.21
C SER B 817 -0.66 -17.85 3.16
N SER B 818 -0.12 -17.56 4.34
CA SER B 818 1.32 -17.38 4.51
C SER B 818 2.09 -18.46 3.72
N ALA B 819 1.63 -19.70 3.86
CA ALA B 819 2.23 -20.85 3.17
C ALA B 819 2.18 -20.76 1.66
N GLU B 820 1.02 -20.40 1.12
CA GLU B 820 0.88 -20.21 -0.32
C GLU B 820 1.78 -19.07 -0.82
N GLN B 821 1.75 -17.95 -0.11
CA GLN B 821 2.56 -16.80 -0.50
C GLN B 821 4.01 -17.23 -0.65
N ASN B 822 4.54 -17.76 0.44
CA ASN B 822 5.86 -18.35 0.41
C ASN B 822 6.12 -19.01 -0.96
N LYS B 823 5.29 -20.01 -1.28
CA LYS B 823 5.48 -20.78 -2.51
C LYS B 823 5.37 -19.93 -3.78
N ILE B 824 4.40 -19.04 -3.85
CA ILE B 824 4.29 -18.13 -4.98
C ILE B 824 5.61 -17.37 -5.11
N LEU B 825 6.03 -16.72 -4.03
CA LEU B 825 7.24 -15.93 -4.04
C LEU B 825 8.37 -16.78 -4.57
N TYR B 826 8.50 -17.99 -4.04
CA TYR B 826 9.52 -18.87 -4.56
C TYR B 826 9.37 -18.93 -6.07
N ALA B 827 8.17 -19.32 -6.52
CA ALA B 827 7.92 -19.52 -7.94
C ALA B 827 8.26 -18.26 -8.72
N LEU B 828 8.15 -17.11 -8.07
CA LEU B 828 8.53 -15.85 -8.68
C LEU B 828 10.04 -15.74 -8.93
N SER B 829 10.82 -16.41 -8.08
CA SER B 829 12.28 -16.35 -8.15
C SER B 829 12.83 -17.29 -9.19
N THR B 830 11.93 -17.92 -9.92
CA THR B 830 12.33 -18.88 -10.95
C THR B 830 12.16 -18.31 -12.35
N SER B 831 11.94 -17.00 -12.45
CA SER B 831 11.88 -16.33 -13.74
C SER B 831 13.29 -16.11 -14.26
N LYS B 832 13.43 -15.88 -15.57
CA LYS B 832 14.74 -15.70 -16.19
C LYS B 832 14.99 -14.25 -16.61
N HIS B 833 14.00 -13.39 -16.36
CA HIS B 833 14.05 -11.98 -16.71
C HIS B 833 14.64 -11.16 -15.57
N GLN B 834 15.79 -10.53 -15.79
CA GLN B 834 16.49 -9.79 -14.75
C GLN B 834 15.60 -8.83 -13.96
N GLU B 835 14.95 -7.89 -14.65
CA GLU B 835 14.12 -6.90 -13.98
C GLU B 835 13.02 -7.56 -13.15
N LYS B 836 12.38 -8.60 -13.70
CA LYS B 836 11.36 -9.38 -13.00
C LYS B 836 11.80 -9.73 -11.57
N LEU B 837 12.97 -10.36 -11.48
CA LEU B 837 13.55 -10.71 -10.19
C LEU B 837 13.96 -9.45 -9.44
N LEU B 838 14.68 -8.57 -10.12
CA LEU B 838 15.04 -7.27 -9.58
C LEU B 838 13.85 -6.62 -8.90
N LYS B 839 12.73 -6.57 -9.61
CA LYS B 839 11.45 -6.14 -9.05
C LYS B 839 11.26 -6.71 -7.64
N LEU B 840 11.12 -8.03 -7.56
CA LEU B 840 10.96 -8.75 -6.31
C LEU B 840 11.86 -8.16 -5.25
N ILE B 841 13.16 -8.19 -5.50
CA ILE B 841 14.15 -7.72 -4.53
C ILE B 841 13.81 -6.33 -4.05
N GLU B 842 13.31 -5.50 -4.96
CA GLU B 842 13.01 -4.11 -4.63
C GLU B 842 11.74 -4.05 -3.80
N LEU B 843 10.74 -4.82 -4.19
CA LEU B 843 9.52 -4.96 -3.39
C LEU B 843 9.79 -5.44 -1.95
N GLY B 844 10.91 -6.12 -1.77
CA GLY B 844 11.34 -6.57 -0.45
C GLY B 844 11.86 -5.40 0.36
N MET B 845 12.66 -4.54 -0.29
CA MET B 845 12.99 -3.24 0.30
C MET B 845 11.70 -2.55 0.74
N GLU B 846 10.92 -2.09 -0.23
CA GLU B 846 9.59 -1.50 0.01
C GLU B 846 8.97 -2.07 1.28
N GLY B 847 8.70 -3.38 1.26
CA GLY B 847 8.18 -4.06 2.41
C GLY B 847 6.69 -3.86 2.61
N LYS B 848 6.03 -3.31 1.60
CA LYS B 848 4.57 -3.09 1.68
C LYS B 848 3.84 -4.24 1.00
N VAL B 849 4.38 -4.70 -0.12
CA VAL B 849 3.79 -5.82 -0.82
C VAL B 849 4.36 -7.14 -0.30
N ILE B 850 5.69 -7.21 -0.25
CA ILE B 850 6.39 -8.36 0.29
C ILE B 850 7.07 -7.94 1.58
N LYS B 851 6.65 -8.51 2.72
CA LYS B 851 7.17 -8.09 4.02
C LYS B 851 8.68 -8.21 4.07
N THR B 852 9.32 -7.23 4.70
CA THR B 852 10.77 -7.18 4.73
C THR B 852 11.35 -8.45 5.33
N GLN B 853 10.62 -9.02 6.29
CA GLN B 853 11.12 -10.20 6.96
C GLN B 853 11.56 -11.28 5.95
N ASN B 854 10.98 -11.23 4.76
CA ASN B 854 11.31 -12.19 3.73
C ASN B 854 12.51 -11.81 2.90
N LEU B 855 13.03 -10.60 3.12
CA LEU B 855 14.04 -10.04 2.23
C LEU B 855 15.25 -10.97 2.12
N ALA B 856 15.72 -11.49 3.25
CA ALA B 856 16.83 -12.42 3.22
C ALA B 856 16.43 -13.66 2.41
N ALA B 857 15.59 -14.53 2.97
CA ALA B 857 15.11 -15.71 2.26
C ALA B 857 14.95 -15.52 0.76
N LEU B 858 14.33 -14.39 0.39
CA LEU B 858 14.08 -14.08 -1.00
C LEU B 858 15.37 -13.89 -1.79
N LEU B 859 16.21 -12.94 -1.33
CA LEU B 859 17.56 -12.73 -1.86
C LEU B 859 18.29 -14.06 -2.07
N HIS B 860 18.41 -14.83 -1.00
CA HIS B 860 19.06 -16.12 -1.08
C HIS B 860 18.57 -16.90 -2.30
N ALA B 861 17.25 -16.89 -2.52
CA ALA B 861 16.64 -17.70 -3.57
C ALA B 861 17.16 -17.31 -4.95
N ILE B 862 17.27 -16.01 -5.16
CA ILE B 862 17.59 -15.48 -6.46
C ILE B 862 19.07 -15.68 -6.73
N ALA B 863 19.89 -15.41 -5.72
CA ALA B 863 21.33 -15.66 -5.83
C ALA B 863 21.62 -17.12 -6.21
N ARG B 864 20.70 -18.02 -5.86
CA ARG B 864 20.85 -19.44 -6.22
C ARG B 864 20.80 -19.65 -7.73
N ARG B 865 19.73 -19.16 -8.36
CA ARG B 865 19.53 -19.25 -9.81
C ARG B 865 20.74 -18.64 -10.53
N PRO B 866 21.16 -19.27 -11.64
CA PRO B 866 22.30 -18.77 -12.41
C PRO B 866 22.03 -17.36 -12.90
N LYS B 867 20.81 -17.14 -13.42
CA LYS B 867 20.38 -15.80 -13.85
C LYS B 867 20.66 -14.71 -12.81
N GLY B 868 20.21 -14.95 -11.57
CA GLY B 868 20.21 -13.93 -10.53
C GLY B 868 21.40 -13.91 -9.57
N GLN B 869 22.32 -14.85 -9.68
CA GLN B 869 23.44 -14.87 -8.74
C GLN B 869 24.19 -13.53 -8.74
N GLN B 870 24.25 -12.91 -9.93
CA GLN B 870 24.90 -11.61 -10.09
C GLN B 870 24.04 -10.49 -9.55
N LEU B 871 22.86 -10.31 -10.13
CA LEU B 871 21.86 -9.37 -9.62
C LEU B 871 21.99 -9.23 -8.12
N ALA B 872 21.63 -10.30 -7.40
CA ALA B 872 21.75 -10.37 -5.95
C ALA B 872 23.06 -9.79 -5.40
N TRP B 873 24.18 -10.36 -5.84
CA TRP B 873 25.48 -9.88 -5.39
C TRP B 873 25.61 -8.37 -5.59
N ASP B 874 25.29 -7.91 -6.80
CA ASP B 874 25.25 -6.48 -7.09
C ASP B 874 24.44 -5.78 -6.01
N PHE B 875 23.14 -6.04 -5.98
CA PHE B 875 22.25 -5.42 -5.00
C PHE B 875 22.77 -5.37 -3.56
N VAL B 876 23.09 -6.52 -2.98
CA VAL B 876 23.57 -6.52 -1.61
C VAL B 876 24.75 -5.56 -1.48
N ARG B 877 25.75 -5.79 -2.32
CA ARG B 877 26.97 -5.01 -2.32
C ARG B 877 26.66 -3.51 -2.40
N GLU B 878 25.75 -3.15 -3.30
CA GLU B 878 25.39 -1.76 -3.53
C GLU B 878 24.56 -1.17 -2.37
N ASN B 879 23.63 -1.96 -1.83
CA ASN B 879 22.64 -1.45 -0.88
C ASN B 879 22.94 -1.68 0.59
N TRP B 880 24.12 -2.21 0.88
CA TRP B 880 24.52 -2.49 2.25
C TRP B 880 24.26 -1.35 3.23
N THR B 881 24.22 -0.11 2.73
CA THR B 881 23.87 1.02 3.57
C THR B 881 22.40 0.92 4.01
N HIS B 882 21.48 0.99 3.07
CA HIS B 882 20.05 0.96 3.42
C HIS B 882 19.64 -0.38 4.03
N LEU B 883 20.31 -1.45 3.64
CA LEU B 883 20.01 -2.78 4.20
C LEU B 883 20.22 -2.79 5.70
N LEU B 884 21.26 -2.08 6.14
CA LEU B 884 21.62 -2.10 7.54
C LEU B 884 20.72 -1.20 8.37
N LYS B 885 19.98 -0.32 7.69
CA LYS B 885 18.95 0.46 8.35
C LYS B 885 17.84 -0.51 8.74
N LYS B 886 17.43 -1.32 7.77
CA LYS B 886 16.32 -2.24 7.96
C LYS B 886 16.59 -3.35 8.97
N PHE B 887 17.82 -3.90 8.95
CA PHE B 887 18.20 -4.98 9.85
C PHE B 887 19.37 -4.58 10.74
N ASP B 888 19.76 -5.52 11.60
CA ASP B 888 20.97 -5.38 12.40
C ASP B 888 22.04 -6.34 11.88
N LEU B 889 23.30 -5.94 11.98
CA LEU B 889 24.37 -6.92 11.98
C LEU B 889 24.80 -7.08 13.43
N GLY B 890 24.92 -8.33 13.89
CA GLY B 890 24.58 -9.48 13.07
C GLY B 890 23.24 -10.07 13.45
N SER B 891 22.18 -9.55 12.84
CA SER B 891 20.91 -10.23 12.85
C SER B 891 21.03 -11.44 11.96
N TYR B 892 20.32 -12.51 12.29
CA TYR B 892 20.29 -13.67 11.41
C TYR B 892 19.95 -13.23 9.98
N ASP B 893 19.17 -12.17 9.84
CA ASP B 893 18.81 -11.65 8.53
C ASP B 893 20.03 -11.17 7.75
N ILE B 894 20.77 -10.22 8.33
CA ILE B 894 22.01 -9.72 7.75
C ILE B 894 23.02 -10.85 7.52
N ARG B 895 23.22 -11.66 8.55
CA ARG B 895 24.12 -12.79 8.44
C ARG B 895 23.83 -13.67 7.22
N MET B 896 22.55 -13.91 6.93
CA MET B 896 22.19 -14.76 5.81
C MET B 896 22.07 -14.00 4.50
N ILE B 897 21.86 -12.69 4.56
CA ILE B 897 21.85 -11.89 3.33
C ILE B 897 23.27 -11.88 2.78
N ILE B 898 24.24 -11.84 3.69
CA ILE B 898 25.62 -11.94 3.28
C ILE B 898 25.96 -13.29 2.63
N SER B 899 25.94 -14.36 3.43
CA SER B 899 26.30 -15.69 2.92
C SER B 899 25.39 -16.13 1.78
N GLY B 900 24.09 -15.96 1.97
CA GLY B 900 23.13 -16.38 0.96
C GLY B 900 23.48 -15.91 -0.43
N THR B 901 24.20 -14.79 -0.55
CA THR B 901 24.47 -14.21 -1.86
C THR B 901 25.91 -14.42 -2.35
N THR B 902 26.71 -15.08 -1.53
CA THR B 902 28.13 -15.15 -1.78
C THR B 902 28.69 -16.54 -1.54
N ALA B 903 28.11 -17.25 -0.58
CA ALA B 903 28.64 -18.55 -0.15
C ALA B 903 28.71 -19.59 -1.27
N HIS B 904 27.98 -19.35 -2.36
CA HIS B 904 27.88 -20.31 -3.47
C HIS B 904 28.87 -20.01 -4.59
N PHE B 905 29.62 -18.92 -4.44
CA PHE B 905 30.63 -18.56 -5.42
C PHE B 905 31.79 -19.58 -5.46
N SER B 906 32.38 -19.74 -6.63
CA SER B 906 33.43 -20.74 -6.83
C SER B 906 34.59 -20.31 -7.75
N SER B 907 34.64 -19.03 -8.11
CA SER B 907 35.71 -18.52 -8.98
C SER B 907 36.71 -17.67 -8.19
N LYS B 908 37.94 -17.56 -8.73
CA LYS B 908 38.95 -16.72 -8.11
C LYS B 908 38.43 -15.29 -8.01
N ASP B 909 37.74 -14.89 -9.09
CA ASP B 909 37.27 -13.52 -9.30
C ASP B 909 36.25 -13.08 -8.26
N LYS B 910 35.16 -13.84 -8.18
CA LYS B 910 34.13 -13.58 -7.21
C LYS B 910 34.73 -13.55 -5.81
N LEU B 911 35.64 -14.47 -5.53
CA LEU B 911 36.26 -14.54 -4.22
C LEU B 911 37.00 -13.24 -3.85
N GLN B 912 37.42 -12.47 -4.86
CA GLN B 912 38.04 -11.19 -4.59
C GLN B 912 36.99 -10.13 -4.28
N GLU B 913 36.05 -9.94 -5.21
CA GLU B 913 34.99 -8.96 -5.05
C GLU B 913 34.31 -9.08 -3.68
N VAL B 914 34.30 -10.30 -3.14
CA VAL B 914 33.79 -10.55 -1.80
C VAL B 914 34.83 -10.10 -0.77
N LYS B 915 35.99 -10.74 -0.82
CA LYS B 915 37.15 -10.39 -0.01
C LYS B 915 37.26 -8.87 0.13
N LEU B 916 37.04 -8.18 -0.99
CA LEU B 916 37.14 -6.73 -1.08
C LEU B 916 35.98 -6.03 -0.36
N PHE B 917 34.77 -6.53 -0.59
CA PHE B 917 33.55 -6.02 0.06
C PHE B 917 33.62 -6.16 1.57
N PHE B 918 34.24 -7.24 2.05
CA PHE B 918 34.39 -7.48 3.47
C PHE B 918 35.43 -6.56 4.10
N GLU B 919 36.43 -6.18 3.30
CA GLU B 919 37.36 -5.15 3.71
C GLU B 919 36.60 -3.83 3.83
N SER B 920 35.90 -3.48 2.76
CA SER B 920 35.04 -2.30 2.74
C SER B 920 34.19 -2.24 4.01
N LEU B 921 33.36 -3.25 4.22
CA LEU B 921 32.61 -3.36 5.46
C LEU B 921 33.60 -3.40 6.62
N GLU B 922 33.75 -2.24 7.25
CA GLU B 922 34.87 -1.99 8.12
C GLU B 922 34.91 -0.48 8.10
N ALA B 923 33.73 0.09 7.88
CA ALA B 923 33.52 1.53 7.84
C ALA B 923 32.52 1.83 8.93
N GLN B 924 32.48 0.91 9.88
CA GLN B 924 31.44 0.78 10.90
C GLN B 924 31.14 -0.72 10.84
N GLY B 925 29.91 -1.08 10.46
CA GLY B 925 29.48 -2.46 10.28
C GLY B 925 30.59 -3.44 10.60
N SER B 926 31.06 -3.37 11.84
CA SER B 926 32.40 -3.81 12.22
C SER B 926 32.81 -5.14 11.62
N HIS B 927 32.60 -6.20 12.38
CA HIS B 927 33.00 -7.50 11.91
C HIS B 927 32.03 -8.59 12.37
N LEU B 928 31.72 -9.47 11.42
CA LEU B 928 30.93 -10.66 11.67
C LEU B 928 31.80 -11.86 11.34
N ASP B 929 31.74 -12.89 12.18
CA ASP B 929 32.52 -14.09 11.93
C ASP B 929 32.12 -14.67 10.58
N ILE B 930 30.91 -14.37 10.14
CA ILE B 930 30.42 -14.83 8.84
C ILE B 930 31.30 -14.32 7.71
N PHE B 931 31.99 -13.21 7.97
CA PHE B 931 32.91 -12.65 6.99
C PHE B 931 33.97 -13.68 6.62
N GLN B 932 34.54 -14.29 7.64
CA GLN B 932 35.52 -15.36 7.44
C GLN B 932 34.89 -16.53 6.74
N THR B 933 34.03 -17.23 7.48
CA THR B 933 33.28 -18.38 7.00
C THR B 933 32.92 -18.28 5.52
N VAL B 934 32.40 -17.12 5.11
CA VAL B 934 32.01 -16.93 3.71
C VAL B 934 33.19 -17.16 2.77
N LEU B 935 34.36 -16.68 3.18
CA LEU B 935 35.56 -16.77 2.35
C LEU B 935 36.07 -18.19 2.38
N GLU B 936 36.32 -18.67 3.60
CA GLU B 936 36.77 -20.04 3.77
C GLU B 936 35.94 -20.95 2.88
N THR B 937 34.67 -20.59 2.70
CA THR B 937 33.78 -21.42 1.91
C THR B 937 34.03 -21.26 0.42
N ILE B 938 34.15 -20.02 -0.04
CA ILE B 938 34.35 -19.81 -1.47
C ILE B 938 35.68 -20.40 -1.92
N THR B 939 36.68 -20.41 -1.03
CA THR B 939 37.98 -21.02 -1.37
C THR B 939 37.77 -22.53 -1.54
N LYS B 940 37.11 -23.14 -0.56
CA LYS B 940 36.79 -24.56 -0.60
C LYS B 940 36.13 -24.96 -1.92
N ASN B 941 35.37 -24.02 -2.48
CA ASN B 941 34.63 -24.21 -3.74
C ASN B 941 35.52 -24.21 -4.98
N ILE B 942 36.31 -23.15 -5.13
CA ILE B 942 37.30 -23.09 -6.19
C ILE B 942 38.17 -24.34 -6.14
N LYS B 943 38.68 -24.66 -4.95
CA LYS B 943 39.49 -25.86 -4.73
C LYS B 943 38.77 -27.14 -5.16
N TRP B 944 37.69 -27.51 -4.48
CA TRP B 944 36.90 -28.70 -4.83
C TRP B 944 36.73 -28.87 -6.34
N LEU B 945 36.53 -27.76 -7.04
CA LEU B 945 36.43 -27.79 -8.50
C LEU B 945 37.78 -28.12 -9.15
N GLU B 946 38.77 -27.23 -9.01
CA GLU B 946 40.07 -27.45 -9.63
C GLU B 946 40.60 -28.83 -9.22
N LYS B 947 40.30 -29.26 -8.00
CA LYS B 947 40.63 -30.62 -7.59
C LYS B 947 39.79 -31.69 -8.33
N ASN B 948 38.47 -31.67 -8.12
CA ASN B 948 37.62 -32.79 -8.51
C ASN B 948 36.81 -32.59 -9.79
N LEU B 949 36.92 -31.44 -10.43
CA LEU B 949 36.10 -31.18 -11.62
C LEU B 949 36.40 -32.14 -12.78
N PRO B 950 37.66 -32.19 -13.23
CA PRO B 950 38.02 -33.12 -14.33
C PRO B 950 37.48 -34.53 -14.07
N THR B 951 37.61 -35.01 -12.84
CA THR B 951 37.12 -36.31 -12.41
C THR B 951 35.64 -36.49 -12.71
N LEU B 952 34.91 -35.39 -12.66
CA LEU B 952 33.46 -35.43 -12.87
C LEU B 952 33.20 -35.70 -14.34
N ARG B 953 33.84 -34.90 -15.20
CA ARG B 953 33.62 -34.99 -16.64
C ARG B 953 33.86 -36.39 -17.21
N THR B 954 35.03 -36.96 -16.92
CA THR B 954 35.34 -38.31 -17.37
C THR B 954 34.31 -39.31 -16.82
N TRP B 955 34.04 -39.23 -15.52
CA TRP B 955 33.10 -40.15 -14.86
C TRP B 955 31.75 -40.18 -15.56
N LEU B 956 31.30 -39.01 -15.99
CA LEU B 956 30.03 -38.89 -16.70
C LEU B 956 30.16 -39.45 -18.11
N MET B 957 31.14 -38.93 -18.85
CA MET B 957 31.40 -39.36 -20.22
C MET B 957 31.49 -40.87 -20.29
N VAL B 958 32.02 -41.44 -19.22
CA VAL B 958 32.14 -42.89 -19.09
C VAL B 958 30.78 -43.56 -19.23
N ASN B 959 29.80 -43.07 -18.48
CA ASN B 959 28.43 -43.58 -18.56
C ASN B 959 27.85 -43.49 -19.97
N THR B 960 27.98 -42.31 -20.57
CA THR B 960 27.51 -42.10 -21.93
C THR B 960 27.92 -43.25 -22.86
N ARG B 961 28.97 -43.98 -22.46
CA ARG B 961 29.46 -45.13 -23.23
C ARG B 961 29.06 -46.50 -22.64
C1 NAG C . -19.64 -9.57 5.77
C2 NAG C . -20.29 -9.15 7.10
C3 NAG C . -19.63 -9.62 8.43
C4 NAG C . -18.98 -11.01 8.28
C5 NAG C . -18.22 -10.87 6.97
C6 NAG C . -17.08 -11.86 6.75
C7 NAG C . -21.70 -7.23 7.27
C8 NAG C . -22.04 -6.72 8.64
N2 NAG C . -20.47 -7.72 7.10
O3 NAG C . -20.57 -9.63 9.50
O4 NAG C . -18.17 -11.47 9.34
O5 NAG C . -19.22 -10.89 5.98
O6 NAG C . -15.85 -11.16 6.89
O7 NAG C . -22.58 -7.17 6.41
C1 NAG C . -18.17 -12.85 9.64
C2 NAG C . -17.30 -12.78 10.88
C3 NAG C . -17.57 -13.93 11.84
C4 NAG C . -19.06 -14.06 12.14
C5 NAG C . -19.93 -13.99 10.88
C6 NAG C . -21.34 -13.64 11.32
C7 NAG C . -15.16 -11.65 10.80
C8 NAG C . -13.73 -11.65 10.36
N2 NAG C . -15.89 -12.72 10.51
O3 NAG C . -16.90 -13.69 13.06
O4 NAG C . -19.30 -15.27 12.83
O5 NAG C . -19.54 -12.98 9.96
O6 NAG C . -21.36 -12.28 11.71
O7 NAG C . -15.62 -10.67 11.42
C1 NAG D . -43.66 11.43 -1.12
C2 NAG D . -44.50 11.25 0.14
C3 NAG D . -45.34 12.46 0.54
C4 NAG D . -44.49 13.71 0.42
C5 NAG D . -44.04 13.81 -1.03
C6 NAG D . -43.30 15.12 -1.32
C7 NAG D . -45.07 8.98 0.55
C8 NAG D . -45.35 7.76 -0.27
N2 NAG D . -45.38 10.13 -0.04
O3 NAG D . -45.80 12.31 1.86
O4 NAG D . -45.22 14.82 0.89
O5 NAG D . -43.16 12.74 -1.26
O6 NAG D . -42.70 15.10 -2.59
O7 NAG D . -44.60 8.94 1.70
C1 NAG D . -46.36 15.59 0.41
C2 NAG D . -47.07 16.02 1.69
C3 NAG D . -47.52 17.49 1.79
C4 NAG D . -46.70 18.41 0.89
C5 NAG D . -46.50 17.77 -0.48
C6 NAG D . -45.87 18.65 -1.56
C7 NAG D . -48.37 14.32 2.83
C8 NAG D . -48.72 12.91 2.47
N2 NAG D . -48.24 15.17 1.82
O3 NAG D . -47.48 17.92 3.15
O4 NAG D . -47.37 19.65 0.75
O5 NAG D . -45.70 16.60 -0.31
O6 NAG D . -44.77 19.37 -1.07
O7 NAG D . -48.21 14.66 4.00
C1 NAG E . -4.49 7.24 20.84
C2 NAG E . -5.45 7.32 22.02
C3 NAG E . -6.88 7.18 21.53
C4 NAG E . -7.12 8.40 20.64
C5 NAG E . -6.11 8.44 19.50
C6 NAG E . -6.22 9.75 18.71
C7 NAG E . -5.30 5.09 22.95
C8 NAG E . -5.02 4.27 24.17
N2 NAG E . -5.05 6.38 23.07
O3 NAG E . -7.83 7.18 22.59
O4 NAG E . -8.46 8.37 20.16
O5 NAG E . -4.76 8.32 19.96
O6 NAG E . -5.88 10.84 19.54
O7 NAG E . -5.75 4.60 21.90
C1 NAG E . -9.18 9.62 20.40
C2 NAG E . -10.15 10.02 19.29
C3 NAG E . -10.99 11.20 19.74
C4 NAG E . -11.71 10.84 21.02
C5 NAG E . -10.74 10.33 22.08
C6 NAG E . -11.49 9.75 23.29
C7 NAG E . -9.46 9.58 16.99
C8 NAG E . -8.47 9.94 15.92
N2 NAG E . -9.42 10.34 18.08
O3 NAG E . -11.94 11.50 18.74
O4 NAG E . -12.37 12.01 21.47
O5 NAG E . -9.89 9.32 21.59
O6 NAG E . -11.74 8.36 23.16
O7 NAG E . -10.25 8.62 16.85
C1 MAN E . -13.35 12.90 20.88
C2 MAN E . -12.95 14.37 21.05
C3 MAN E . -13.58 14.98 22.29
C4 MAN E . -15.04 14.58 22.49
C5 MAN E . -15.32 13.12 22.10
C6 MAN E . -16.81 12.87 22.02
O2 MAN E . -13.35 15.09 19.91
O3 MAN E . -13.51 16.38 22.18
O4 MAN E . -15.36 14.78 23.85
O5 MAN E . -14.75 12.85 20.84
O6 MAN E . -17.28 13.31 20.77
C1 MAN E . -14.58 15.42 24.85
C2 MAN E . -15.31 16.73 25.14
C3 MAN E . -14.64 17.89 24.43
C4 MAN E . -13.14 17.90 24.72
C5 MAN E . -12.54 16.51 24.51
C6 MAN E . -11.05 16.50 24.87
O2 MAN E . -15.32 16.96 26.53
O3 MAN E . -15.20 19.11 24.85
O4 MAN E . -12.50 18.82 23.86
O5 MAN E . -13.24 15.56 25.29
O6 MAN E . -10.83 17.25 26.04
C1 NAG F . 7.47 -14.37 42.50
C2 NAG F . 6.22 -14.40 43.36
C3 NAG F . 6.18 -15.62 44.29
C4 NAG F . 6.57 -16.89 43.54
C5 NAG F . 7.94 -16.65 42.89
C6 NAG F . 8.53 -17.87 42.18
C7 NAG F . 5.10 -12.39 44.22
C8 NAG F . 5.33 -10.92 43.99
N2 NAG F . 6.18 -13.18 44.16
O3 NAG F . 4.90 -15.75 44.86
O4 NAG F . 6.58 -18.01 44.43
O5 NAG F . 7.79 -15.62 41.93
O6 NAG F . 7.89 -18.08 40.94
O7 NAG F . 3.97 -12.82 44.47
C1 NAG F . 5.93 -19.25 44.82
C2 NAG F . 6.40 -20.62 45.34
C3 NAG F . 5.29 -21.50 45.91
C4 NAG F . 4.37 -20.69 46.81
C5 NAG F . 3.84 -19.50 46.00
C6 NAG F . 2.80 -18.70 46.79
C7 NAG F . 8.44 -21.37 44.22
C8 NAG F . 9.02 -21.31 42.83
N2 NAG F . 7.10 -21.36 44.30
O3 NAG F . 5.83 -22.56 46.66
O4 NAG F . 3.31 -21.50 47.29
O5 NAG F . 4.90 -18.66 45.60
O6 NAG F . 3.45 -17.98 47.82
O7 NAG F . 9.18 -21.43 45.19
N LYS G . -23.28 17.45 -10.53
CA LYS G . -21.87 17.35 -10.14
C LYS G . -21.26 18.71 -9.91
O LYS G . -20.08 18.93 -10.20
CB LYS G . -21.05 16.56 -11.17
CG LYS G . -21.07 15.06 -10.97
CD LYS G . -21.15 14.31 -12.30
CE LYS G . -20.59 12.89 -12.19
NZ LYS G . -21.22 12.08 -11.10
OXT LYS G . -21.97 19.60 -9.44
C1 NAG H . -22.17 41.28 -4.23
C2 NAG H . -23.16 41.90 -5.23
C3 NAG H . -23.27 43.41 -5.07
C4 NAG H . -23.46 43.83 -3.61
C5 NAG H . -22.57 43.05 -2.64
C6 NAG H . -23.06 43.19 -1.18
C7 NAG H . -23.73 40.98 -7.39
C8 NAG H . -24.22 41.84 -8.53
N2 NAG H . -22.81 41.53 -6.59
O3 NAG H . -24.36 43.92 -5.80
O4 NAG H . -23.22 45.23 -3.54
O5 NAG H . -22.51 41.67 -2.92
O6 NAG H . -22.65 42.09 -0.39
O7 NAG H . -24.18 39.85 -7.22
C1 NAG I . -4.65 60.80 -13.27
C2 NAG I . -5.58 60.90 -12.04
C3 NAG I . -5.29 62.04 -11.05
C4 NAG I . -3.80 62.09 -10.81
C5 NAG I . -3.25 62.49 -12.18
C6 NAG I . -1.83 63.06 -12.14
C7 NAG I . -7.89 60.49 -11.85
C8 NAG I . -9.29 60.98 -12.11
N2 NAG I . -6.93 61.11 -12.49
O3 NAG I . -5.99 61.89 -9.83
O4 NAG I . -3.54 63.02 -9.77
O5 NAG I . -3.36 61.38 -13.09
O6 NAG I . -0.89 62.23 -12.76
O7 NAG I . -7.66 59.57 -11.07
C1 NAG J . -52.34 5.54 -24.09
C2 NAG J . -51.73 5.49 -25.48
C3 NAG J . -51.70 6.86 -26.16
C4 NAG J . -53.02 7.60 -26.00
C5 NAG J . -53.63 7.46 -24.60
C6 NAG J . -55.07 7.99 -24.58
C7 NAG J . -50.02 3.95 -26.27
C8 NAG J . -48.97 4.33 -27.28
N2 NAG J . -50.39 4.92 -25.42
O3 NAG J . -51.44 6.68 -27.53
O4 NAG J . -52.81 8.96 -26.31
O5 NAG J . -53.62 6.13 -24.14
O6 NAG J . -55.97 6.90 -24.62
O7 NAG J . -50.49 2.82 -26.24
O1 MES K . -11.50 18.80 -9.02
C2 MES K . -12.92 18.90 -8.81
C3 MES K . -13.65 19.34 -10.07
N4 MES K . -13.17 18.45 -11.12
C5 MES K . -11.75 18.32 -11.37
C6 MES K . -11.10 19.22 -10.32
C7 MES K . -14.12 17.65 -11.90
C8 MES K . -15.29 18.59 -12.18
S MES K . -16.73 17.75 -12.14
O1S MES K . -16.78 16.70 -13.20
O2S MES K . -16.90 17.11 -10.82
O3S MES K . -17.83 18.70 -12.36
ZN ZN L . -23.23 21.00 -10.31
N LYS M . 15.08 -18.33 21.28
CA LYS M . 14.51 -18.39 19.92
C LYS M . 14.37 -19.81 19.42
O LYS M . 15.00 -20.19 18.46
CB LYS M . 15.33 -17.55 18.92
CG LYS M . 14.82 -16.10 18.74
CD LYS M . 15.86 -15.19 18.12
CE LYS M . 15.34 -13.75 18.04
NZ LYS M . 14.97 -13.20 19.39
OXT LYS M . 13.61 -20.58 19.98
ZN ZN N . 15.04 -22.02 20.62
C1 NAG O . 42.78 -20.81 11.54
C2 NAG O . 43.69 -19.91 10.69
C3 NAG O . 44.82 -19.33 11.53
C4 NAG O . 44.19 -18.56 12.68
C5 NAG O . 43.35 -19.53 13.52
C6 NAG O . 42.68 -18.87 14.72
C7 NAG O . 43.82 -20.28 8.30
C8 NAG O . 44.57 -20.92 7.18
N2 NAG O . 44.21 -20.63 9.54
O3 NAG O . 45.65 -18.46 10.77
O4 NAG O . 45.21 -17.91 13.42
O5 NAG O . 42.36 -20.17 12.73
O6 NAG O . 41.29 -18.69 14.47
O7 NAG O . 42.91 -19.48 8.10
O1 MES P . 19.64 -22.55 12.67
C2 MES P . 18.35 -22.23 13.20
C3 MES P . 18.49 -21.15 14.28
N4 MES P . 19.12 -20.02 13.60
C5 MES P . 20.32 -20.24 12.83
C6 MES P . 20.68 -21.69 13.13
C7 MES P . 18.55 -18.69 13.74
C8 MES P . 17.04 -18.88 13.80
S MES P . 16.36 -17.72 14.78
O1S MES P . 15.97 -18.32 16.08
O2S MES P . 17.36 -16.64 15.01
O3S MES P . 15.12 -17.18 14.16
#